data_3HTB
# 
_entry.id   3HTB 
# 
_audit_conform.dict_name       mmcif_pdbx.dic 
_audit_conform.dict_version    5.378 
_audit_conform.dict_location   http://mmcif.pdb.org/dictionaries/ascii/mmcif_pdbx.dic 
# 
loop_
_database_2.database_id 
_database_2.database_code 
_database_2.pdbx_database_accession 
_database_2.pdbx_DOI 
PDB   3HTB         pdb_00003htb 10.2210/pdb3htb/pdb 
RCSB  RCSB053557   ?            ?                   
WWPDB D_1000053557 ?            ?                   
# 
loop_
_pdbx_database_related.db_name 
_pdbx_database_related.db_id 
_pdbx_database_related.details 
_pdbx_database_related.content_type 
PDB 1LGU . unspecified 
PDB 3HT6 . unspecified 
PDB 3HT7 . unspecified 
PDB 3HT8 . unspecified 
PDB 3HT9 . unspecified 
PDB 3HTD . unspecified 
PDB 3HTF . unspecified 
PDB 3HTG . unspecified 
PDB 3HU8 . unspecified 
PDB 3HU9 . unspecified 
PDB 3HUA . unspecified 
PDB 3HUK . unspecified 
PDB 3HUQ . unspecified 
# 
_pdbx_database_status.entry_id                        3HTB 
_pdbx_database_status.status_code                     REL 
_pdbx_database_status.deposit_site                    RCSB 
_pdbx_database_status.process_site                    RCSB 
_pdbx_database_status.recvd_initial_deposition_date   2009-06-11 
_pdbx_database_status.status_code_sf                  REL 
_pdbx_database_status.status_code_mr                  ? 
_pdbx_database_status.SG_entry                        ? 
_pdbx_database_status.pdb_format_compatible           Y 
_pdbx_database_status.status_code_cs                  ? 
_pdbx_database_status.status_code_nmr_data            ? 
_pdbx_database_status.methods_development_category    ? 
# 
loop_
_audit_author.name 
_audit_author.pdbx_ordinal 
'Boyce, S.E.'    1 
'Mobley, D.L.'   2 
'Rocklin, G.J.'  3 
'Graves, A.P.'   4 
'Dill, K.A.'     5 
'Shoichet, B.K.' 6 
# 
_citation.id                        primary 
_citation.title                     
'Predicting ligand binding affinity with alchemical free energy methods in a polar model binding site.' 
_citation.journal_abbrev            J.Mol.Biol. 
_citation.journal_volume            394 
_citation.page_first                747 
_citation.page_last                 763 
_citation.year                      2009 
_citation.journal_id_ASTM           JMOBAK 
_citation.country                   UK 
_citation.journal_id_ISSN           0022-2836 
_citation.journal_id_CSD            0070 
_citation.book_publisher            ? 
_citation.pdbx_database_id_PubMed   19782087 
_citation.pdbx_database_id_DOI      10.1016/j.jmb.2009.09.049 
# 
loop_
_citation_author.citation_id 
_citation_author.name 
_citation_author.ordinal 
_citation_author.identifier_ORCID 
primary 'Boyce, S.E.'    1 ? 
primary 'Mobley, D.L.'   2 ? 
primary 'Rocklin, G.J.'  3 ? 
primary 'Graves, A.P.'   4 ? 
primary 'Dill, K.A.'     5 ? 
primary 'Shoichet, B.K.' 6 ? 
# 
_cell.entry_id           3HTB 
_cell.length_a           59.950 
_cell.length_b           59.950 
_cell.length_c           96.610 
_cell.angle_alpha        90.00 
_cell.angle_beta         90.00 
_cell.angle_gamma        120.00 
_cell.Z_PDB              6 
_cell.pdbx_unique_axis   ? 
_cell.length_a_esd       ? 
_cell.length_b_esd       ? 
_cell.length_c_esd       ? 
_cell.angle_alpha_esd    ? 
_cell.angle_beta_esd     ? 
_cell.angle_gamma_esd    ? 
# 
_symmetry.entry_id                         3HTB 
_symmetry.space_group_name_H-M             'P 32 2 1' 
_symmetry.pdbx_full_space_group_name_H-M   ? 
_symmetry.cell_setting                     ? 
_symmetry.Int_Tables_number                154 
_symmetry.space_group_name_Hall            ? 
# 
loop_
_entity.id 
_entity.type 
_entity.src_method 
_entity.pdbx_description 
_entity.formula_weight 
_entity.pdbx_number_of_molecules 
_entity.pdbx_ec 
_entity.pdbx_mutation 
_entity.pdbx_fragment 
_entity.details 
1 polymer     man Lysozyme             18646.316 1   3.2.1.17 S38D,L99A,M102Q,N144D ? ? 
2 non-polymer syn 'PHOSPHATE ION'      94.971    2   ?        ?                     ? ? 
3 non-polymer syn 2-propylphenol       136.191   1   ?        ?                     ? ? 
4 non-polymer syn BETA-MERCAPTOETHANOL 78.133    1   ?        ?                     ? ? 
5 water       nat water                18.015    220 ?        ?                     ? ? 
# 
_entity_name_com.entity_id   1 
_entity_name_com.name        'Lysis protein, Muramidase, Endolysin' 
# 
_entity_poly.entity_id                      1 
_entity_poly.type                           'polypeptide(L)' 
_entity_poly.nstd_linkage                   no 
_entity_poly.nstd_monomer                   no 
_entity_poly.pdbx_seq_one_letter_code       
;MNIFEMLRIDEGLRLKIYKDTEGYYTIGIGHLLTKSPDLNAAKSELDKAIGRNCNGVITKDEAEKLFNQDVDAAVRGILR
NAKLKPVYDSLDAVRRCAAINQVFQMGETGVAGFTNSLRMLQQKRWDEAAVNLAKSRWYNQTPDRAKRVITTFRTGTWDA
YKNL
;
_entity_poly.pdbx_seq_one_letter_code_can   
;MNIFEMLRIDEGLRLKIYKDTEGYYTIGIGHLLTKSPDLNAAKSELDKAIGRNCNGVITKDEAEKLFNQDVDAAVRGILR
NAKLKPVYDSLDAVRRCAAINQVFQMGETGVAGFTNSLRMLQQKRWDEAAVNLAKSRWYNQTPDRAKRVITTFRTGTWDA
YKNL
;
_entity_poly.pdbx_strand_id                 A 
_entity_poly.pdbx_target_identifier         ? 
# 
loop_
_entity_poly_seq.entity_id 
_entity_poly_seq.num 
_entity_poly_seq.mon_id 
_entity_poly_seq.hetero 
1 1   MET n 
1 2   ASN n 
1 3   ILE n 
1 4   PHE n 
1 5   GLU n 
1 6   MET n 
1 7   LEU n 
1 8   ARG n 
1 9   ILE n 
1 10  ASP n 
1 11  GLU n 
1 12  GLY n 
1 13  LEU n 
1 14  ARG n 
1 15  LEU n 
1 16  LYS n 
1 17  ILE n 
1 18  TYR n 
1 19  LYS n 
1 20  ASP n 
1 21  THR n 
1 22  GLU n 
1 23  GLY n 
1 24  TYR n 
1 25  TYR n 
1 26  THR n 
1 27  ILE n 
1 28  GLY n 
1 29  ILE n 
1 30  GLY n 
1 31  HIS n 
1 32  LEU n 
1 33  LEU n 
1 34  THR n 
1 35  LYS n 
1 36  SER n 
1 37  PRO n 
1 38  ASP n 
1 39  LEU n 
1 40  ASN n 
1 41  ALA n 
1 42  ALA n 
1 43  LYS n 
1 44  SER n 
1 45  GLU n 
1 46  LEU n 
1 47  ASP n 
1 48  LYS n 
1 49  ALA n 
1 50  ILE n 
1 51  GLY n 
1 52  ARG n 
1 53  ASN n 
1 54  CYS n 
1 55  ASN n 
1 56  GLY n 
1 57  VAL n 
1 58  ILE n 
1 59  THR n 
1 60  LYS n 
1 61  ASP n 
1 62  GLU n 
1 63  ALA n 
1 64  GLU n 
1 65  LYS n 
1 66  LEU n 
1 67  PHE n 
1 68  ASN n 
1 69  GLN n 
1 70  ASP n 
1 71  VAL n 
1 72  ASP n 
1 73  ALA n 
1 74  ALA n 
1 75  VAL n 
1 76  ARG n 
1 77  GLY n 
1 78  ILE n 
1 79  LEU n 
1 80  ARG n 
1 81  ASN n 
1 82  ALA n 
1 83  LYS n 
1 84  LEU n 
1 85  LYS n 
1 86  PRO n 
1 87  VAL n 
1 88  TYR n 
1 89  ASP n 
1 90  SER n 
1 91  LEU n 
1 92  ASP n 
1 93  ALA n 
1 94  VAL n 
1 95  ARG n 
1 96  ARG n 
1 97  CYS n 
1 98  ALA n 
1 99  ALA n 
1 100 ILE n 
1 101 ASN n 
1 102 GLN n 
1 103 VAL n 
1 104 PHE n 
1 105 GLN n 
1 106 MET n 
1 107 GLY n 
1 108 GLU n 
1 109 THR n 
1 110 GLY n 
1 111 VAL n 
1 112 ALA n 
1 113 GLY n 
1 114 PHE n 
1 115 THR n 
1 116 ASN n 
1 117 SER n 
1 118 LEU n 
1 119 ARG n 
1 120 MET n 
1 121 LEU n 
1 122 GLN n 
1 123 GLN n 
1 124 LYS n 
1 125 ARG n 
1 126 TRP n 
1 127 ASP n 
1 128 GLU n 
1 129 ALA n 
1 130 ALA n 
1 131 VAL n 
1 132 ASN n 
1 133 LEU n 
1 134 ALA n 
1 135 LYS n 
1 136 SER n 
1 137 ARG n 
1 138 TRP n 
1 139 TYR n 
1 140 ASN n 
1 141 GLN n 
1 142 THR n 
1 143 PRO n 
1 144 ASP n 
1 145 ARG n 
1 146 ALA n 
1 147 LYS n 
1 148 ARG n 
1 149 VAL n 
1 150 ILE n 
1 151 THR n 
1 152 THR n 
1 153 PHE n 
1 154 ARG n 
1 155 THR n 
1 156 GLY n 
1 157 THR n 
1 158 TRP n 
1 159 ASP n 
1 160 ALA n 
1 161 TYR n 
1 162 LYS n 
1 163 ASN n 
1 164 LEU n 
# 
_entity_src_gen.entity_id                          1 
_entity_src_gen.pdbx_src_id                        1 
_entity_src_gen.pdbx_alt_source_flag               sample 
_entity_src_gen.pdbx_seq_type                      ? 
_entity_src_gen.pdbx_beg_seq_num                   ? 
_entity_src_gen.pdbx_end_seq_num                   ? 
_entity_src_gen.gene_src_common_name               'Bacteriophage T4' 
_entity_src_gen.gene_src_genus                     ? 
_entity_src_gen.pdbx_gene_src_gene                 E 
_entity_src_gen.gene_src_species                   ? 
_entity_src_gen.gene_src_strain                    'Enterobacteria Phage T4 Sensu Lato' 
_entity_src_gen.gene_src_tissue                    ? 
_entity_src_gen.gene_src_tissue_fraction           ? 
_entity_src_gen.gene_src_details                   ? 
_entity_src_gen.pdbx_gene_src_fragment             ? 
_entity_src_gen.pdbx_gene_src_scientific_name      'Enterobacteria phage T4' 
_entity_src_gen.pdbx_gene_src_ncbi_taxonomy_id     10665 
_entity_src_gen.pdbx_gene_src_variant              ? 
_entity_src_gen.pdbx_gene_src_cell_line            ? 
_entity_src_gen.pdbx_gene_src_atcc                 ? 
_entity_src_gen.pdbx_gene_src_organ                ? 
_entity_src_gen.pdbx_gene_src_organelle            ? 
_entity_src_gen.pdbx_gene_src_cell                 ? 
_entity_src_gen.pdbx_gene_src_cellular_location    ? 
_entity_src_gen.host_org_common_name               ? 
_entity_src_gen.pdbx_host_org_scientific_name      'Escherichia coli' 
_entity_src_gen.pdbx_host_org_ncbi_taxonomy_id     562 
_entity_src_gen.host_org_genus                     ? 
_entity_src_gen.pdbx_host_org_gene                 ? 
_entity_src_gen.pdbx_host_org_organ                ? 
_entity_src_gen.host_org_species                   ? 
_entity_src_gen.pdbx_host_org_tissue               ? 
_entity_src_gen.pdbx_host_org_tissue_fraction      ? 
_entity_src_gen.pdbx_host_org_strain               ? 
_entity_src_gen.pdbx_host_org_variant              ? 
_entity_src_gen.pdbx_host_org_cell_line            ? 
_entity_src_gen.pdbx_host_org_atcc                 ? 
_entity_src_gen.pdbx_host_org_culture_collection   ? 
_entity_src_gen.pdbx_host_org_cell                 ? 
_entity_src_gen.pdbx_host_org_organelle            ? 
_entity_src_gen.pdbx_host_org_cellular_location    ? 
_entity_src_gen.pdbx_host_org_vector_type          plasmid 
_entity_src_gen.pdbx_host_org_vector               ? 
_entity_src_gen.host_org_details                   ? 
_entity_src_gen.expression_system_id               ? 
_entity_src_gen.plasmid_name                       M13 
_entity_src_gen.plasmid_details                    ? 
_entity_src_gen.pdbx_description                   ? 
# 
_struct_ref.id                         1 
_struct_ref.db_name                    UNP 
_struct_ref.db_code                    LYS_BPT4 
_struct_ref.pdbx_db_accession          P00720 
_struct_ref.entity_id                  1 
_struct_ref.pdbx_seq_one_letter_code   
;MNIFEMLRIDEGLRLKIYKDTEGYYTIGIGHLLTKSPSLNAAKSELDKAIGRNCNGVITKDEAEKLFNQDVDAAVRGILR
NAKLKPVYDSLDAVRRCALINMVFQMGETGVAGFTNSLRMLQQKRWDEAAVNLAKSRWYNQTPNRAKRVITTFRTGTWDA
YKNL
;
_struct_ref.pdbx_align_begin           1 
_struct_ref.pdbx_db_isoform            ? 
# 
_struct_ref_seq.align_id                      1 
_struct_ref_seq.ref_id                        1 
_struct_ref_seq.pdbx_PDB_id_code              3HTB 
_struct_ref_seq.pdbx_strand_id                A 
_struct_ref_seq.seq_align_beg                 1 
_struct_ref_seq.pdbx_seq_align_beg_ins_code   ? 
_struct_ref_seq.seq_align_end                 164 
_struct_ref_seq.pdbx_seq_align_end_ins_code   ? 
_struct_ref_seq.pdbx_db_accession             P00720 
_struct_ref_seq.db_align_beg                  1 
_struct_ref_seq.pdbx_db_align_beg_ins_code    ? 
_struct_ref_seq.db_align_end                  164 
_struct_ref_seq.pdbx_db_align_end_ins_code    ? 
_struct_ref_seq.pdbx_auth_seq_align_beg       1 
_struct_ref_seq.pdbx_auth_seq_align_end       164 
# 
loop_
_struct_ref_seq_dif.align_id 
_struct_ref_seq_dif.pdbx_pdb_id_code 
_struct_ref_seq_dif.mon_id 
_struct_ref_seq_dif.pdbx_pdb_strand_id 
_struct_ref_seq_dif.seq_num 
_struct_ref_seq_dif.pdbx_pdb_ins_code 
_struct_ref_seq_dif.pdbx_seq_db_name 
_struct_ref_seq_dif.pdbx_seq_db_accession_code 
_struct_ref_seq_dif.db_mon_id 
_struct_ref_seq_dif.pdbx_seq_db_seq_num 
_struct_ref_seq_dif.details 
_struct_ref_seq_dif.pdbx_auth_seq_num 
_struct_ref_seq_dif.pdbx_ordinal 
1 3HTB ASP A 38  ? UNP P00720 SER 38  'engineered mutation' 38  1 
1 3HTB ALA A 99  ? UNP P00720 LEU 99  'engineered mutation' 99  2 
1 3HTB GLN A 102 ? UNP P00720 MET 102 'engineered mutation' 102 3 
1 3HTB ASP A 144 ? UNP P00720 ASN 144 'engineered mutation' 144 4 
# 
loop_
_chem_comp.id 
_chem_comp.type 
_chem_comp.mon_nstd_flag 
_chem_comp.name 
_chem_comp.pdbx_synonyms 
_chem_comp.formula 
_chem_comp.formula_weight 
ALA 'L-peptide linking' y ALANINE              ? 'C3 H7 N O2'     89.093  
ARG 'L-peptide linking' y ARGININE             ? 'C6 H15 N4 O2 1' 175.209 
ASN 'L-peptide linking' y ASPARAGINE           ? 'C4 H8 N2 O3'    132.118 
ASP 'L-peptide linking' y 'ASPARTIC ACID'      ? 'C4 H7 N O4'     133.103 
BME non-polymer         . BETA-MERCAPTOETHANOL ? 'C2 H6 O S'      78.133  
CYS 'L-peptide linking' y CYSTEINE             ? 'C3 H7 N O2 S'   121.158 
GLN 'L-peptide linking' y GLUTAMINE            ? 'C5 H10 N2 O3'   146.144 
GLU 'L-peptide linking' y 'GLUTAMIC ACID'      ? 'C5 H9 N O4'     147.129 
GLY 'peptide linking'   y GLYCINE              ? 'C2 H5 N O2'     75.067  
HIS 'L-peptide linking' y HISTIDINE            ? 'C6 H10 N3 O2 1' 156.162 
HOH non-polymer         . WATER                ? 'H2 O'           18.015  
ILE 'L-peptide linking' y ISOLEUCINE           ? 'C6 H13 N O2'    131.173 
JZ4 non-polymer         . 2-propylphenol       ? 'C9 H12 O'       136.191 
LEU 'L-peptide linking' y LEUCINE              ? 'C6 H13 N O2'    131.173 
LYS 'L-peptide linking' y LYSINE               ? 'C6 H15 N2 O2 1' 147.195 
MET 'L-peptide linking' y METHIONINE           ? 'C5 H11 N O2 S'  149.211 
PHE 'L-peptide linking' y PHENYLALANINE        ? 'C9 H11 N O2'    165.189 
PO4 non-polymer         . 'PHOSPHATE ION'      ? 'O4 P -3'        94.971  
PRO 'L-peptide linking' y PROLINE              ? 'C5 H9 N O2'     115.130 
SER 'L-peptide linking' y SERINE               ? 'C3 H7 N O3'     105.093 
THR 'L-peptide linking' y THREONINE            ? 'C4 H9 N O3'     119.119 
TRP 'L-peptide linking' y TRYPTOPHAN           ? 'C11 H12 N2 O2'  204.225 
TYR 'L-peptide linking' y TYROSINE             ? 'C9 H11 N O3'    181.189 
VAL 'L-peptide linking' y VALINE               ? 'C5 H11 N O2'    117.146 
# 
_exptl.entry_id          3HTB 
_exptl.method            'X-RAY DIFFRACTION' 
_exptl.crystals_number   1 
# 
_exptl_crystal.id                    1 
_exptl_crystal.density_meas          ? 
_exptl_crystal.density_Matthews      2.69 
_exptl_crystal.density_percent_sol   54.24 
_exptl_crystal.description           ? 
_exptl_crystal.F_000                 ? 
_exptl_crystal.preparation           ? 
# 
_exptl_crystal_grow.crystal_id      1 
_exptl_crystal_grow.method          'VAPOR DIFFUSION, HANGING DROP' 
_exptl_crystal_grow.temp            277 
_exptl_crystal_grow.temp_details    ? 
_exptl_crystal_grow.pH              6.5 
_exptl_crystal_grow.pdbx_pH_range   ? 
_exptl_crystal_grow.pdbx_details    
;2.2M sodium-potassium phosphate, 0.05M beta-mercaptoethanol, 0.05M 2-hydroxyethyldisulfide, pH 6.5, vapor diffusion, hanging drop, temperature 277K
;
# 
_diffrn.id                     1 
_diffrn.ambient_temp           296 
_diffrn.ambient_temp_details   ? 
_diffrn.crystal_id             1 
# 
_diffrn_detector.diffrn_id              1 
_diffrn_detector.detector               CCD 
_diffrn_detector.type                   'ADSC QUANTUM 315r' 
_diffrn_detector.pdbx_collection_date   2008-07-01 
_diffrn_detector.details                ? 
# 
_diffrn_radiation.diffrn_id                        1 
_diffrn_radiation.wavelength_id                    1 
_diffrn_radiation.pdbx_monochromatic_or_laue_m_l   M 
_diffrn_radiation.monochromator                    ? 
_diffrn_radiation.pdbx_diffrn_protocol             'SINGLE WAVELENGTH' 
_diffrn_radiation.pdbx_scattering_type             x-ray 
# 
_diffrn_radiation_wavelength.id           1 
_diffrn_radiation_wavelength.wavelength   1.11589 
_diffrn_radiation_wavelength.wt           1.0 
# 
_diffrn_source.diffrn_id                   1 
_diffrn_source.source                      SYNCHROTRON 
_diffrn_source.type                        'ALS BEAMLINE 8.3.1' 
_diffrn_source.pdbx_synchrotron_site       ALS 
_diffrn_source.pdbx_synchrotron_beamline   8.3.1 
_diffrn_source.pdbx_wavelength             ? 
_diffrn_source.pdbx_wavelength_list        1.11589 
# 
_reflns.entry_id                     3HTB 
_reflns.observed_criterion_sigma_I   0 
_reflns.observed_criterion_sigma_F   0 
_reflns.d_resolution_low             30 
_reflns.d_resolution_high            1.810 
_reflns.number_obs                   17966 
_reflns.number_all                   17966 
_reflns.percent_possible_obs         95.100 
_reflns.pdbx_Rmerge_I_obs            0.065 
_reflns.pdbx_Rsym_value              ? 
_reflns.pdbx_netI_over_sigmaI        22.48 
_reflns.B_iso_Wilson_estimate        ? 
_reflns.pdbx_redundancy              8.43 
_reflns.R_free_details               ? 
_reflns.limit_h_max                  ? 
_reflns.limit_h_min                  ? 
_reflns.limit_k_max                  ? 
_reflns.limit_k_min                  ? 
_reflns.limit_l_max                  ? 
_reflns.limit_l_min                  ? 
_reflns.observed_criterion_F_max     ? 
_reflns.observed_criterion_F_min     ? 
_reflns.pdbx_chi_squared             ? 
_reflns.pdbx_scaling_rejects         ? 
_reflns.pdbx_diffrn_id               1 
_reflns.pdbx_ordinal                 1 
# 
_reflns_shell.d_res_high             1.81 
_reflns_shell.d_res_low              1.86 
_reflns_shell.percent_possible_all   100.00 
_reflns_shell.Rmerge_I_obs           0.323 
_reflns_shell.pdbx_Rsym_value        ? 
_reflns_shell.meanI_over_sigI_obs    5.6 
_reflns_shell.pdbx_redundancy        8.96 
_reflns_shell.percent_possible_obs   ? 
_reflns_shell.number_unique_all      ? 
_reflns_shell.number_measured_all    ? 
_reflns_shell.number_measured_obs    ? 
_reflns_shell.number_unique_obs      ? 
_reflns_shell.pdbx_chi_squared       ? 
_reflns_shell.pdbx_diffrn_id         ? 
_reflns_shell.pdbx_ordinal           1 
# 
_refine.pdbx_refine_id                           'X-RAY DIFFRACTION' 
_refine.entry_id                                 3HTB 
_refine.ls_number_reflns_obs                     17605 
_refine.ls_number_reflns_all                     17964 
_refine.pdbx_ls_sigma_I                          ? 
_refine.pdbx_ls_sigma_F                          . 
_refine.pdbx_data_cutoff_high_absF               ? 
_refine.pdbx_data_cutoff_low_absF                ? 
_refine.pdbx_data_cutoff_high_rms_absF           ? 
_refine.ls_d_res_low                             28.63 
_refine.ls_d_res_high                            1.81 
_refine.ls_percent_reflns_obs                    95.12 
_refine.ls_R_factor_obs                          0.19835 
_refine.ls_R_factor_all                          ? 
_refine.ls_R_factor_R_work                       0.19738 
_refine.ls_R_factor_R_free                       0.24511 
_refine.ls_R_factor_R_free_error                 ? 
_refine.ls_R_factor_R_free_error_details         ? 
_refine.ls_percent_reflns_R_free                 2.0 
_refine.ls_number_reflns_R_free                  359 
_refine.ls_number_parameters                     ? 
_refine.ls_number_restraints                     ? 
_refine.occupancy_min                            0.25 
_refine.occupancy_max                            1.00 
_refine.correlation_coeff_Fo_to_Fc               0.936 
_refine.correlation_coeff_Fo_to_Fc_free          0.902 
_refine.B_iso_mean                               15.435 
_refine.aniso_B[1][1]                            0.08 
_refine.aniso_B[2][2]                            0.08 
_refine.aniso_B[3][3]                            -0.13 
_refine.aniso_B[1][2]                            0.04 
_refine.aniso_B[1][3]                            0.00 
_refine.aniso_B[2][3]                            0.00 
_refine.solvent_model_details                    MASK 
_refine.solvent_model_param_ksol                 ? 
_refine.solvent_model_param_bsol                 ? 
_refine.pdbx_solvent_vdw_probe_radii             1.20 
_refine.pdbx_solvent_ion_probe_radii             0.80 
_refine.pdbx_solvent_shrinkage_radii             0.80 
_refine.pdbx_ls_cross_valid_method               THROUGHOUT 
_refine.details                                  'HYDROGENS HAVE BEEN ADDED IN THE RIDING POSITIONS' 
_refine.pdbx_starting_model                      'PDB ENTRY 1LGU' 
_refine.pdbx_method_to_determine_struct          REFMAC 
_refine.pdbx_isotropic_thermal_model             ? 
_refine.pdbx_stereochemistry_target_values       'MAXIMUM LIKELIHOOD' 
_refine.pdbx_stereochem_target_val_spec_case     ? 
_refine.pdbx_R_Free_selection_details            RANDOM 
_refine.pdbx_overall_ESU_R                       0.139 
_refine.pdbx_overall_ESU_R_Free                  0.137 
_refine.overall_SU_ML                            0.115 
_refine.pdbx_overall_phase_error                 ? 
_refine.overall_SU_B                             3.962 
_refine.ls_redundancy_reflns_obs                 ? 
_refine.B_iso_min                                ? 
_refine.B_iso_max                                ? 
_refine.overall_SU_R_Cruickshank_DPI             ? 
_refine.overall_SU_R_free                        ? 
_refine.ls_wR_factor_R_free                      ? 
_refine.ls_wR_factor_R_work                      ? 
_refine.overall_FOM_free_R_set                   ? 
_refine.overall_FOM_work_R_set                   ? 
_refine.pdbx_diffrn_id                           1 
_refine.pdbx_TLS_residual_ADP_flag               ? 
_refine.pdbx_overall_SU_R_free_Cruickshank_DPI   ? 
_refine.pdbx_overall_SU_R_Blow_DPI               ? 
_refine.pdbx_overall_SU_R_free_Blow_DPI          ? 
# 
_refine_hist.pdbx_refine_id                   'X-RAY DIFFRACTION' 
_refine_hist.cycle_id                         LAST 
_refine_hist.pdbx_number_atoms_protein        1364 
_refine_hist.pdbx_number_atoms_nucleic_acid   0 
_refine_hist.pdbx_number_atoms_ligand         24 
_refine_hist.number_atoms_solvent             220 
_refine_hist.number_atoms_total               1608 
_refine_hist.d_res_high                       1.81 
_refine_hist.d_res_low                        28.63 
# 
loop_
_refine_ls_restr.type 
_refine_ls_restr.dev_ideal 
_refine_ls_restr.dev_ideal_target 
_refine_ls_restr.weight 
_refine_ls_restr.number 
_refine_ls_restr.pdbx_refine_id 
_refine_ls_restr.pdbx_restraint_function 
r_bond_refined_d             0.024  0.022  ? 1416 'X-RAY DIFFRACTION' ? 
r_bond_other_d               ?      ?      ? ?    'X-RAY DIFFRACTION' ? 
r_angle_refined_deg          1.966  1.964  ? 1918 'X-RAY DIFFRACTION' ? 
r_angle_other_deg            ?      ?      ? ?    'X-RAY DIFFRACTION' ? 
r_dihedral_angle_1_deg       6.290  5.000  ? 181  'X-RAY DIFFRACTION' ? 
r_dihedral_angle_2_deg       34.449 23.333 ? 72   'X-RAY DIFFRACTION' ? 
r_dihedral_angle_3_deg       13.427 15.000 ? 266  'X-RAY DIFFRACTION' ? 
r_dihedral_angle_4_deg       16.649 15.000 ? 16   'X-RAY DIFFRACTION' ? 
r_chiral_restr               0.144  0.200  ? 207  'X-RAY DIFFRACTION' ? 
r_gen_planes_refined         0.010  0.020  ? 1075 'X-RAY DIFFRACTION' ? 
r_gen_planes_other           ?      ?      ? ?    'X-RAY DIFFRACTION' ? 
r_nbd_refined                0.219  0.200  ? 832  'X-RAY DIFFRACTION' ? 
r_nbd_other                  ?      ?      ? ?    'X-RAY DIFFRACTION' ? 
r_nbtor_refined              0.313  0.200  ? 968  'X-RAY DIFFRACTION' ? 
r_nbtor_other                ?      ?      ? ?    'X-RAY DIFFRACTION' ? 
r_xyhbond_nbd_refined        0.184  0.200  ? 211  'X-RAY DIFFRACTION' ? 
r_xyhbond_nbd_other          ?      ?      ? ?    'X-RAY DIFFRACTION' ? 
r_metal_ion_refined          ?      ?      ? ?    'X-RAY DIFFRACTION' ? 
r_metal_ion_other            ?      ?      ? ?    'X-RAY DIFFRACTION' ? 
r_symmetry_vdw_refined       0.193  0.200  ? 41   'X-RAY DIFFRACTION' ? 
r_symmetry_vdw_other         ?      ?      ? ?    'X-RAY DIFFRACTION' ? 
r_symmetry_hbond_refined     0.155  0.200  ? 21   'X-RAY DIFFRACTION' ? 
r_symmetry_hbond_other       ?      ?      ? ?    'X-RAY DIFFRACTION' ? 
r_symmetry_metal_ion_refined ?      ?      ? ?    'X-RAY DIFFRACTION' ? 
r_symmetry_metal_ion_other   ?      ?      ? ?    'X-RAY DIFFRACTION' ? 
r_mcbond_it                  1.242  1.500  ? 867  'X-RAY DIFFRACTION' ? 
r_mcbond_other               ?      ?      ? ?    'X-RAY DIFFRACTION' ? 
r_mcangle_it                 1.686  2.000  ? 1351 'X-RAY DIFFRACTION' ? 
r_scbond_it                  3.024  3.000  ? 636  'X-RAY DIFFRACTION' ? 
r_scangle_it                 4.175  4.500  ? 557  'X-RAY DIFFRACTION' ? 
r_rigid_bond_restr           ?      ?      ? ?    'X-RAY DIFFRACTION' ? 
r_sphericity_free            ?      ?      ? ?    'X-RAY DIFFRACTION' ? 
r_sphericity_bonded          ?      ?      ? ?    'X-RAY DIFFRACTION' ? 
# 
_refine_ls_shell.pdbx_refine_id                   'X-RAY DIFFRACTION' 
_refine_ls_shell.pdbx_total_number_of_bins_used   20 
_refine_ls_shell.d_res_high                       1.810 
_refine_ls_shell.d_res_low                        1.857 
_refine_ls_shell.number_reflns_R_work             1358 
_refine_ls_shell.R_factor_R_work                  0.274 
_refine_ls_shell.percent_reflns_obs               100.00 
_refine_ls_shell.R_factor_R_free                  0.389 
_refine_ls_shell.R_factor_R_free_error            ? 
_refine_ls_shell.percent_reflns_R_free            ? 
_refine_ls_shell.number_reflns_R_free             27 
_refine_ls_shell.number_reflns_all                ? 
_refine_ls_shell.R_factor_all                     ? 
_refine_ls_shell.redundancy_reflns_obs            ? 
_refine_ls_shell.number_reflns_obs                ? 
# 
_struct.entry_id                  3HTB 
_struct.title                     '2-propylphenol in complex with T4 lysozyme L99A/M102Q' 
_struct.pdbx_model_details        ? 
_struct.pdbx_CASP_flag            ? 
_struct.pdbx_model_type_details   ? 
# 
_struct_keywords.entry_id        3HTB 
_struct_keywords.text            'HYDROLASE, GLYCOSIDASE, BACTERIOLYTIC ENZYME, Antimicrobial' 
_struct_keywords.pdbx_keywords   HYDROLASE 
# 
loop_
_struct_asym.id 
_struct_asym.pdbx_blank_PDB_chainid_flag 
_struct_asym.pdbx_modified 
_struct_asym.entity_id 
_struct_asym.details 
A N N 1 ? 
B N N 2 ? 
C N N 2 ? 
D N N 3 ? 
E N N 4 ? 
F N N 5 ? 
# 
_struct_biol.id        1 
_struct_biol.details   ? 
# 
loop_
_struct_conf.conf_type_id 
_struct_conf.id 
_struct_conf.pdbx_PDB_helix_id 
_struct_conf.beg_label_comp_id 
_struct_conf.beg_label_asym_id 
_struct_conf.beg_label_seq_id 
_struct_conf.pdbx_beg_PDB_ins_code 
_struct_conf.end_label_comp_id 
_struct_conf.end_label_asym_id 
_struct_conf.end_label_seq_id 
_struct_conf.pdbx_end_PDB_ins_code 
_struct_conf.beg_auth_comp_id 
_struct_conf.beg_auth_asym_id 
_struct_conf.beg_auth_seq_id 
_struct_conf.end_auth_comp_id 
_struct_conf.end_auth_asym_id 
_struct_conf.end_auth_seq_id 
_struct_conf.pdbx_PDB_helix_class 
_struct_conf.details 
_struct_conf.pdbx_PDB_helix_length 
HELX_P HELX_P1  1  ASN A 2   ? GLY A 12  ? ASN A 2   GLY A 12  1 ? 11 
HELX_P HELX_P2  2  ASP A 38  ? GLY A 51  ? ASP A 38  GLY A 51  1 ? 14 
HELX_P HELX_P3  3  THR A 59  ? ASN A 81  ? THR A 59  ASN A 81  1 ? 23 
HELX_P HELX_P4  4  LEU A 84  ? LEU A 91  ? LEU A 84  LEU A 91  1 ? 8  
HELX_P HELX_P5  5  ASP A 92  ? GLY A 113 ? ASP A 92  GLY A 113 1 ? 22 
HELX_P HELX_P6  6  PHE A 114 ? GLN A 123 ? PHE A 114 GLN A 123 1 ? 10 
HELX_P HELX_P7  7  ARG A 125 ? LYS A 135 ? ARG A 125 LYS A 135 1 ? 11 
HELX_P HELX_P8  8  SER A 136 ? THR A 142 ? SER A 136 THR A 142 1 ? 7  
HELX_P HELX_P9  9  THR A 142 ? GLY A 156 ? THR A 142 GLY A 156 1 ? 15 
HELX_P HELX_P10 10 TRP A 158 ? LYS A 162 ? TRP A 158 LYS A 162 5 ? 5  
# 
_struct_conf_type.id          HELX_P 
_struct_conf_type.criteria    ? 
_struct_conf_type.reference   ? 
# 
_struct_mon_prot_cis.pdbx_id                1 
_struct_mon_prot_cis.label_comp_id          LYS 
_struct_mon_prot_cis.label_seq_id           162 
_struct_mon_prot_cis.label_asym_id          A 
_struct_mon_prot_cis.label_alt_id           . 
_struct_mon_prot_cis.pdbx_PDB_ins_code      ? 
_struct_mon_prot_cis.auth_comp_id           LYS 
_struct_mon_prot_cis.auth_seq_id            162 
_struct_mon_prot_cis.auth_asym_id           A 
_struct_mon_prot_cis.pdbx_label_comp_id_2   ASN 
_struct_mon_prot_cis.pdbx_label_seq_id_2    163 
_struct_mon_prot_cis.pdbx_label_asym_id_2   A 
_struct_mon_prot_cis.pdbx_PDB_ins_code_2    ? 
_struct_mon_prot_cis.pdbx_auth_comp_id_2    ASN 
_struct_mon_prot_cis.pdbx_auth_seq_id_2     163 
_struct_mon_prot_cis.pdbx_auth_asym_id_2    A 
_struct_mon_prot_cis.pdbx_PDB_model_num     1 
_struct_mon_prot_cis.pdbx_omega_angle       -10.12 
# 
_struct_sheet.id               A 
_struct_sheet.type             ? 
_struct_sheet.number_strands   3 
_struct_sheet.details          ? 
# 
loop_
_struct_sheet_order.sheet_id 
_struct_sheet_order.range_id_1 
_struct_sheet_order.range_id_2 
_struct_sheet_order.offset 
_struct_sheet_order.sense 
A 1 2 ? anti-parallel 
A 2 3 ? anti-parallel 
# 
loop_
_struct_sheet_range.sheet_id 
_struct_sheet_range.id 
_struct_sheet_range.beg_label_comp_id 
_struct_sheet_range.beg_label_asym_id 
_struct_sheet_range.beg_label_seq_id 
_struct_sheet_range.pdbx_beg_PDB_ins_code 
_struct_sheet_range.end_label_comp_id 
_struct_sheet_range.end_label_asym_id 
_struct_sheet_range.end_label_seq_id 
_struct_sheet_range.pdbx_end_PDB_ins_code 
_struct_sheet_range.beg_auth_comp_id 
_struct_sheet_range.beg_auth_asym_id 
_struct_sheet_range.beg_auth_seq_id 
_struct_sheet_range.end_auth_comp_id 
_struct_sheet_range.end_auth_asym_id 
_struct_sheet_range.end_auth_seq_id 
A 1 ARG A 14 ? LYS A 19 ? ARG A 14 LYS A 19 
A 2 TYR A 25 ? GLY A 28 ? TYR A 25 GLY A 28 
A 3 HIS A 31 ? THR A 34 ? HIS A 31 THR A 34 
# 
loop_
_pdbx_struct_sheet_hbond.sheet_id 
_pdbx_struct_sheet_hbond.range_id_1 
_pdbx_struct_sheet_hbond.range_id_2 
_pdbx_struct_sheet_hbond.range_1_label_atom_id 
_pdbx_struct_sheet_hbond.range_1_label_comp_id 
_pdbx_struct_sheet_hbond.range_1_label_asym_id 
_pdbx_struct_sheet_hbond.range_1_label_seq_id 
_pdbx_struct_sheet_hbond.range_1_PDB_ins_code 
_pdbx_struct_sheet_hbond.range_1_auth_atom_id 
_pdbx_struct_sheet_hbond.range_1_auth_comp_id 
_pdbx_struct_sheet_hbond.range_1_auth_asym_id 
_pdbx_struct_sheet_hbond.range_1_auth_seq_id 
_pdbx_struct_sheet_hbond.range_2_label_atom_id 
_pdbx_struct_sheet_hbond.range_2_label_comp_id 
_pdbx_struct_sheet_hbond.range_2_label_asym_id 
_pdbx_struct_sheet_hbond.range_2_label_seq_id 
_pdbx_struct_sheet_hbond.range_2_PDB_ins_code 
_pdbx_struct_sheet_hbond.range_2_auth_atom_id 
_pdbx_struct_sheet_hbond.range_2_auth_comp_id 
_pdbx_struct_sheet_hbond.range_2_auth_asym_id 
_pdbx_struct_sheet_hbond.range_2_auth_seq_id 
A 1 2 N TYR A 18 ? N TYR A 18 O THR A 26 ? O THR A 26 
A 2 3 N TYR A 25 ? N TYR A 25 O LEU A 33 ? O LEU A 33 
# 
loop_
_struct_site.id 
_struct_site.pdbx_evidence_code 
_struct_site.pdbx_auth_asym_id 
_struct_site.pdbx_auth_comp_id 
_struct_site.pdbx_auth_seq_id 
_struct_site.pdbx_auth_ins_code 
_struct_site.pdbx_num_residues 
_struct_site.details 
AC1 Software A PO4 165 ? 9 'BINDING SITE FOR RESIDUE PO4 A 165' 
AC2 Software A PO4 166 ? 3 'BINDING SITE FOR RESIDUE PO4 A 166' 
AC3 Software A JZ4 167 ? 9 'BINDING SITE FOR RESIDUE JZ4 A 167' 
# 
loop_
_struct_site_gen.id 
_struct_site_gen.site_id 
_struct_site_gen.pdbx_num_res 
_struct_site_gen.label_comp_id 
_struct_site_gen.label_asym_id 
_struct_site_gen.label_seq_id 
_struct_site_gen.pdbx_auth_ins_code 
_struct_site_gen.auth_comp_id 
_struct_site_gen.auth_asym_id 
_struct_site_gen.auth_seq_id 
_struct_site_gen.label_atom_id 
_struct_site_gen.label_alt_id 
_struct_site_gen.symmetry 
_struct_site_gen.details 
1  AC1 9 ARG A 14  ? ARG A 14  . ? 4_545 ? 
2  AC1 9 LYS A 19  ? LYS A 19  . ? 4_545 ? 
3  AC1 9 ARG A 125 ? ARG A 125 . ? 1_555 ? 
4  AC1 9 TRP A 126 ? TRP A 126 . ? 1_555 ? 
5  AC1 9 ASP A 127 ? ASP A 127 . ? 1_555 ? 
6  AC1 9 GLU A 128 ? GLU A 128 . ? 1_555 ? 
7  AC1 9 HOH F .   ? HOH A 296 . ? 1_555 ? 
8  AC1 9 HOH F .   ? HOH A 310 . ? 1_555 ? 
9  AC1 9 HOH F .   ? HOH A 379 . ? 1_555 ? 
10 AC2 3 ARG A 14  ? ARG A 14  . ? 1_555 ? 
11 AC2 3 LEU A 15  ? LEU A 15  . ? 1_555 ? 
12 AC2 3 LYS A 16  ? LYS A 16  . ? 1_555 ? 
13 AC3 9 ALA A 99  ? ALA A 99  . ? 1_555 ? 
14 AC3 9 GLN A 102 ? GLN A 102 . ? 1_555 ? 
15 AC3 9 VAL A 103 ? VAL A 103 . ? 1_555 ? 
16 AC3 9 VAL A 111 ? VAL A 111 . ? 1_555 ? 
17 AC3 9 PHE A 114 ? PHE A 114 . ? 1_555 ? 
18 AC3 9 LEU A 118 ? LEU A 118 . ? 1_555 ? 
19 AC3 9 LEU A 121 ? LEU A 121 . ? 1_555 ? 
20 AC3 9 LEU A 133 ? LEU A 133 . ? 1_555 ? 
21 AC3 9 PHE A 153 ? PHE A 153 . ? 1_555 ? 
# 
_atom_sites.entry_id                    3HTB 
_atom_sites.fract_transf_matrix[1][1]   -0.01805219 
_atom_sites.fract_transf_matrix[1][2]   0.00645749 
_atom_sites.fract_transf_matrix[1][3]   -0.00185239 
_atom_sites.fract_transf_matrix[2][1]   -0.01427896 
_atom_sites.fract_transf_matrix[2][2]   -0.01231647 
_atom_sites.fract_transf_matrix[2][3]   -0.00392455 
_atom_sites.fract_transf_matrix[3][1]   -0.00155148 
_atom_sites.fract_transf_matrix[3][2]   -0.00143031 
_atom_sites.fract_transf_matrix[3][3]   0.01013362 
_atom_sites.fract_transf_vector[1]      0.214919 
_atom_sites.fract_transf_vector[2]      -0.322165 
_atom_sites.fract_transf_vector[3]      -0.098467 
# 
loop_
_atom_type.symbol 
C 
N 
O 
P 
S 
# 
loop_
_atom_site.group_PDB 
_atom_site.id 
_atom_site.type_symbol 
_atom_site.label_atom_id 
_atom_site.label_alt_id 
_atom_site.label_comp_id 
_atom_site.label_asym_id 
_atom_site.label_entity_id 
_atom_site.label_seq_id 
_atom_site.pdbx_PDB_ins_code 
_atom_site.Cartn_x 
_atom_site.Cartn_y 
_atom_site.Cartn_z 
_atom_site.occupancy 
_atom_site.B_iso_or_equiv 
_atom_site.pdbx_formal_charge 
_atom_site.auth_seq_id 
_atom_site.auth_comp_id 
_atom_site.auth_asym_id 
_atom_site.auth_atom_id 
_atom_site.pdbx_PDB_model_num 
ATOM   1    N N   . MET A 1 1   ? 10.455  -13.411 0.300   1.00 16.19 ? 1   MET A N   1 
ATOM   2    C CA  A MET A 1 1   ? 9.465   -12.306 0.254   0.50 15.51 ? 1   MET A CA  1 
ATOM   3    C CA  B MET A 1 1   ? 9.493   -12.272 0.337   0.50 15.98 ? 1   MET A CA  1 
ATOM   4    C C   . MET A 1 1   ? 10.181  -10.995 -0.051  1.00 15.36 ? 1   MET A C   1 
ATOM   5    O O   . MET A 1 1   ? 11.364  -10.807 0.255   1.00 14.94 ? 1   MET A O   1 
ATOM   6    C CB  A MET A 1 1   ? 8.638   -12.254 1.568   0.50 15.40 ? 1   MET A CB  1 
ATOM   7    C CB  B MET A 1 1   ? 8.906   -12.080 1.742   0.50 16.50 ? 1   MET A CB  1 
ATOM   8    C CG  A MET A 1 1   ? 7.357   -11.395 1.572   0.50 15.40 ? 1   MET A CG  1 
ATOM   9    C CG  B MET A 1 1   ? 7.819   -13.029 2.158   0.50 17.53 ? 1   MET A CG  1 
ATOM   10   S SD  A MET A 1 1   ? 5.935   -11.838 0.551   0.50 14.04 ? 1   MET A SD  1 
ATOM   11   S SD  B MET A 1 1   ? 6.348   -12.959 1.126   0.50 24.67 ? 1   MET A SD  1 
ATOM   12   C CE  A MET A 1 1   ? 5.989   -13.648 0.478   0.50 10.74 ? 1   MET A CE  1 
ATOM   13   C CE  B MET A 1 1   ? 6.070   -11.181 1.091   0.50 22.50 ? 1   MET A CE  1 
ATOM   14   N N   . ASN A 1 2   ? 9.447   -10.129 -0.707  1.00 13.04 ? 2   ASN A N   1 
ATOM   15   C CA  . ASN A 1 2   ? 9.868   -8.772  -1.073  1.00 11.28 ? 2   ASN A CA  1 
ATOM   16   C C   . ASN A 1 2   ? 8.559   -7.948  -1.178  1.00 11.13 ? 2   ASN A C   1 
ATOM   17   O O   . ASN A 1 2   ? 7.416   -8.490  -1.023  1.00 8.10  ? 2   ASN A O   1 
ATOM   18   C CB  . ASN A 1 2   ? 10.699  -8.757  -2.386  1.00 11.33 ? 2   ASN A CB  1 
ATOM   19   C CG  . ASN A 1 2   ? 9.916   -9.324  -3.591  1.00 13.64 ? 2   ASN A CG  1 
ATOM   20   O OD1 . ASN A 1 2   ? 8.866   -8.831  -3.916  1.00 9.75  ? 2   ASN A OD1 1 
ATOM   21   N ND2 . ASN A 1 2   ? 10.454  -10.377 -4.247  1.00 12.13 ? 2   ASN A ND2 1 
ATOM   22   N N   . ILE A 1 3   ? 8.714   -6.649  -1.384  1.00 9.44  ? 3   ILE A N   1 
ATOM   23   C CA  . ILE A 1 3   ? 7.579   -5.763  -1.424  1.00 9.32  ? 3   ILE A CA  1 
ATOM   24   C C   . ILE A 1 3   ? 6.557   -6.064  -2.527  1.00 7.70  ? 3   ILE A C   1 
ATOM   25   O O   . ILE A 1 3   ? 5.361   -5.846  -2.322  1.00 9.80  ? 3   ILE A O   1 
ATOM   26   C CB  . ILE A 1 3   ? 8.083   -4.275  -1.552  1.00 9.07  ? 3   ILE A CB  1 
ATOM   27   C CG1 . ILE A 1 3   ? 6.958   -3.251  -1.296  1.00 8.89  ? 3   ILE A CG1 1 
ATOM   28   C CG2 . ILE A 1 3   ? 8.784   -4.065  -2.921  1.00 9.00  ? 3   ILE A CG2 1 
ATOM   29   C CD1 . ILE A 1 3   ? 5.984   -3.444  -0.108  1.00 10.83 ? 3   ILE A CD1 1 
ATOM   30   N N   . PHE A 1 4   ? 7.009   -6.552  -3.684  1.00 8.60  ? 4   PHE A N   1 
ATOM   31   C CA  . PHE A 1 4   ? 6.052   -6.926  -4.697  1.00 8.69  ? 4   PHE A CA  1 
ATOM   32   C C   . PHE A 1 4   ? 5.253   -8.115  -4.281  1.00 9.89  ? 4   PHE A C   1 
ATOM   33   O O   . PHE A 1 4   ? 4.049   -8.155  -4.494  1.00 9.06  ? 4   PHE A O   1 
ATOM   34   C CB  . PHE A 1 4   ? 6.729   -7.165  -6.077  1.00 8.95  ? 4   PHE A CB  1 
ATOM   35   C CG  . PHE A 1 4   ? 7.400   -5.883  -6.607  1.00 11.87 ? 4   PHE A CG  1 
ATOM   36   C CD1 . PHE A 1 4   ? 8.660   -5.489  -6.164  1.00 12.45 ? 4   PHE A CD1 1 
ATOM   37   C CD2 . PHE A 1 4   ? 6.742   -5.063  -7.499  1.00 10.91 ? 4   PHE A CD2 1 
ATOM   38   C CE1 . PHE A 1 4   ? 9.256   -4.283  -6.587  1.00 10.97 ? 4   PHE A CE1 1 
ATOM   39   C CE2 . PHE A 1 4   ? 7.357   -3.886  -7.964  1.00 13.68 ? 4   PHE A CE2 1 
ATOM   40   C CZ  . PHE A 1 4   ? 8.615   -3.520  -7.502  1.00 13.03 ? 4   PHE A CZ  1 
ATOM   41   N N   . GLU A 1 5   ? 5.933   -9.124  -3.741  1.00 9.90  ? 5   GLU A N   1 
ATOM   42   C CA  . GLU A 1 5   ? 5.201   -10.327 -3.390  1.00 10.93 ? 5   GLU A CA  1 
ATOM   43   C C   . GLU A 1 5   ? 4.208   -9.999  -2.239  1.00 9.58  ? 5   GLU A C   1 
ATOM   44   O O   . GLU A 1 5   ? 3.124   -10.536 -2.152  1.00 9.92  ? 5   GLU A O   1 
ATOM   45   C CB  . GLU A 1 5   ? 6.172   -11.349 -2.950  1.00 9.58  ? 5   GLU A CB  1 
ATOM   46   C CG  . GLU A 1 5   ? 7.086   -11.808 -4.107  1.00 15.91 ? 5   GLU A CG  1 
ATOM   47   C CD  . GLU A 1 5   ? 7.987   -12.958 -3.681  1.00 20.54 ? 5   GLU A CD  1 
ATOM   48   O OE1 . GLU A 1 5   ? 7.763   -13.503 -2.589  1.00 25.87 ? 5   GLU A OE1 1 
ATOM   49   O OE2 . GLU A 1 5   ? 8.903   -13.351 -4.437  1.00 24.46 ? 5   GLU A OE2 1 
ATOM   50   N N   . MET A 1 6   ? 4.677   -9.143  -1.334  1.00 10.80 ? 6   MET A N   1 
ATOM   51   C CA  . MET A 1 6   ? 3.886   -8.705  -0.212  1.00 11.41 ? 6   MET A CA  1 
ATOM   52   C C   . MET A 1 6   ? 2.638   -8.018  -0.680  1.00 9.30  ? 6   MET A C   1 
ATOM   53   O O   . MET A 1 6   ? 1.535   -8.388  -0.247  1.00 12.93 ? 6   MET A O   1 
ATOM   54   C CB  . MET A 1 6   ? 4.709   -7.766  0.672   1.00 10.41 ? 6   MET A CB  1 
ATOM   55   C CG  . MET A 1 6   ? 4.055   -7.479  2.037   1.00 12.68 ? 6   MET A CG  1 
ATOM   56   S SD  . MET A 1 6   ? 4.798   -5.981  2.596   1.00 11.50 ? 6   MET A SD  1 
ATOM   57   C CE  . MET A 1 6   ? 4.388   -6.024  4.377   1.00 14.29 ? 6   MET A CE  1 
ATOM   58   N N   . LEU A 1 7   ? 2.788   -6.992  -1.517  1.00 9.60  ? 7   LEU A N   1 
ATOM   59   C CA  . LEU A 1 7   ? 1.642   -6.206  -1.980  1.00 9.70  ? 7   LEU A CA  1 
ATOM   60   C C   . LEU A 1 7   ? 0.738   -7.027  -2.854  1.00 10.08 ? 7   LEU A C   1 
ATOM   61   O O   . LEU A 1 7   ? -0.494  -6.852  -2.815  1.00 10.17 ? 7   LEU A O   1 
ATOM   62   C CB  . LEU A 1 7   ? 2.063   -4.916  -2.681  1.00 9.47  ? 7   LEU A CB  1 
ATOM   63   C CG  . LEU A 1 7   ? 2.339   -3.902  -1.591  1.00 9.83  ? 7   LEU A CG  1 
ATOM   64   C CD1 . LEU A 1 7   ? 3.121   -2.748  -2.103  1.00 11.30 ? 7   LEU A CD1 1 
ATOM   65   C CD2 . LEU A 1 7   ? 0.991   -3.468  -1.017  1.00 7.37  ? 7   LEU A CD2 1 
ATOM   66   N N   . ARG A 1 8   ? 1.319   -7.975  -3.592  1.00 10.56 ? 8   ARG A N   1 
ATOM   67   C CA  . ARG A 1 8   ? 0.506   -8.852  -4.458  1.00 10.46 ? 8   ARG A CA  1 
ATOM   68   C C   . ARG A 1 8   ? -0.436  -9.748  -3.594  1.00 11.05 ? 8   ARG A C   1 
ATOM   69   O O   . ARG A 1 8   ? -1.584  -9.985  -3.975  1.00 11.99 ? 8   ARG A O   1 
ATOM   70   C CB  . ARG A 1 8   ? 1.391   -9.770  -5.313  1.00 9.24  ? 8   ARG A CB  1 
ATOM   71   C CG  . ARG A 1 8   ? 0.628   -10.906 -5.988  1.00 8.95  ? 8   ARG A CG  1 
ATOM   72   C CD  . ARG A 1 8   ? -0.162  -10.468 -7.227  1.00 10.45 ? 8   ARG A CD  1 
ATOM   73   N NE  . ARG A 1 8   ? -0.928  -11.611 -7.802  1.00 17.11 ? 8   ARG A NE  1 
ATOM   74   C CZ  . ARG A 1 8   ? -1.946  -12.239 -7.193  1.00 17.32 ? 8   ARG A CZ  1 
ATOM   75   N NH1 . ARG A 1 8   ? -2.379  -11.877 -5.978  1.00 19.70 ? 8   ARG A NH1 1 
ATOM   76   N NH2 . ARG A 1 8   ? -2.528  -13.276 -7.762  1.00 21.76 ? 8   ARG A NH2 1 
ATOM   77   N N   . ILE A 1 9   ? 0.070   -10.250 -2.458  1.00 10.05 ? 9   ILE A N   1 
ATOM   78   C CA  . ILE A 1 9   ? -0.770  -10.973 -1.505  1.00 11.98 ? 9   ILE A CA  1 
ATOM   79   C C   . ILE A 1 9   ? -1.900  -10.040 -0.974  1.00 10.19 ? 9   ILE A C   1 
ATOM   80   O O   . ILE A 1 9   ? -3.069  -10.389 -1.025  1.00 11.01 ? 9   ILE A O   1 
ATOM   81   C CB  . ILE A 1 9   ? 0.074   -11.563 -0.392  1.00 11.81 ? 9   ILE A CB  1 
ATOM   82   C CG1 . ILE A 1 9   ? 0.860   -12.795 -0.938  1.00 11.16 ? 9   ILE A CG1 1 
ATOM   83   C CG2 . ILE A 1 9   ? -0.826  -11.848 0.869   1.00 13.13 ? 9   ILE A CG2 1 
ATOM   84   C CD1 . ILE A 1 9   ? 2.111   -13.195 -0.101  1.00 11.02 ? 9   ILE A CD1 1 
ATOM   85   N N   . ASP A 1 10  ? -1.542  -8.821  -0.593  1.00 9.37  ? 10  ASP A N   1 
ATOM   86   C CA  . ASP A 1 10  ? -2.455  -7.884  0.063   1.00 10.57 ? 10  ASP A CA  1 
ATOM   87   C C   . ASP A 1 10  ? -3.485  -7.277  -0.891  1.00 10.86 ? 10  ASP A C   1 
ATOM   88   O O   . ASP A 1 10  ? -4.637  -7.029  -0.495  1.00 10.88 ? 10  ASP A O   1 
ATOM   89   C CB  . ASP A 1 10  ? -1.678  -6.794  0.794   1.00 8.71  ? 10  ASP A CB  1 
ATOM   90   C CG  . ASP A 1 10  ? -1.066  -7.301  2.107   1.00 10.36 ? 10  ASP A CG  1 
ATOM   91   O OD1 . ASP A 1 10  ? -1.460  -8.379  2.588   1.00 12.18 ? 10  ASP A OD1 1 
ATOM   92   O OD2 . ASP A 1 10  ? -0.131  -6.656  2.640   1.00 15.40 ? 10  ASP A OD2 1 
ATOM   93   N N   . GLU A 1 11  ? -3.107  -7.147  -2.161  1.00 10.35 ? 11  GLU A N   1 
ATOM   94   C CA  . GLU A 1 11  ? -3.894  -6.309  -3.078  1.00 9.98  ? 11  GLU A CA  1 
ATOM   95   C C   . GLU A 1 11  ? -4.639  -7.225  -4.017  1.00 11.17 ? 11  GLU A C   1 
ATOM   96   O O   . GLU A 1 11  ? -5.644  -6.844  -4.523  1.00 10.89 ? 11  GLU A O   1 
ATOM   97   C CB  . GLU A 1 11  ? -3.004  -5.365  -3.850  1.00 11.45 ? 11  GLU A CB  1 
ATOM   98   C CG  . GLU A 1 11  ? -2.499  -4.196  -3.046  1.00 8.72  ? 11  GLU A CG  1 
ATOM   99   C CD  . GLU A 1 11  ? -3.608  -3.377  -2.401  1.00 14.34 ? 11  GLU A CD  1 
ATOM   100  O OE1 . GLU A 1 11  ? -4.854  -3.572  -2.689  1.00 19.80 ? 11  GLU A OE1 1 
ATOM   101  O OE2 . GLU A 1 11  ? -3.280  -2.528  -1.552  1.00 13.76 ? 11  GLU A OE2 1 
ATOM   102  N N   . GLY A 1 12  ? -4.142  -8.446  -4.222  1.00 9.73  ? 12  GLY A N   1 
ATOM   103  C CA  . GLY A 1 12  ? -4.689  -9.349  -5.279  1.00 10.14 ? 12  GLY A CA  1 
ATOM   104  C C   . GLY A 1 12  ? -4.306  -8.933  -6.699  1.00 9.64  ? 12  GLY A C   1 
ATOM   105  O O   . GLY A 1 12  ? -3.471  -8.032  -6.894  1.00 8.39  ? 12  GLY A O   1 
ATOM   106  N N   . LEU A 1 13  ? -4.829  -9.698  -7.663  1.00 10.95 ? 13  LEU A N   1 
ATOM   107  C CA  . LEU A 1 13  ? -4.698  -9.360  -9.070  1.00 10.93 ? 13  LEU A CA  1 
ATOM   108  C C   . LEU A 1 13  ? -6.056  -9.531  -9.737  1.00 12.47 ? 13  LEU A C   1 
ATOM   109  O O   . LEU A 1 13  ? -6.610  -10.626 -9.790  1.00 10.09 ? 13  LEU A O   1 
ATOM   110  C CB  . LEU A 1 13  ? -3.603  -10.198 -9.735  1.00 10.84 ? 13  LEU A CB  1 
ATOM   111  C CG  . LEU A 1 13  ? -3.440  -10.136 -11.262 1.00 13.98 ? 13  LEU A CG  1 
ATOM   112  C CD1 . LEU A 1 13  ? -3.067  -8.705  -11.691 1.00 14.85 ? 13  LEU A CD1 1 
ATOM   113  C CD2 . LEU A 1 13  ? -2.258  -11.066 -11.560 1.00 20.16 ? 13  LEU A CD2 1 
ATOM   114  N N   . ARG A 1 14  ? -6.617  -8.430  -10.225 1.00 13.51 ? 14  ARG A N   1 
ATOM   115  C CA  . ARG A 1 14  ? -7.838  -8.508  -11.016 1.00 12.55 ? 14  ARG A CA  1 
ATOM   116  C C   . ARG A 1 14  ? -7.635  -7.709  -12.298 1.00 13.91 ? 14  ARG A C   1 
ATOM   117  O O   . ARG A 1 14  ? -7.064  -6.597  -12.273 1.00 13.51 ? 14  ARG A O   1 
ATOM   118  C CB  . ARG A 1 14  ? -9.019  -7.967  -10.211 1.00 13.69 ? 14  ARG A CB  1 
ATOM   119  C CG  . ARG A 1 14  ? -9.117  -8.682  -8.779  1.00 10.77 ? 14  ARG A CG  1 
ATOM   120  C CD  . ARG A 1 14  ? -10.396 -8.381  -7.995  1.00 14.02 ? 14  ARG A CD  1 
ATOM   121  N NE  . ARG A 1 14  ? -11.511 -8.920  -8.725  1.00 18.61 ? 14  ARG A NE  1 
ATOM   122  C CZ  . ARG A 1 14  ? -12.777 -8.744  -8.362  1.00 23.42 ? 14  ARG A CZ  1 
ATOM   123  N NH1 . ARG A 1 14  ? -13.066 -7.998  -7.287  1.00 21.81 ? 14  ARG A NH1 1 
ATOM   124  N NH2 . ARG A 1 14  ? -13.738 -9.272  -9.098  1.00 24.97 ? 14  ARG A NH2 1 
ATOM   125  N N   . LEU A 1 15  ? -8.093  -8.276  -13.401 1.00 14.21 ? 15  LEU A N   1 
ATOM   126  C CA  . LEU A 1 15  ? -7.791  -7.713  -14.676 1.00 13.95 ? 15  LEU A CA  1 
ATOM   127  C C   . LEU A 1 15  ? -8.900  -6.877  -15.175 1.00 15.21 ? 15  LEU A C   1 
ATOM   128  O O   . LEU A 1 15  ? -8.701  -6.215  -16.173 1.00 16.83 ? 15  LEU A O   1 
ATOM   129  C CB  . LEU A 1 15  ? -7.431  -8.795  -15.668 1.00 14.29 ? 15  LEU A CB  1 
ATOM   130  C CG  . LEU A 1 15  ? -6.199  -9.679  -15.352 1.00 14.19 ? 15  LEU A CG  1 
ATOM   131  C CD1 . LEU A 1 15  ? -5.901  -10.543 -16.588 1.00 16.89 ? 15  LEU A CD1 1 
ATOM   132  C CD2 . LEU A 1 15  ? -4.993  -8.892  -14.970 1.00 16.65 ? 15  LEU A CD2 1 
ATOM   133  N N   . LYS A 1 16  ? -10.041 -6.845  -14.481 1.00 13.81 ? 16  LYS A N   1 
ATOM   134  C CA  . LYS A 1 16  ? -11.212 -6.043  -14.916 1.00 14.34 ? 16  LYS A CA  1 
ATOM   135  C C   . LYS A 1 16  ? -11.429 -5.029  -13.827 1.00 13.58 ? 16  LYS A C   1 
ATOM   136  O O   . LYS A 1 16  ? -11.193 -5.354  -12.647 1.00 15.63 ? 16  LYS A O   1 
ATOM   137  C CB  . LYS A 1 16  ? -12.513 -6.852  -15.045 1.00 13.23 ? 16  LYS A CB  1 
ATOM   138  C CG  . LYS A 1 16  ? -12.520 -7.840  -16.217 1.00 15.23 ? 16  LYS A CG  1 
ATOM   139  C CD  . LYS A 1 16  ? -13.603 -8.954  -16.019 1.00 18.50 ? 16  LYS A CD  1 
ATOM   140  C CE  . LYS A 1 16  ? -13.768 -9.774  -17.287 0.50 18.65 ? 16  LYS A CE  1 
ATOM   141  N NZ  . LYS A 1 16  ? -14.383 -11.088 -17.016 0.50 21.53 ? 16  LYS A NZ  1 
ATOM   142  N N   . ILE A 1 17  ? -11.909 -3.838  -14.185 1.00 14.54 ? 17  ILE A N   1 
ATOM   143  C CA  . ILE A 1 17  ? -12.178 -2.822  -13.186 1.00 12.07 ? 17  ILE A CA  1 
ATOM   144  C C   . ILE A 1 17  ? -13.053 -3.379  -12.066 1.00 12.48 ? 17  ILE A C   1 
ATOM   145  O O   . ILE A 1 17  ? -14.021 -4.063  -12.313 1.00 11.54 ? 17  ILE A O   1 
ATOM   146  C CB  . ILE A 1 17  ? -12.791 -1.565  -13.783 1.00 12.95 ? 17  ILE A CB  1 
ATOM   147  C CG1 . ILE A 1 17  ? -11.859 -0.937  -14.850 1.00 8.75  ? 17  ILE A CG1 1 
ATOM   148  C CG2 . ILE A 1 17  ? -13.226 -0.547  -12.673 1.00 12.45 ? 17  ILE A CG2 1 
ATOM   149  C CD1 . ILE A 1 17  ? -12.428 0.368   -15.435 1.00 12.23 ? 17  ILE A CD1 1 
ATOM   150  N N   . TYR A 1 18  ? -12.643 -3.130  -10.832 1.00 14.39 ? 18  TYR A N   1 
ATOM   151  C CA  . TYR A 1 18  ? -13.393 -3.628  -9.633  1.00 14.47 ? 18  TYR A CA  1 
ATOM   152  C C   . TYR A 1 18  ? -13.376 -2.475  -8.622  1.00 11.71 ? 18  TYR A C   1 
ATOM   153  O O   . TYR A 1 18  ? -12.603 -1.535  -8.776  1.00 11.89 ? 18  TYR A O   1 
ATOM   154  C CB  . TYR A 1 18  ? -12.764 -4.910  -9.017  1.00 13.83 ? 18  TYR A CB  1 
ATOM   155  C CG  . TYR A 1 18  ? -11.381 -4.725  -8.421  1.00 16.86 ? 18  TYR A CG  1 
ATOM   156  C CD1 . TYR A 1 18  ? -11.194 -4.520  -7.022  1.00 18.55 ? 18  TYR A CD1 1 
ATOM   157  C CD2 . TYR A 1 18  ? -10.204 -4.767  -9.251  1.00 17.94 ? 18  TYR A CD2 1 
ATOM   158  C CE1 . TYR A 1 18  ? -9.869  -4.309  -6.464  1.00 17.18 ? 18  TYR A CE1 1 
ATOM   159  C CE2 . TYR A 1 18  ? -8.902  -4.593  -8.692  1.00 14.72 ? 18  TYR A CE2 1 
ATOM   160  C CZ  . TYR A 1 18  ? -8.741  -4.391  -7.285  1.00 19.33 ? 18  TYR A CZ  1 
ATOM   161  O OH  . TYR A 1 18  ? -7.419  -4.227  -6.772  1.00 17.43 ? 18  TYR A OH  1 
ATOM   162  N N   . LYS A 1 19  ? -14.209 -2.587  -7.600  1.00 10.51 ? 19  LYS A N   1 
ATOM   163  C CA  . LYS A 1 19  ? -14.244 -1.677  -6.537  1.00 11.63 ? 19  LYS A CA  1 
ATOM   164  C C   . LYS A 1 19  ? -13.404 -2.269  -5.392  1.00 10.87 ? 19  LYS A C   1 
ATOM   165  O O   . LYS A 1 19  ? -13.509 -3.484  -5.052  1.00 10.79 ? 19  LYS A O   1 
ATOM   166  C CB  . LYS A 1 19  ? -15.650 -1.397  -6.102  1.00 10.53 ? 19  LYS A CB  1 
ATOM   167  C CG  . LYS A 1 19  ? -16.439 -0.690  -7.143  1.00 12.17 ? 19  LYS A CG  1 
ATOM   168  C CD  . LYS A 1 19  ? -17.711 -0.274  -6.568  1.00 13.68 ? 19  LYS A CD  1 
ATOM   169  C CE  . LYS A 1 19  ? -18.681 0.338   -7.628  1.00 14.68 ? 19  LYS A CE  1 
ATOM   170  N NZ  . LYS A 1 19  ? -20.002 0.515   -6.911  1.00 14.18 ? 19  LYS A NZ  1 
ATOM   171  N N   . ASP A 1 20  ? -12.501 -1.437  -4.900  1.00 10.28 ? 20  ASP A N   1 
ATOM   172  C CA  . ASP A 1 20  ? -11.627 -1.808  -3.789  1.00 10.35 ? 20  ASP A CA  1 
ATOM   173  C C   . ASP A 1 20  ? -12.432 -1.798  -2.476  1.00 11.13 ? 20  ASP A C   1 
ATOM   174  O O   . ASP A 1 20  ? -13.647 -1.621  -2.493  1.00 13.25 ? 20  ASP A O   1 
ATOM   175  C CB  . ASP A 1 20  ? -10.401 -0.864  -3.676  1.00 9.98  ? 20  ASP A CB  1 
ATOM   176  C CG  . ASP A 1 20  ? -10.754 0.573   -3.216  1.00 12.88 ? 20  ASP A CG  1 
ATOM   177  O OD1 . ASP A 1 20  ? -11.883 0.910   -2.857  1.00 12.47 ? 20  ASP A OD1 1 
ATOM   178  O OD2 . ASP A 1 20  ? -9.836  1.448   -3.232  1.00 17.43 ? 20  ASP A OD2 1 
ATOM   179  N N   . THR A 1 21  ? -11.746 -1.979  -1.355  1.00 11.25 ? 21  THR A N   1 
ATOM   180  C CA  A THR A 1 21  ? -12.388 -2.163  -0.034  0.50 11.50 ? 21  THR A CA  1 
ATOM   181  C CA  B THR A 1 21  ? -12.466 -2.197  -0.109  0.50 12.55 ? 21  THR A CA  1 
ATOM   182  C C   . THR A 1 21  ? -13.196 -0.924  0.335   1.00 13.05 ? 21  THR A C   1 
ATOM   183  O O   . THR A 1 21  ? -14.083 -0.979  1.163   1.00 13.00 ? 21  THR A O   1 
ATOM   184  C CB  A THR A 1 21  ? -11.332 -2.412  1.060   0.50 11.96 ? 21  THR A CB  1 
ATOM   185  C CB  B THR A 1 21  ? -11.538 -2.762  0.939   0.50 13.53 ? 21  THR A CB  1 
ATOM   186  O OG1 A THR A 1 21  ? -10.561 -1.225  1.242   0.50 9.71  ? 21  THR A OG1 1 
ATOM   187  O OG1 B THR A 1 21  ? -12.312 -3.201  2.046   0.50 15.74 ? 21  THR A OG1 1 
ATOM   188  C CG2 A THR A 1 21  ? -10.383 -3.603  0.685   0.50 9.51  ? 21  THR A CG2 1 
ATOM   189  C CG2 B THR A 1 21  ? -10.521 -1.728  1.370   0.50 11.11 ? 21  THR A CG2 1 
ATOM   190  N N   . GLU A 1 22  ? -12.817 0.222   -0.245  1.00 13.35 ? 22  GLU A N   1 
ATOM   191  C CA  . GLU A 1 22  ? -13.496 1.481   -0.030  1.00 12.75 ? 22  GLU A CA  1 
ATOM   192  C C   . GLU A 1 22  ? -14.606 1.773   -1.055  1.00 12.79 ? 22  GLU A C   1 
ATOM   193  O O   . GLU A 1 22  ? -15.273 2.814   -0.958  1.00 14.56 ? 22  GLU A O   1 
ATOM   194  C CB  . GLU A 1 22  ? -12.486 2.640   0.079   1.00 14.64 ? 22  GLU A CB  1 
ATOM   195  C CG  . GLU A 1 22  ? -11.521 2.606   1.218   1.00 15.63 ? 22  GLU A CG  1 
ATOM   196  C CD  . GLU A 1 22  ? -12.228 2.816   2.555   1.00 24.42 ? 22  GLU A CD  1 
ATOM   197  O OE1 . GLU A 1 22  ? -13.241 3.594   2.668   1.00 27.57 ? 22  GLU A OE1 1 
ATOM   198  O OE2 . GLU A 1 22  ? -11.802 2.171   3.515   1.00 25.73 ? 22  GLU A OE2 1 
ATOM   199  N N   . GLY A 1 23  ? -14.853 0.865   -2.005  1.00 12.54 ? 23  GLY A N   1 
ATOM   200  C CA  . GLY A 1 23  ? -15.846 1.094   -3.066  1.00 12.77 ? 23  GLY A CA  1 
ATOM   201  C C   . GLY A 1 23  ? -15.285 1.868   -4.240  1.00 13.27 ? 23  GLY A C   1 
ATOM   202  O O   . GLY A 1 23  ? -16.053 2.297   -5.071  1.00 12.49 ? 23  GLY A O   1 
ATOM   203  N N   . TYR A 1 24  ? -13.947 2.051   -4.319  1.00 12.52 ? 24  TYR A N   1 
ATOM   204  C CA  A TYR A 1 24  ? -13.387 2.824   -5.436  0.50 12.99 ? 24  TYR A CA  1 
ATOM   205  C CA  B TYR A 1 24  ? -13.295 2.829   -5.380  0.50 13.06 ? 24  TYR A CA  1 
ATOM   206  C C   . TYR A 1 24  ? -12.831 1.994   -6.527  1.00 12.20 ? 24  TYR A C   1 
ATOM   207  O O   . TYR A 1 24  ? -12.203 0.992   -6.279  1.00 12.55 ? 24  TYR A O   1 
ATOM   208  C CB  A TYR A 1 24  ? -12.382 3.898   -4.998  0.50 13.61 ? 24  TYR A CB  1 
ATOM   209  C CB  B TYR A 1 24  ? -12.035 3.516   -4.856  0.50 13.86 ? 24  TYR A CB  1 
ATOM   210  C CG  A TYR A 1 24  ? -12.986 4.777   -3.978  0.50 13.38 ? 24  TYR A CG  1 
ATOM   211  C CG  B TYR A 1 24  ? -12.223 4.515   -3.762  0.50 13.37 ? 24  TYR A CG  1 
ATOM   212  C CD1 A TYR A 1 24  ? -14.197 5.441   -4.231  0.50 11.36 ? 24  TYR A CD1 1 
ATOM   213  C CD1 B TYR A 1 24  ? -13.305 5.375   -3.770  0.50 17.24 ? 24  TYR A CD1 1 
ATOM   214  C CD2 A TYR A 1 24  ? -12.398 4.912   -2.728  0.50 14.00 ? 24  TYR A CD2 1 
ATOM   215  C CD2 B TYR A 1 24  ? -11.301 4.609   -2.708  0.50 15.02 ? 24  TYR A CD2 1 
ATOM   216  C CE1 A TYR A 1 24  ? -14.795 6.241   -3.253  0.50 12.77 ? 24  TYR A CE1 1 
ATOM   217  C CE1 B TYR A 1 24  ? -13.477 6.302   -2.753  0.50 16.72 ? 24  TYR A CE1 1 
ATOM   218  C CE2 A TYR A 1 24  ? -12.975 5.684   -1.767  0.50 15.94 ? 24  TYR A CE2 1 
ATOM   219  C CE2 B TYR A 1 24  ? -11.462 5.528   -1.698  0.50 15.43 ? 24  TYR A CE2 1 
ATOM   220  C CZ  A TYR A 1 24  ? -14.174 6.344   -2.015  0.50 14.47 ? 24  TYR A CZ  1 
ATOM   221  C CZ  B TYR A 1 24  ? -12.551 6.379   -1.718  0.50 16.64 ? 24  TYR A CZ  1 
ATOM   222  O OH  A TYR A 1 24  ? -14.696 7.120   -1.007  0.50 17.75 ? 24  TYR A OH  1 
ATOM   223  O OH  B TYR A 1 24  ? -12.742 7.324   -0.712  0.50 13.96 ? 24  TYR A OH  1 
ATOM   224  N N   . TYR A 1 25  ? -13.093 2.481   -7.756  1.00 12.09 ? 25  TYR A N   1 
ATOM   225  C CA  . TYR A 1 25  ? -12.756 1.788   -8.979  1.00 12.61 ? 25  TYR A CA  1 
ATOM   226  C C   . TYR A 1 25  ? -11.252 1.638   -9.086  1.00 11.80 ? 25  TYR A C   1 
ATOM   227  O O   . TYR A 1 25  ? -10.514 2.612   -8.917  1.00 11.78 ? 25  TYR A O   1 
ATOM   228  C CB  . TYR A 1 25  ? -13.242 2.527   -10.176 1.00 11.99 ? 25  TYR A CB  1 
ATOM   229  C CG  . TYR A 1 25  ? -14.710 2.475   -10.303 1.00 13.52 ? 25  TYR A CG  1 
ATOM   230  C CD1 . TYR A 1 25  ? -15.428 3.648   -10.324 1.00 15.00 ? 25  TYR A CD1 1 
ATOM   231  C CD2 . TYR A 1 25  ? -15.384 1.258   -10.372 1.00 12.92 ? 25  TYR A CD2 1 
ATOM   232  C CE1 . TYR A 1 25  ? -16.832 3.622   -10.460 1.00 15.76 ? 25  TYR A CE1 1 
ATOM   233  C CE2 . TYR A 1 25  ? -16.773 1.204   -10.523 1.00 14.50 ? 25  TYR A CE2 1 
ATOM   234  C CZ  . TYR A 1 25  ? -17.492 2.413   -10.576 1.00 16.48 ? 25  TYR A CZ  1 
ATOM   235  O OH  . TYR A 1 25  ? -18.850 2.416   -10.703 1.00 18.00 ? 25  TYR A OH  1 
ATOM   236  N N   . THR A 1 26  ? -10.852 0.399   -9.333  1.00 11.69 ? 26  THR A N   1 
ATOM   237  C CA  . THR A 1 26  ? -9.459  -0.046  -9.145  1.00 12.00 ? 26  THR A CA  1 
ATOM   238  C C   . THR A 1 26  ? -9.235  -1.108  -10.214 1.00 11.69 ? 26  THR A C   1 
ATOM   239  O O   . THR A 1 26  ? -10.176 -1.675  -10.688 1.00 12.63 ? 26  THR A O   1 
ATOM   240  C CB  . THR A 1 26  ? -9.253  -0.581  -7.666  1.00 12.28 ? 26  THR A CB  1 
ATOM   241  O OG1 . THR A 1 26  ? -9.548  0.488   -6.725  1.00 13.67 ? 26  THR A OG1 1 
ATOM   242  C CG2 . THR A 1 26  ? -7.827  -1.154  -7.436  1.00 13.96 ? 26  THR A CG2 1 
ATOM   243  N N   . ILE A 1 27  ? -8.003  -1.367  -10.628 1.00 10.49 ? 27  ILE A N   1 
ATOM   244  C CA  . ILE A 1 27  ? -7.718  -2.501  -11.506 1.00 11.85 ? 27  ILE A CA  1 
ATOM   245  C C   . ILE A 1 27  ? -6.365  -3.098  -11.124 1.00 10.90 ? 27  ILE A C   1 
ATOM   246  O O   . ILE A 1 27  ? -5.628  -2.502  -10.379 1.00 13.57 ? 27  ILE A O   1 
ATOM   247  C CB  . ILE A 1 27  ? -7.771  -2.074  -13.039 1.00 8.77  ? 27  ILE A CB  1 
ATOM   248  C CG1 . ILE A 1 27  ? -7.948  -3.335  -13.926 1.00 9.65  ? 27  ILE A CG1 1 
ATOM   249  C CG2 . ILE A 1 27  ? -6.584  -1.186  -13.353 1.00 12.03 ? 27  ILE A CG2 1 
ATOM   250  C CD1 . ILE A 1 27  ? -8.460  -3.060  -15.339 1.00 11.30 ? 27  ILE A CD1 1 
ATOM   251  N N   . GLY A 1 28  ? -6.059  -4.271  -11.629 1.00 11.08 ? 28  GLY A N   1 
ATOM   252  C CA  . GLY A 1 28  ? -4.712  -4.832  -11.555 1.00 11.75 ? 28  GLY A CA  1 
ATOM   253  C C   . GLY A 1 28  ? -4.375  -5.198  -10.142 1.00 11.50 ? 28  GLY A C   1 
ATOM   254  O O   . GLY A 1 28  ? -5.162  -5.906  -9.473  1.00 11.34 ? 28  GLY A O   1 
ATOM   255  N N   . ILE A 1 29  ? -3.206  -4.716  -9.692  1.00 11.68 ? 29  ILE A N   1 
ATOM   256  C CA  . ILE A 1 29  ? -2.709  -5.004  -8.325  1.00 10.38 ? 29  ILE A CA  1 
ATOM   257  C C   . ILE A 1 29  ? -2.954  -3.760  -7.448  1.00 10.59 ? 29  ILE A C   1 
ATOM   258  O O   . ILE A 1 29  ? -2.027  -3.041  -7.112  1.00 11.75 ? 29  ILE A O   1 
ATOM   259  C CB  . ILE A 1 29  ? -1.273  -5.539  -8.311  1.00 11.65 ? 29  ILE A CB  1 
ATOM   260  C CG1 . ILE A 1 29  ? -1.139  -6.837  -9.151  1.00 8.43  ? 29  ILE A CG1 1 
ATOM   261  C CG2 . ILE A 1 29  ? -0.797  -5.852  -6.888  1.00 10.08 ? 29  ILE A CG2 1 
ATOM   262  C CD1 . ILE A 1 29  ? 0.264   -7.102  -9.747  1.00 12.83 ? 29  ILE A CD1 1 
ATOM   263  N N   . GLY A 1 30  ? -4.222  -3.511  -7.086  1.00 10.90 ? 30  GLY A N   1 
ATOM   264  C CA  . GLY A 1 30  ? -4.571  -2.345  -6.292  1.00 10.32 ? 30  GLY A CA  1 
ATOM   265  C C   . GLY A 1 30  ? -4.191  -1.029  -6.928  1.00 11.48 ? 30  GLY A C   1 
ATOM   266  O O   . GLY A 1 30  ? -3.740  -0.057  -6.253  1.00 12.69 ? 30  GLY A O   1 
ATOM   267  N N   . HIS A 1 31  ? -4.408  -0.953  -8.231  1.00 8.99  ? 31  HIS A N   1 
ATOM   268  C CA  . HIS A 1 31  ? -4.148  0.317   -8.884  1.00 10.80 ? 31  HIS A CA  1 
ATOM   269  C C   . HIS A 1 31  ? -5.460  1.086   -8.862  1.00 8.81  ? 31  HIS A C   1 
ATOM   270  O O   . HIS A 1 31  ? -6.380  0.799   -9.647  1.00 10.50 ? 31  HIS A O   1 
ATOM   271  C CB  . HIS A 1 31  ? -3.677  0.148   -10.332 1.00 9.28  ? 31  HIS A CB  1 
ATOM   272  C CG  . HIS A 1 31  ? -3.478  1.456   -11.003 1.00 9.54  ? 31  HIS A CG  1 
ATOM   273  N ND1 . HIS A 1 31  ? -2.344  2.206   -10.828 1.00 14.49 ? 31  HIS A ND1 1 
ATOM   274  C CD2 . HIS A 1 31  ? -4.334  2.232   -11.708 1.00 13.34 ? 31  HIS A CD2 1 
ATOM   275  C CE1 . HIS A 1 31  ? -2.478  3.360   -11.462 1.00 14.65 ? 31  HIS A CE1 1 
ATOM   276  N NE2 . HIS A 1 31  ? -3.679  3.397   -11.998 1.00 13.40 ? 31  HIS A NE2 1 
ATOM   277  N N   . LEU A 1 32  ? -5.499  2.100   -8.017  1.00 10.44 ? 32  LEU A N   1 
ATOM   278  C CA  . LEU A 1 32  ? -6.668  2.932   -7.837  1.00 12.64 ? 32  LEU A CA  1 
ATOM   279  C C   . LEU A 1 32  ? -6.818  3.774   -9.091  1.00 12.40 ? 32  LEU A C   1 
ATOM   280  O O   . LEU A 1 32  ? -5.868  4.440   -9.537  1.00 12.89 ? 32  LEU A O   1 
ATOM   281  C CB  . LEU A 1 32  ? -6.441  3.839   -6.615  1.00 13.09 ? 32  LEU A CB  1 
ATOM   282  C CG  . LEU A 1 32  ? -7.557  4.859   -6.324  1.00 14.71 ? 32  LEU A CG  1 
ATOM   283  C CD1 . LEU A 1 32  ? -8.892  4.148   -6.085  1.00 11.58 ? 32  LEU A CD1 1 
ATOM   284  C CD2 . LEU A 1 32  ? -7.167  5.813   -5.111  1.00 14.66 ? 32  LEU A CD2 1 
ATOM   285  N N   . LEU A 1 33  ? -7.984  3.727   -9.694  1.00 12.36 ? 33  LEU A N   1 
ATOM   286  C CA  . LEU A 1 33  ? -8.223  4.518   -10.927 1.00 13.55 ? 33  LEU A CA  1 
ATOM   287  C C   . LEU A 1 33  ? -8.855  5.860   -10.593 1.00 15.00 ? 33  LEU A C   1 
ATOM   288  O O   . LEU A 1 33  ? -8.431  6.902   -11.133 1.00 15.58 ? 33  LEU A O   1 
ATOM   289  C CB  . LEU A 1 33  ? -9.187  3.765   -11.795 1.00 13.92 ? 33  LEU A CB  1 
ATOM   290  C CG  . LEU A 1 33  ? -8.505  2.562   -12.417 1.00 9.98  ? 33  LEU A CG  1 
ATOM   291  C CD1 . LEU A 1 33  ? -9.565  1.659   -13.044 1.00 11.52 ? 33  LEU A CD1 1 
ATOM   292  C CD2 . LEU A 1 33  ? -7.461  2.996   -13.521 1.00 6.96  ? 33  LEU A CD2 1 
ATOM   293  N N   . THR A 1 34  ? -9.839  5.851   -9.690  1.00 15.13 ? 34  THR A N   1 
ATOM   294  C CA  . THR A 1 34  ? -10.499 7.058   -9.302  1.00 16.46 ? 34  THR A CA  1 
ATOM   295  C C   . THR A 1 34  ? -11.366 6.821   -8.084  1.00 17.47 ? 34  THR A C   1 
ATOM   296  O O   . THR A 1 34  ? -11.849 5.694   -7.874  1.00 17.59 ? 34  THR A O   1 
ATOM   297  C CB  . THR A 1 34  ? -11.450 7.614   -10.451 1.00 18.65 ? 34  THR A CB  1 
ATOM   298  O OG1 . THR A 1 34  ? -12.108 8.801   -9.996  1.00 19.78 ? 34  THR A OG1 1 
ATOM   299  C CG2 . THR A 1 34  ? -12.545 6.627   -10.792 1.00 12.88 ? 34  THR A CG2 1 
ATOM   300  N N   . LYS A 1 35  ? -11.616 7.902   -7.329  1.00 18.87 ? 35  LYS A N   1 
ATOM   301  C CA  . LYS A 1 35  ? -12.703 7.929   -6.331  1.00 21.97 ? 35  LYS A CA  1 
ATOM   302  C C   . LYS A 1 35  ? -14.101 8.268   -6.838  1.00 23.16 ? 35  LYS A C   1 
ATOM   303  O O   . LYS A 1 35  ? -15.097 8.112   -6.092  1.00 23.53 ? 35  LYS A O   1 
ATOM   304  C CB  . LYS A 1 35  ? -12.344 8.827   -5.156  1.00 22.07 ? 35  LYS A CB  1 
ATOM   305  C CG  . LYS A 1 35  ? -11.073 8.300   -4.499  1.00 22.54 ? 35  LYS A CG  1 
ATOM   306  C CD  . LYS A 1 35  ? -10.750 8.994   -3.188  1.00 20.80 ? 35  LYS A CD  1 
ATOM   307  C CE  . LYS A 1 35  ? -9.411  8.402   -2.700  1.00 28.15 ? 35  LYS A CE  1 
ATOM   308  N NZ  . LYS A 1 35  ? -8.923  9.055   -1.426  1.00 29.37 ? 35  LYS A NZ  1 
ATOM   309  N N   . SER A 1 36  ? -14.192 8.707   -8.086  1.00 23.27 ? 36  SER A N   1 
ATOM   310  C CA  . SER A 1 36  ? -15.482 8.963   -8.708  1.00 22.49 ? 36  SER A CA  1 
ATOM   311  C C   . SER A 1 36  ? -16.372 7.748   -8.773  1.00 22.79 ? 36  SER A C   1 
ATOM   312  O O   . SER A 1 36  ? -15.922 6.638   -9.102  1.00 20.74 ? 36  SER A O   1 
ATOM   313  C CB  . SER A 1 36  ? -15.291 9.474   -10.137 1.00 23.05 ? 36  SER A CB  1 
ATOM   314  O OG  . SER A 1 36  ? -16.547 9.487   -10.812 1.00 21.13 ? 36  SER A OG  1 
ATOM   315  N N   . PRO A 1 37  ? -17.656 7.945   -8.465  1.00 23.64 ? 37  PRO A N   1 
ATOM   316  C CA  . PRO A 1 37  ? -18.615 6.867   -8.609  1.00 23.78 ? 37  PRO A CA  1 
ATOM   317  C C   . PRO A 1 37  ? -18.985 6.613   -10.069 1.00 24.01 ? 37  PRO A C   1 
ATOM   318  O O   . PRO A 1 37  ? -19.775 5.730   -10.351 1.00 23.95 ? 37  PRO A O   1 
ATOM   319  C CB  . PRO A 1 37  ? -19.846 7.380   -7.845  1.00 24.98 ? 37  PRO A CB  1 
ATOM   320  C CG  . PRO A 1 37  ? -19.756 8.902   -7.926  1.00 24.78 ? 37  PRO A CG  1 
ATOM   321  C CD  . PRO A 1 37  ? -18.237 9.185   -7.927  1.00 24.30 ? 37  PRO A CD  1 
ATOM   322  N N   . ASP A 1 38  ? -18.390 7.364   -10.979 1.00 23.55 ? 38  ASP A N   1 
ATOM   323  C CA  . ASP A 1 38  ? -18.693 7.257   -12.408 1.00 23.61 ? 38  ASP A CA  1 
ATOM   324  C C   . ASP A 1 38  ? -17.767 6.195   -13.002 1.00 22.10 ? 38  ASP A C   1 
ATOM   325  O O   . ASP A 1 38  ? -16.535 6.401   -13.082 1.00 23.06 ? 38  ASP A O   1 
ATOM   326  C CB  . ASP A 1 38  ? -18.383 8.598   -13.039 1.00 23.90 ? 38  ASP A CB  1 
ATOM   327  C CG  . ASP A 1 38  ? -18.836 8.715   -14.489 1.00 29.00 ? 38  ASP A CG  1 
ATOM   328  O OD1 . ASP A 1 38  ? -19.292 7.742   -15.142 1.00 31.63 ? 38  ASP A OD1 1 
ATOM   329  O OD2 . ASP A 1 38  ? -18.713 9.858   -14.989 0.50 31.87 ? 38  ASP A OD2 1 
ATOM   330  N N   . LEU A 1 39  ? -18.344 5.075   -13.410 1.00 20.06 ? 39  LEU A N   1 
ATOM   331  C CA  . LEU A 1 39  ? -17.591 4.024   -14.033 1.00 17.93 ? 39  LEU A CA  1 
ATOM   332  C C   . LEU A 1 39  ? -16.873 4.554   -15.282 1.00 17.00 ? 39  LEU A C   1 
ATOM   333  O O   . LEU A 1 39  ? -15.725 4.201   -15.557 1.00 14.52 ? 39  LEU A O   1 
ATOM   334  C CB  . LEU A 1 39  ? -18.444 2.808   -14.308 1.00 19.75 ? 39  LEU A CB  1 
ATOM   335  C CG  . LEU A 1 39  ? -17.703 1.611   -14.995 1.00 19.08 ? 39  LEU A CG  1 
ATOM   336  C CD1 . LEU A 1 39  ? -16.499 0.979   -14.206 1.00 15.17 ? 39  LEU A CD1 1 
ATOM   337  C CD2 . LEU A 1 39  ? -18.754 0.622   -15.419 1.00 17.63 ? 39  LEU A CD2 1 
ATOM   338  N N   . ASN A 1 40  ? -17.507 5.454   -16.007 1.00 15.29 ? 40  ASN A N   1 
ATOM   339  C CA  . ASN A 1 40  ? -16.848 5.998   -17.168 1.00 16.57 ? 40  ASN A CA  1 
ATOM   340  C C   . ASN A 1 40  ? -15.598 6.818   -16.842 1.00 15.17 ? 40  ASN A C   1 
ATOM   341  O O   . ASN A 1 40  ? -14.689 6.903   -17.659 1.00 15.96 ? 40  ASN A O   1 
ATOM   342  C CB  . ASN A 1 40  ? -17.818 6.866   -17.958 1.00 19.04 ? 40  ASN A CB  1 
ATOM   343  C CG  . ASN A 1 40  ? -18.843 6.035   -18.705 1.00 24.09 ? 40  ASN A CG  1 
ATOM   344  O OD1 . ASN A 1 40  ? -18.551 4.941   -19.258 1.00 27.52 ? 40  ASN A OD1 1 
ATOM   345  N ND2 . ASN A 1 40  ? -20.081 6.539   -18.700 1.00 29.99 ? 40  ASN A ND2 1 
ATOM   346  N N   . ALA A 1 41  ? -15.606 7.502   -15.705 1.00 15.24 ? 41  ALA A N   1 
ATOM   347  C CA  . ALA A 1 41  ? -14.491 8.332   -15.296 1.00 15.24 ? 41  ALA A CA  1 
ATOM   348  C C   . ALA A 1 41  ? -13.354 7.376   -14.984 1.00 15.28 ? 41  ALA A C   1 
ATOM   349  O O   . ALA A 1 41  ? -12.180 7.704   -15.282 1.00 16.99 ? 41  ALA A O   1 
ATOM   350  C CB  . ALA A 1 41  ? -14.818 9.181   -14.128 1.00 13.34 ? 41  ALA A CB  1 
ATOM   351  N N   . ALA A 1 42  ? -13.678 6.202   -14.404 1.00 15.41 ? 42  ALA A N   1 
ATOM   352  C CA  . ALA A 1 42  ? -12.640 5.155   -14.174 1.00 13.34 ? 42  ALA A CA  1 
ATOM   353  C C   . ALA A 1 42  ? -12.090 4.563   -15.451 1.00 14.85 ? 42  ALA A C   1 
ATOM   354  O O   . ALA A 1 42  ? -10.872 4.299   -15.587 1.00 15.53 ? 42  ALA A O   1 
ATOM   355  C CB  . ALA A 1 42  ? -13.139 4.048   -13.181 1.00 14.75 ? 42  ALA A CB  1 
ATOM   356  N N   . LYS A 1 43  ? -12.976 4.344   -16.411 1.00 14.45 ? 43  LYS A N   1 
ATOM   357  C CA  . LYS A 1 43  ? -12.580 3.835   -17.700 1.00 13.01 ? 43  LYS A CA  1 
ATOM   358  C C   . LYS A 1 43  ? -11.721 4.817   -18.411 1.00 11.58 ? 43  LYS A C   1 
ATOM   359  O O   . LYS A 1 43  ? -10.779 4.400   -19.029 1.00 13.80 ? 43  LYS A O   1 
ATOM   360  C CB  . LYS A 1 43  ? -13.757 3.416   -18.586 1.00 13.83 ? 43  LYS A CB  1 
ATOM   361  C CG  . LYS A 1 43  ? -14.493 2.198   -18.041 1.00 18.49 ? 43  LYS A CG  1 
ATOM   362  C CD  . LYS A 1 43  ? -15.725 1.889   -18.850 1.00 21.84 ? 43  LYS A CD  1 
ATOM   363  C CE  . LYS A 1 43  ? -16.200 0.499   -18.466 1.00 26.35 ? 43  LYS A CE  1 
ATOM   364  N NZ  . LYS A 1 43  ? -17.143 -0.065  -19.440 1.00 30.22 ? 43  LYS A NZ  1 
ATOM   365  N N   . SER A 1 44  ? -12.003 6.113   -18.313 1.00 11.60 ? 44  SER A N   1 
ATOM   366  C CA  . SER A 1 44  ? -11.127 7.129   -18.955 1.00 12.83 ? 44  SER A CA  1 
ATOM   367  C C   . SER A 1 44  ? -9.712  7.102   -18.287 1.00 13.44 ? 44  SER A C   1 
ATOM   368  O O   . SER A 1 44  ? -8.639  7.098   -18.968 1.00 13.24 ? 44  SER A O   1 
ATOM   369  C CB  . SER A 1 44  ? -11.848 8.497   -18.898 1.00 14.76 ? 44  SER A CB  1 
ATOM   370  O OG  . SER A 1 44  ? -11.025 9.552   -19.328 1.00 18.81 ? 44  SER A OG  1 
ATOM   371  N N   . GLU A 1 45  ? -9.679  7.044   -16.949 1.00 13.03 ? 45  GLU A N   1 
ATOM   372  C CA  . GLU A 1 45  ? -8.394  6.974   -16.180 1.00 12.59 ? 45  GLU A CA  1 
ATOM   373  C C   . GLU A 1 45  ? -7.608  5.739   -16.543 1.00 12.07 ? 45  GLU A C   1 
ATOM   374  O O   . GLU A 1 45  ? -6.406  5.811   -16.671 1.00 13.76 ? 45  GLU A O   1 
ATOM   375  C CB  . GLU A 1 45  ? -8.646  6.920   -14.691 1.00 10.62 ? 45  GLU A CB  1 
ATOM   376  C CG  . GLU A 1 45  ? -9.125  8.237   -14.142 1.00 12.96 ? 45  GLU A CG  1 
ATOM   377  C CD  . GLU A 1 45  ? -8.143  9.364   -14.524 1.00 15.13 ? 45  GLU A CD  1 
ATOM   378  O OE1 . GLU A 1 45  ? -6.966  9.348   -14.111 1.00 13.31 ? 45  GLU A OE1 1 
ATOM   379  O OE2 . GLU A 1 45  ? -8.571  10.284  -15.220 1.00 17.67 ? 45  GLU A OE2 1 
ATOM   380  N N   . LEU A 1 46  ? -8.278  4.587   -16.695 1.00 11.28 ? 46  LEU A N   1 
ATOM   381  C CA  . LEU A 1 46  ? -7.642  3.353   -17.124 1.00 10.57 ? 46  LEU A CA  1 
ATOM   382  C C   . LEU A 1 46  ? -6.957  3.536   -18.473 1.00 11.44 ? 46  LEU A C   1 
ATOM   383  O O   . LEU A 1 46  ? -5.798  3.185   -18.642 1.00 12.45 ? 46  LEU A O   1 
ATOM   384  C CB  . LEU A 1 46  ? -8.615  2.137   -17.233 1.00 7.82  ? 46  LEU A CB  1 
ATOM   385  C CG  . LEU A 1 46  ? -8.006  0.792   -17.658 1.00 8.57  ? 46  LEU A CG  1 
ATOM   386  C CD1 . LEU A 1 46  ? -6.925  0.346   -16.674 1.00 11.19 ? 46  LEU A CD1 1 
ATOM   387  C CD2 . LEU A 1 46  ? -9.033  -0.275  -17.706 1.00 10.01 ? 46  LEU A CD2 1 
ATOM   388  N N   . ASP A 1 47  ? -7.699  4.046   -19.440 1.00 12.06 ? 47  ASP A N   1 
ATOM   389  C CA  . ASP A 1 47  ? -7.178  4.214   -20.762 1.00 11.19 ? 47  ASP A CA  1 
ATOM   390  C C   . ASP A 1 47  ? -5.998  5.191   -20.758 1.00 11.07 ? 47  ASP A C   1 
ATOM   391  O O   . ASP A 1 47  ? -5.058  4.996   -21.508 1.00 10.42 ? 47  ASP A O   1 
ATOM   392  C CB  . ASP A 1 47  ? -8.293  4.759   -21.620 1.00 10.99 ? 47  ASP A CB  1 
ATOM   393  C CG  . ASP A 1 47  ? -9.392  3.731   -21.862 1.00 12.43 ? 47  ASP A CG  1 
ATOM   394  O OD1 . ASP A 1 47  ? -9.258  2.511   -21.532 1.00 10.46 ? 47  ASP A OD1 1 
ATOM   395  O OD2 . ASP A 1 47  ? -10.354 4.155   -22.511 1.00 18.98 ? 47  ASP A OD2 1 
ATOM   396  N N   . LYS A 1 48  ? -6.104  6.277   -19.975 1.00 10.81 ? 48  LYS A N   1 
ATOM   397  C CA  . LYS A 1 48  ? -4.996  7.247   -19.821 1.00 10.31 ? 48  LYS A CA  1 
ATOM   398  C C   . LYS A 1 48  ? -3.729  6.517   -19.260 1.00 9.51  ? 48  LYS A C   1 
ATOM   399  O O   . LYS A 1 48  ? -2.604  6.725   -19.737 1.00 10.98 ? 48  LYS A O   1 
ATOM   400  C CB  . LYS A 1 48  ? -5.439  8.410   -18.934 1.00 8.87  ? 48  LYS A CB  1 
ATOM   401  C CG  . LYS A 1 48  ? -4.383  9.490   -18.798 1.00 9.35  ? 48  LYS A CG  1 
ATOM   402  C CD  . LYS A 1 48  ? -4.884  10.845  -18.286 1.00 8.34  ? 48  LYS A CD  1 
ATOM   403  C CE  . LYS A 1 48  ? -5.815  10.794  -17.102 1.00 9.68  ? 48  LYS A CE  1 
ATOM   404  N NZ  . LYS A 1 48  ? -5.189  10.398  -15.881 1.00 11.58 ? 48  LYS A NZ  1 
ATOM   405  N N   . ALA A 1 49  ? -3.944  5.612   -18.302 1.00 10.87 ? 49  ALA A N   1 
ATOM   406  C CA  . ALA A 1 49  ? -2.890  4.940   -17.535 1.00 12.51 ? 49  ALA A CA  1 
ATOM   407  C C   . ALA A 1 49  ? -2.149  3.959   -18.439 1.00 12.83 ? 49  ALA A C   1 
ATOM   408  O O   . ALA A 1 49  ? -0.886  3.825   -18.431 1.00 11.18 ? 49  ALA A O   1 
ATOM   409  C CB  . ALA A 1 49  ? -3.568  4.177   -16.341 1.00 13.07 ? 49  ALA A CB  1 
ATOM   410  N N   . ILE A 1 50  ? -2.932  3.318   -19.279 1.00 12.15 ? 50  ILE A N   1 
ATOM   411  C CA  . ILE A 1 50  ? -2.406  2.235   -20.112 1.00 12.61 ? 50  ILE A CA  1 
ATOM   412  C C   . ILE A 1 50  ? -1.944  2.729   -21.486 1.00 11.87 ? 50  ILE A C   1 
ATOM   413  O O   . ILE A 1 50  ? -1.085  2.102   -22.078 1.00 12.43 ? 50  ILE A O   1 
ATOM   414  C CB  . ILE A 1 50  ? -3.440  1.076   -20.290 1.00 10.16 ? 50  ILE A CB  1 
ATOM   415  C CG1 . ILE A 1 50  ? -3.791  0.510   -18.890 1.00 14.77 ? 50  ILE A CG1 1 
ATOM   416  C CG2 . ILE A 1 50  ? -2.881  -0.007  -21.232 1.00 11.98 ? 50  ILE A CG2 1 
ATOM   417  C CD1 . ILE A 1 50  ? -2.669  -0.157  -18.149 1.00 14.13 ? 50  ILE A CD1 1 
ATOM   418  N N   . GLY A 1 51  ? -2.460  3.875   -21.925 1.00 13.85 ? 51  GLY A N   1 
ATOM   419  C CA  . GLY A 1 51  ? -2.125  4.410   -23.261 1.00 14.53 ? 51  GLY A CA  1 
ATOM   420  C C   . GLY A 1 51  ? -2.906  3.734   -24.411 1.00 17.21 ? 51  GLY A C   1 
ATOM   421  O O   . GLY A 1 51  ? -2.493  3.771   -25.562 1.00 17.73 ? 51  GLY A O   1 
ATOM   422  N N   . ARG A 1 52  ? -4.022  3.091   -24.120 1.00 16.02 ? 52  ARG A N   1 
ATOM   423  C CA  . ARG A 1 52  ? -4.808  2.437   -25.158 1.00 16.50 ? 52  ARG A CA  1 
ATOM   424  C C   . ARG A 1 52  ? -6.225  2.406   -24.620 1.00 14.92 ? 52  ARG A C   1 
ATOM   425  O O   . ARG A 1 52  ? -6.419  2.680   -23.442 1.00 15.80 ? 52  ARG A O   1 
ATOM   426  C CB  . ARG A 1 52  ? -4.252  1.029   -25.540 1.00 15.77 ? 52  ARG A CB  1 
ATOM   427  C CG  . ARG A 1 52  ? -4.437  -0.048  -24.451 1.00 17.56 ? 52  ARG A CG  1 
ATOM   428  C CD  . ARG A 1 52  ? -4.043  -1.463  -24.939 1.00 20.09 ? 52  ARG A CD  1 
ATOM   429  N NE  . ARG A 1 52  ? -4.242  -2.467  -23.894 1.00 20.79 ? 52  ARG A NE  1 
ATOM   430  C CZ  . ARG A 1 52  ? -5.409  -2.997  -23.548 1.00 21.18 ? 52  ARG A CZ  1 
ATOM   431  N NH1 . ARG A 1 52  ? -6.497  -2.690  -24.246 1.00 25.60 ? 52  ARG A NH1 1 
ATOM   432  N NH2 . ARG A 1 52  ? -5.463  -3.914  -22.564 1.00 23.53 ? 52  ARG A NH2 1 
ATOM   433  N N   . ASN A 1 53  ? -7.188  2.098   -25.493 1.00 14.53 ? 53  ASN A N   1 
ATOM   434  C CA  . ASN A 1 53  ? -8.605  2.004   -25.200 1.00 15.36 ? 53  ASN A CA  1 
ATOM   435  C C   . ASN A 1 53  ? -8.839  0.623   -24.592 1.00 15.47 ? 53  ASN A C   1 
ATOM   436  O O   . ASN A 1 53  ? -8.825  -0.353  -25.296 1.00 13.54 ? 53  ASN A O   1 
ATOM   437  C CB  . ASN A 1 53  ? -9.385  2.086   -26.526 1.00 15.64 ? 53  ASN A CB  1 
ATOM   438  C CG  . ASN A 1 53  ? -9.698  3.516   -26.951 0.50 16.35 ? 53  ASN A CG  1 
ATOM   439  O OD1 . ASN A 1 53  ? -9.648  4.446   -26.160 0.50 17.84 ? 53  ASN A OD1 1 
ATOM   440  N ND2 . ASN A 1 53  ? -10.027 3.686   -28.214 0.50 14.99 ? 53  ASN A ND2 1 
ATOM   441  N N   . CYS A 1 54  ? -8.956  0.515   -23.274 1.00 15.19 ? 54  CYS A N   1 
ATOM   442  C CA  . CYS A 1 54  ? -8.918  -0.840  -22.669 1.00 15.66 ? 54  CYS A CA  1 
ATOM   443  C C   . CYS A 1 54  ? -10.268 -1.421  -22.501 1.00 15.84 ? 54  CYS A C   1 
ATOM   444  O O   . CYS A 1 54  ? -10.409 -2.651  -22.281 1.00 18.75 ? 54  CYS A O   1 
ATOM   445  C CB  . CYS A 1 54  ? -8.245  -0.832  -21.304 1.00 14.40 ? 54  CYS A CB  1 
ATOM   446  S SG  . CYS A 1 54  ? -6.582  -0.275  -21.422 1.00 17.76 ? 54  CYS A SG  1 
ATOM   447  N N   . ASN A 1 55  ? -11.275 -0.559  -22.572 1.00 16.88 ? 55  ASN A N   1 
ATOM   448  C CA  . ASN A 1 55  ? -12.661 -0.979  -22.321 1.00 17.33 ? 55  ASN A CA  1 
ATOM   449  C C   . ASN A 1 55  ? -12.780 -1.768  -20.986 1.00 17.29 ? 55  ASN A C   1 
ATOM   450  O O   . ASN A 1 55  ? -13.391 -2.847  -20.927 1.00 18.40 ? 55  ASN A O   1 
ATOM   451  C CB  . ASN A 1 55  ? -13.251 -1.690  -23.575 0.50 17.07 ? 55  ASN A CB  1 
ATOM   452  C CG  . ASN A 1 55  ? -13.599 -0.691  -24.699 0.50 16.33 ? 55  ASN A CG  1 
ATOM   453  O OD1 . ASN A 1 55  ? -12.832 -0.478  -25.661 0.50 15.28 ? 55  ASN A OD1 1 
ATOM   454  N ND2 . ASN A 1 55  ? -14.772 -0.052  -24.563 0.50 17.57 ? 55  ASN A ND2 1 
ATOM   455  N N   . GLY A 1 56  ? -12.148 -1.211  -19.935 1.00 17.17 ? 56  GLY A N   1 
ATOM   456  C CA  . GLY A 1 56  ? -12.239 -1.743  -18.558 1.00 15.09 ? 56  GLY A CA  1 
ATOM   457  C C   . GLY A 1 56  ? -11.519 -3.048  -18.291 1.00 13.62 ? 56  GLY A C   1 
ATOM   458  O O   . GLY A 1 56  ? -11.709 -3.641  -17.244 1.00 13.57 ? 56  GLY A O   1 
ATOM   459  N N   . VAL A 1 57  ? -10.642 -3.475  -19.202 1.00 13.31 ? 57  VAL A N   1 
ATOM   460  C CA  . VAL A 1 57  ? -9.914  -4.700  -19.049 1.00 13.69 ? 57  VAL A CA  1 
ATOM   461  C C   . VAL A 1 57  ? -8.461  -4.512  -19.483 1.00 12.83 ? 57  VAL A C   1 
ATOM   462  O O   . VAL A 1 57  ? -8.140  -3.810  -20.454 1.00 12.42 ? 57  VAL A O   1 
ATOM   463  C CB  . VAL A 1 57  ? -10.548 -5.886  -19.836 1.00 15.47 ? 57  VAL A CB  1 
ATOM   464  C CG1 . VAL A 1 57  ? -9.791  -7.150  -19.531 1.00 13.56 ? 57  VAL A CG1 1 
ATOM   465  C CG2 . VAL A 1 57  ? -12.026 -6.050  -19.427 1.00 14.18 ? 57  VAL A CG2 1 
ATOM   466  N N   . ILE A 1 58  ? -7.584  -5.115  -18.706 1.00 13.06 ? 58  ILE A N   1 
ATOM   467  C CA  . ILE A 1 58  ? -6.172  -5.092  -19.008 1.00 12.11 ? 58  ILE A CA  1 
ATOM   468  C C   . ILE A 1 58  ? -5.586  -6.487  -18.910 1.00 12.45 ? 58  ILE A C   1 
ATOM   469  O O   . ILE A 1 58  ? -6.238  -7.425  -18.403 1.00 13.66 ? 58  ILE A O   1 
ATOM   470  C CB  . ILE A 1 58  ? -5.368  -4.146  -18.034 1.00 10.33 ? 58  ILE A CB  1 
ATOM   471  C CG1 . ILE A 1 58  ? -5.401  -4.678  -16.582 1.00 12.49 ? 58  ILE A CG1 1 
ATOM   472  C CG2 . ILE A 1 58  ? -5.825  -2.621  -18.198 1.00 12.03 ? 58  ILE A CG2 1 
ATOM   473  C CD1 . ILE A 1 58  ? -4.418  -3.889  -15.601 1.00 9.93  ? 58  ILE A CD1 1 
ATOM   474  N N   . THR A 1 59  ? -4.342  -6.612  -19.394 1.00 12.65 ? 59  THR A N   1 
ATOM   475  C CA  . THR A 1 59  ? -3.555  -7.838  -19.277 1.00 13.78 ? 59  THR A CA  1 
ATOM   476  C C   . THR A 1 59  ? -2.745  -7.929  -17.968 1.00 14.47 ? 59  THR A C   1 
ATOM   477  O O   . THR A 1 59  ? -2.539  -6.923  -17.256 1.00 12.93 ? 59  THR A O   1 
ATOM   478  C CB  . THR A 1 59  ? -2.609  -7.986  -20.485 1.00 15.34 ? 59  THR A CB  1 
ATOM   479  O OG1 . THR A 1 59  ? -1.558  -7.002  -20.385 1.00 14.31 ? 59  THR A OG1 1 
ATOM   480  C CG2 . THR A 1 59  ? -3.448  -7.891  -21.837 1.00 14.99 ? 59  THR A CG2 1 
ATOM   481  N N   . LYS A 1 60  ? -2.253  -9.146  -17.690 1.00 15.15 ? 60  LYS A N   1 
ATOM   482  C CA  . LYS A 1 60  ? -1.392  -9.349  -16.535 1.00 15.55 ? 60  LYS A CA  1 
ATOM   483  C C   . LYS A 1 60  ? -0.175  -8.457  -16.662 1.00 15.96 ? 60  LYS A C   1 
ATOM   484  O O   . LYS A 1 60  ? 0.244   -7.818  -15.677 1.00 15.57 ? 60  LYS A O   1 
ATOM   485  C CB  . LYS A 1 60  ? -1.002  -10.809 -16.376 1.00 15.63 ? 60  LYS A CB  1 
ATOM   486  C CG  . LYS A 1 60  ? -0.240  -11.089 -15.069 1.00 14.56 ? 60  LYS A CG  1 
ATOM   487  C CD  . LYS A 1 60  ? -0.154  -12.526 -14.731 1.00 16.36 ? 60  LYS A CD  1 
ATOM   488  C CE  . LYS A 1 60  ? 1.007   -12.781 -13.778 1.00 21.55 ? 60  LYS A CE  1 
ATOM   489  N NZ  . LYS A 1 60  ? 1.146   -14.208 -13.322 0.50 24.65 ? 60  LYS A NZ  1 
ATOM   490  N N   . ASP A 1 61  ? 0.405   -8.403  -17.875 1.00 16.94 ? 61  ASP A N   1 
ATOM   491  C CA  . ASP A 1 61  ? 1.608   -7.584  -18.060 1.00 15.82 ? 61  ASP A CA  1 
ATOM   492  C C   . ASP A 1 61  ? 1.292   -6.122  -17.767 1.00 13.72 ? 61  ASP A C   1 
ATOM   493  O O   . ASP A 1 61  ? 2.096   -5.421  -17.133 1.00 12.79 ? 61  ASP A O   1 
ATOM   494  C CB  . ASP A 1 61  ? 2.110   -7.672  -19.485 1.00 16.67 ? 61  ASP A CB  1 
ATOM   495  C CG  . ASP A 1 61  ? 2.806   -8.973  -19.781 1.00 22.04 ? 61  ASP A CG  1 
ATOM   496  O OD1 . ASP A 1 61  ? 2.886   -9.908  -18.935 1.00 24.22 ? 61  ASP A OD1 1 
ATOM   497  O OD2 . ASP A 1 61  ? 3.286   -9.077  -20.926 1.00 29.10 ? 61  ASP A OD2 1 
ATOM   498  N N   . GLU A 1 62  ? 0.149   -5.650  -18.266 1.00 12.95 ? 62  GLU A N   1 
ATOM   499  C CA  . GLU A 1 62  ? -0.247  -4.248  -18.029 1.00 13.13 ? 62  GLU A CA  1 
ATOM   500  C C   . GLU A 1 62  ? -0.475  -4.068  -16.539 1.00 11.06 ? 62  GLU A C   1 
ATOM   501  O O   . GLU A 1 62  ? -0.159  -3.001  -16.020 1.00 10.10 ? 62  GLU A O   1 
ATOM   502  C CB  . GLU A 1 62  ? -1.484  -3.876  -18.796 1.00 13.17 ? 62  GLU A CB  1 
ATOM   503  C CG  . GLU A 1 62  ? -1.274  -4.036  -20.307 1.00 16.48 ? 62  GLU A CG  1 
ATOM   504  C CD  . GLU A 1 62  ? -2.498  -3.831  -21.201 1.00 16.24 ? 62  GLU A CD  1 
ATOM   505  O OE1 . GLU A 1 62  ? -3.650  -4.242  -20.874 1.00 15.48 ? 62  GLU A OE1 1 
ATOM   506  O OE2 . GLU A 1 62  ? -2.289  -3.233  -22.291 1.00 15.92 ? 62  GLU A OE2 1 
ATOM   507  N N   . ALA A 1 63  ? -1.050  -5.088  -15.855 1.00 10.00 ? 63  ALA A N   1 
ATOM   508  C CA  . ALA A 1 63  ? -1.233  -4.953  -14.397 1.00 8.92  ? 63  ALA A CA  1 
ATOM   509  C C   . ALA A 1 63  ? 0.103   -4.774  -13.679 1.00 10.79 ? 63  ALA A C   1 
ATOM   510  O O   . ALA A 1 63  ? 0.228   -3.853  -12.845 1.00 11.01 ? 63  ALA A O   1 
ATOM   511  C CB  . ALA A 1 63  ? -1.980  -6.093  -13.806 1.00 11.14 ? 63  ALA A CB  1 
ATOM   512  N N   . GLU A 1 64  ? 1.087   -5.635  -14.010 1.00 10.55 ? 64  GLU A N   1 
ATOM   513  C CA  . GLU A 1 64  ? 2.384   -5.605  -13.379 1.00 9.59  ? 64  GLU A CA  1 
ATOM   514  C C   . GLU A 1 64  ? 3.098   -4.323  -13.740 1.00 10.50 ? 64  GLU A C   1 
ATOM   515  O O   . GLU A 1 64  ? 3.796   -3.775  -12.934 1.00 10.93 ? 64  GLU A O   1 
ATOM   516  C CB  . GLU A 1 64  ? 3.140   -6.835  -13.764 1.00 11.46 ? 64  GLU A CB  1 
ATOM   517  C CG  . GLU A 1 64  ? 2.543   -8.120  -13.061 1.00 12.95 ? 64  GLU A CG  1 
ATOM   518  C CD  . GLU A 1 64  ? 3.002   -9.421  -13.735 1.00 19.94 ? 64  GLU A CD  1 
ATOM   519  O OE1 . GLU A 1 64  ? 3.585   -9.325  -14.851 1.00 21.72 ? 64  GLU A OE1 1 
ATOM   520  O OE2 . GLU A 1 64  ? 2.730   -10.536 -13.194 1.00 21.66 ? 64  GLU A OE2 1 
ATOM   521  N N   . LYS A 1 65  ? 2.884   -3.802  -14.944 1.00 9.94  ? 65  LYS A N   1 
ATOM   522  C CA  . LYS A 1 65  ? 3.482   -2.521  -15.248 1.00 10.27 ? 65  LYS A CA  1 
ATOM   523  C C   . LYS A 1 65  ? 2.991   -1.373  -14.348 1.00 10.44 ? 65  LYS A C   1 
ATOM   524  O O   . LYS A 1 65  ? 3.780   -0.618  -13.796 1.00 8.28  ? 65  LYS A O   1 
ATOM   525  C CB  . LYS A 1 65  ? 3.296   -2.187  -16.724 1.00 10.94 ? 65  LYS A CB  1 
ATOM   526  C CG  . LYS A 1 65  ? 4.003   -0.913  -17.032 1.00 9.62  ? 65  LYS A CG  1 
ATOM   527  C CD  . LYS A 1 65  ? 3.974   -0.722  -18.517 1.00 18.05 ? 65  LYS A CD  1 
ATOM   528  C CE  . LYS A 1 65  ? 4.744   0.533   -18.766 1.00 20.75 ? 65  LYS A CE  1 
ATOM   529  N NZ  . LYS A 1 65  ? 5.420   0.520   -20.033 1.00 22.44 ? 65  LYS A NZ  1 
ATOM   530  N N   . LEU A 1 66  ? 1.685   -1.229  -14.221 1.00 11.27 ? 66  LEU A N   1 
ATOM   531  C CA  . LEU A 1 66  ? 1.077   -0.227  -13.326 1.00 10.98 ? 66  LEU A CA  1 
ATOM   532  C C   . LEU A 1 66  ? 1.625   -0.451  -11.895 1.00 10.20 ? 66  LEU A C   1 
ATOM   533  O O   . LEU A 1 66  ? 1.909   0.507   -11.135 1.00 8.48  ? 66  LEU A O   1 
ATOM   534  C CB  . LEU A 1 66  ? -0.460  -0.427  -13.330 1.00 11.43 ? 66  LEU A CB  1 
ATOM   535  C CG  . LEU A 1 66  ? -1.187  0.033   -14.660 1.00 10.72 ? 66  LEU A CG  1 
ATOM   536  C CD1 . LEU A 1 66  ? -2.702  -0.309  -14.516 1.00 15.89 ? 66  LEU A CD1 1 
ATOM   537  C CD2 . LEU A 1 66  ? -1.060  1.505   -14.848 1.00 17.06 ? 66  LEU A CD2 1 
ATOM   538  N N   . PHE A 1 67  ? 1.706   -1.724  -11.527 1.00 10.45 ? 67  PHE A N   1 
ATOM   539  C CA  . PHE A 1 67  ? 2.125   -2.117  -10.168 1.00 11.64 ? 67  PHE A CA  1 
ATOM   540  C C   . PHE A 1 67  ? 3.568   -1.656  -9.925  1.00 11.66 ? 67  PHE A C   1 
ATOM   541  O O   . PHE A 1 67  ? 3.884   -1.041  -8.898  1.00 12.35 ? 67  PHE A O   1 
ATOM   542  C CB  . PHE A 1 67  ? 1.986   -3.630  -10.009 1.00 10.74 ? 67  PHE A CB  1 
ATOM   543  C CG  . PHE A 1 67  ? 2.348   -4.179  -8.597  1.00 13.29 ? 67  PHE A CG  1 
ATOM   544  C CD1 . PHE A 1 67  ? 1.991   -3.496  -7.439  1.00 11.59 ? 67  PHE A CD1 1 
ATOM   545  C CD2 . PHE A 1 67  ? 2.974   -5.451  -8.481  1.00 14.66 ? 67  PHE A CD2 1 
ATOM   546  C CE1 . PHE A 1 67  ? 2.224   -4.011  -6.177  1.00 13.70 ? 67  PHE A CE1 1 
ATOM   547  C CE2 . PHE A 1 67  ? 3.242   -5.988  -7.220  1.00 8.46  ? 67  PHE A CE2 1 
ATOM   548  C CZ  . PHE A 1 67  ? 2.877   -5.260  -6.075  1.00 14.46 ? 67  PHE A CZ  1 
ATOM   549  N N   . ASN A 1 68  ? 4.464   -2.001  -10.838 1.00 11.62 ? 68  ASN A N   1 
ATOM   550  C CA  A ASN A 1 68  ? 5.825   -1.479  -10.826 0.50 11.70 ? 68  ASN A CA  1 
ATOM   551  C CA  B ASN A 1 68  ? 5.813   -1.487  -10.702 0.50 11.62 ? 68  ASN A CA  1 
ATOM   552  C C   . ASN A 1 68  ? 5.841   0.020   -10.604 1.00 11.78 ? 68  ASN A C   1 
ATOM   553  O O   . ASN A 1 68  ? 6.555   0.536   -9.778  1.00 13.01 ? 68  ASN A O   1 
ATOM   554  C CB  A ASN A 1 68  ? 6.506   -1.832  -12.156 0.50 11.53 ? 68  ASN A CB  1 
ATOM   555  C CB  B ASN A 1 68  ? 6.712   -1.996  -11.815 0.50 11.63 ? 68  ASN A CB  1 
ATOM   556  C CG  A ASN A 1 68  ? 7.099   -3.233  -12.163 0.50 12.13 ? 68  ASN A CG  1 
ATOM   557  C CG  B ASN A 1 68  ? 8.179   -1.705  -11.569 0.50 11.61 ? 68  ASN A CG  1 
ATOM   558  O OD1 A ASN A 1 68  ? 7.468   -3.755  -11.109 0.50 13.94 ? 68  ASN A OD1 1 
ATOM   559  O OD1 B ASN A 1 68  ? 8.571   -0.978  -10.648 0.50 13.56 ? 68  ASN A OD1 1 
ATOM   560  N ND2 A ASN A 1 68  ? 7.210   -3.843  -13.357 0.50 8.69  ? 68  ASN A ND2 1 
ATOM   561  N ND2 B ASN A 1 68  ? 9.014   -2.304  -12.398 0.50 15.20 ? 68  ASN A ND2 1 
ATOM   562  N N   . GLN A 1 69  ? 5.057   0.753   -11.421 1.00 11.81 ? 69  GLN A N   1 
ATOM   563  C CA  . GLN A 1 69  ? 5.018   2.198   -11.283 1.00 11.54 ? 69  GLN A CA  1 
ATOM   564  C C   . GLN A 1 69  ? 4.483   2.646   -9.903  1.00 12.95 ? 69  GLN A C   1 
ATOM   565  O O   . GLN A 1 69  ? 5.027   3.601   -9.301  1.00 12.00 ? 69  GLN A O   1 
ATOM   566  C CB  . GLN A 1 69  ? 4.124   2.818   -12.354 1.00 12.40 ? 69  GLN A CB  1 
ATOM   567  C CG  . GLN A 1 69  ? 4.668   2.592   -13.704 1.00 9.65  ? 69  GLN A CG  1 
ATOM   568  C CD  . GLN A 1 69  ? 3.832   3.120   -14.818 1.00 15.93 ? 69  GLN A CD  1 
ATOM   569  O OE1 . GLN A 1 69  ? 4.368   3.207   -15.923 1.00 14.26 ? 69  GLN A OE1 1 
ATOM   570  N NE2 . GLN A 1 69  ? 2.513   3.498   -14.572 1.00 7.52  ? 69  GLN A NE2 1 
ATOM   571  N N   . ASP A 1 70  ? 3.458   1.937   -9.419  1.00 12.06 ? 70  ASP A N   1 
ATOM   572  C CA  . ASP A 1 70  ? 2.795   2.252   -8.133  1.00 13.01 ? 70  ASP A CA  1 
ATOM   573  C C   . ASP A 1 70  ? 3.719   2.037   -6.935  1.00 13.30 ? 70  ASP A C   1 
ATOM   574  O O   . ASP A 1 70  ? 3.791   2.905   -6.068  1.00 13.91 ? 70  ASP A O   1 
ATOM   575  C CB  . ASP A 1 70  ? 1.460   1.484   -7.972  1.00 12.93 ? 70  ASP A CB  1 
ATOM   576  C CG  . ASP A 1 70  ? 0.392   2.016   -8.939  1.00 12.85 ? 70  ASP A CG  1 
ATOM   577  O OD1 . ASP A 1 70  ? 0.642   3.041   -9.604  1.00 10.38 ? 70  ASP A OD1 1 
ATOM   578  O OD2 . ASP A 1 70  ? -0.645  1.397   -9.059  1.00 15.54 ? 70  ASP A OD2 1 
ATOM   579  N N   . VAL A 1 71  ? 4.468   0.938   -6.955  1.00 13.81 ? 71  VAL A N   1 
ATOM   580  C CA  . VAL A 1 71  ? 5.420   0.647   -5.870  1.00 14.32 ? 71  VAL A CA  1 
ATOM   581  C C   . VAL A 1 71  ? 6.529   1.687   -5.878  1.00 13.97 ? 71  VAL A C   1 
ATOM   582  O O   . VAL A 1 71  ? 6.828   2.314   -4.863  1.00 13.66 ? 71  VAL A O   1 
ATOM   583  C CB  . VAL A 1 71  ? 5.925   -0.757  -5.957  1.00 14.69 ? 71  VAL A CB  1 
ATOM   584  C CG1 . VAL A 1 71  ? 7.056   -1.020  -4.880  1.00 17.08 ? 71  VAL A CG1 1 
ATOM   585  C CG2 . VAL A 1 71  ? 4.754   -1.729  -5.849  1.00 13.00 ? 71  VAL A CG2 1 
ATOM   586  N N   . ASP A 1 72  ? 7.108   1.900   -7.060  1.00 13.09 ? 72  ASP A N   1 
ATOM   587  C CA  A ASP A 1 72  ? 8.146   2.862   -7.244  0.50 12.65 ? 72  ASP A CA  1 
ATOM   588  C CA  B ASP A 1 72  ? 8.159   2.861   -7.212  0.25 12.18 ? 72  ASP A CA  1 
ATOM   589  C C   . ASP A 1 72  ? 7.661   4.214   -6.737  1.00 13.46 ? 72  ASP A C   1 
ATOM   590  O O   . ASP A 1 72  ? 8.315   4.871   -5.896  1.00 13.48 ? 72  ASP A O   1 
ATOM   591  C CB  A ASP A 1 72  ? 8.490   2.911   -8.721  0.50 12.21 ? 72  ASP A CB  1 
ATOM   592  C CB  B ASP A 1 72  ? 8.593   2.913   -8.659  0.50 10.51 ? 72  ASP A CB  1 
ATOM   593  C CG  A ASP A 1 72  ? 9.759   3.639   -8.989  0.50 15.38 ? 72  ASP A CG  1 
ATOM   594  C CG  B ASP A 1 72  ? 9.796   3.782   -8.868  0.25 9.93  ? 72  ASP A CG  1 
ATOM   595  O OD1 A ASP A 1 72  ? 10.420  4.008   -8.001  0.50 14.46 ? 72  ASP A OD1 1 
ATOM   596  O OD1 B ASP A 1 72  ? 10.901  3.195   -8.999  0.25 10.93 ? 72  ASP A OD1 1 
ATOM   597  O OD2 A ASP A 1 72  ? 10.103  3.824   -10.196 0.50 17.74 ? 72  ASP A OD2 1 
ATOM   598  O OD2 B ASP A 1 72  ? 9.632   5.032   -8.919  0.25 2.00  ? 72  ASP A OD2 1 
ATOM   599  N N   . ALA A 1 73  ? 6.493   4.637   -7.218  1.00 14.64 ? 73  ALA A N   1 
ATOM   600  C CA  . ALA A 1 73  ? 5.951   5.900   -6.724  1.00 16.63 ? 73  ALA A CA  1 
ATOM   601  C C   . ALA A 1 73  ? 5.747   5.934   -5.195  1.00 15.99 ? 73  ALA A C   1 
ATOM   602  O O   . ALA A 1 73  ? 6.005   6.981   -4.580  1.00 16.82 ? 73  ALA A O   1 
ATOM   603  C CB  . ALA A 1 73  ? 4.646   6.223   -7.384  1.00 18.31 ? 73  ALA A CB  1 
ATOM   604  N N   . ALA A 1 74  ? 5.278   4.844   -4.597  1.00 15.03 ? 74  ALA A N   1 
ATOM   605  C CA  . ALA A 1 74  ? 5.053   4.818   -3.126  1.00 14.63 ? 74  ALA A CA  1 
ATOM   606  C C   . ALA A 1 74  ? 6.414   5.174   -2.404  1.00 14.71 ? 74  ALA A C   1 
ATOM   607  O O   . ALA A 1 74  ? 6.437   5.988   -1.517  1.00 15.11 ? 74  ALA A O   1 
ATOM   608  C CB  . ALA A 1 74  ? 4.457   3.492   -2.670  1.00 12.58 ? 74  ALA A CB  1 
ATOM   609  N N   . VAL A 1 75  ? 7.527   4.607   -2.887  1.00 14.47 ? 75  VAL A N   1 
ATOM   610  C CA  . VAL A 1 75  ? 8.851   4.747   -2.230  1.00 15.31 ? 75  VAL A CA  1 
ATOM   611  C C   . VAL A 1 75  ? 9.310   6.172   -2.387  1.00 16.89 ? 75  VAL A C   1 
ATOM   612  O O   . VAL A 1 75  ? 9.735   6.842   -1.412  1.00 16.13 ? 75  VAL A O   1 
ATOM   613  C CB  . VAL A 1 75  ? 9.917   3.830   -2.881  1.00 15.57 ? 75  VAL A CB  1 
ATOM   614  C CG1 . VAL A 1 75  ? 11.327  4.084   -2.198  1.00 12.54 ? 75  VAL A CG1 1 
ATOM   615  C CG2 . VAL A 1 75  ? 9.507   2.440   -2.750  1.00 13.69 ? 75  VAL A CG2 1 
ATOM   616  N N   . ARG A 1 76  ? 9.213   6.627   -3.642  1.00 17.86 ? 76  ARG A N   1 
ATOM   617  C CA  . ARG A 1 76  ? 9.688   7.918   -3.997  1.00 18.45 ? 76  ARG A CA  1 
ATOM   618  C C   . ARG A 1 76  ? 8.862   8.955   -3.220  1.00 18.97 ? 76  ARG A C   1 
ATOM   619  O O   . ARG A 1 76  ? 9.435   9.963   -2.797  1.00 18.42 ? 76  ARG A O   1 
ATOM   620  C CB  . ARG A 1 76  ? 9.671   8.156   -5.516  1.00 18.37 ? 76  ARG A CB  1 
ATOM   621  C CG  . ARG A 1 76  ? 10.723  7.331   -6.279  1.00 21.02 ? 76  ARG A CG  1 
ATOM   622  C CD  . ARG A 1 76  ? 12.236  7.583   -5.789  1.00 23.30 ? 76  ARG A CD  1 
ATOM   623  N NE  . ARG A 1 76  ? 12.812  8.911   -6.131  1.00 24.78 ? 76  ARG A NE  1 
ATOM   624  C CZ  . ARG A 1 76  ? 13.219  9.288   -7.358  1.00 24.82 ? 76  ARG A CZ  1 
ATOM   625  N NH1 . ARG A 1 76  ? 13.106  8.458   -8.412  1.00 23.72 ? 76  ARG A NH1 1 
ATOM   626  N NH2 . ARG A 1 76  ? 13.779  10.497  -7.512  1.00 21.50 ? 76  ARG A NH2 1 
ATOM   627  N N   . GLY A 1 77  ? 7.569   8.664   -3.002  1.00 17.52 ? 77  GLY A N   1 
ATOM   628  C CA  . GLY A 1 77  ? 6.729   9.542   -2.186  1.00 18.05 ? 77  GLY A CA  1 
ATOM   629  C C   . GLY A 1 77  ? 7.176   9.620   -0.718  1.00 18.04 ? 77  GLY A C   1 
ATOM   630  O O   . GLY A 1 77  ? 7.314   10.724  -0.138  1.00 18.57 ? 77  GLY A O   1 
ATOM   631  N N   . ILE A 1 78  ? 7.469   8.459   -0.156  1.00 14.98 ? 78  ILE A N   1 
ATOM   632  C CA  . ILE A 1 78  ? 7.979   8.398   1.202   1.00 15.97 ? 78  ILE A CA  1 
ATOM   633  C C   . ILE A 1 78  ? 9.288   9.250   1.306   1.00 16.71 ? 78  ILE A C   1 
ATOM   634  O O   . ILE A 1 78  ? 9.442   10.102  2.220   1.00 16.13 ? 78  ILE A O   1 
ATOM   635  C CB  . ILE A 1 78  ? 8.266   6.932   1.574   1.00 15.31 ? 78  ILE A CB  1 
ATOM   636  C CG1 . ILE A 1 78  ? 6.965   6.222   1.914   1.00 13.49 ? 78  ILE A CG1 1 
ATOM   637  C CG2 . ILE A 1 78  ? 9.249   6.872   2.780   1.00 13.94 ? 78  ILE A CG2 1 
ATOM   638  C CD1 . ILE A 1 78  ? 7.094   4.649   1.873   1.00 12.53 ? 78  ILE A CD1 1 
ATOM   639  N N   . LEU A 1 79  ? 10.199  9.039   0.342   1.00 17.70 ? 79  LEU A N   1 
ATOM   640  C CA  . LEU A 1 79  ? 11.529  9.706   0.340   1.00 18.29 ? 79  LEU A CA  1 
ATOM   641  C C   . LEU A 1 79  ? 11.396  11.212  0.181   1.00 19.08 ? 79  LEU A C   1 
ATOM   642  O O   . LEU A 1 79  ? 12.229  11.917  0.695   1.00 20.14 ? 79  LEU A O   1 
ATOM   643  C CB  . LEU A 1 79  ? 12.458  9.103   -0.720  1.00 16.98 ? 79  LEU A CB  1 
ATOM   644  C CG  . LEU A 1 79  ? 12.763  7.608   -0.616  1.00 18.32 ? 79  LEU A CG  1 
ATOM   645  C CD1 . LEU A 1 79  ? 13.851  7.272   -1.637  1.00 20.14 ? 79  LEU A CD1 1 
ATOM   646  C CD2 . LEU A 1 79  ? 13.225  7.168   0.816   1.00 14.70 ? 79  LEU A CD2 1 
ATOM   647  N N   . ARG A 1 80  ? 10.312  11.697  -0.440  1.00 20.00 ? 80  ARG A N   1 
ATOM   648  C CA  A ARG A 1 80  ? 10.000  13.125  -0.671  0.50 21.00 ? 80  ARG A CA  1 
ATOM   649  C CA  B ARG A 1 80  ? 10.130  13.144  -0.610  0.50 21.04 ? 80  ARG A CA  1 
ATOM   650  C C   . ARG A 1 80  ? 9.354   13.770  0.559   1.00 21.27 ? 80  ARG A C   1 
ATOM   651  O O   . ARG A 1 80  ? 9.288   14.979  0.695   1.00 21.73 ? 80  ARG A O   1 
ATOM   652  C CB  A ARG A 1 80  ? 8.992   13.265  -1.841  0.50 20.88 ? 80  ARG A CB  1 
ATOM   653  C CB  B ARG A 1 80  ? 9.465   13.466  -1.961  0.50 21.20 ? 80  ARG A CB  1 
ATOM   654  C CG  A ARG A 1 80  ? 9.574   13.756  -3.150  0.50 21.97 ? 80  ARG A CG  1 
ATOM   655  C CG  B ARG A 1 80  ? 10.396  13.215  -3.151  0.50 22.66 ? 80  ARG A CG  1 
ATOM   656  C CD  A ARG A 1 80  ? 8.490   13.969  -4.244  0.50 21.53 ? 80  ARG A CD  1 
ATOM   657  C CD  B ARG A 1 80  ? 9.732   13.596  -4.468  0.50 21.75 ? 80  ARG A CD  1 
ATOM   658  N NE  A ARG A 1 80  ? 8.389   12.849  -5.200  0.50 22.62 ? 80  ARG A NE  1 
ATOM   659  N NE  B ARG A 1 80  ? 9.248   12.436  -5.220  0.50 25.51 ? 80  ARG A NE  1 
ATOM   660  C CZ  A ARG A 1 80  ? 7.367   12.008  -5.291  0.50 17.84 ? 80  ARG A CZ  1 
ATOM   661  C CZ  B ARG A 1 80  ? 9.923   11.896  -6.224  0.50 22.61 ? 80  ARG A CZ  1 
ATOM   662  N NH1 A ARG A 1 80  ? 6.310   12.129  -4.500  0.50 20.02 ? 80  ARG A NH1 1 
ATOM   663  N NH1 B ARG A 1 80  ? 11.077  12.426  -6.572  0.50 24.25 ? 80  ARG A NH1 1 
ATOM   664  N NH2 A ARG A 1 80  ? 7.399   11.059  -6.207  0.50 20.52 ? 80  ARG A NH2 1 
ATOM   665  N NH2 B ARG A 1 80  ? 9.437   10.858  -6.883  0.50 22.32 ? 80  ARG A NH2 1 
ATOM   666  N N   . ASN A 1 81  ? 8.866   12.938  1.457   1.00 20.47 ? 81  ASN A N   1 
ATOM   667  C CA  . ASN A 1 81  ? 8.110   13.390  2.603   1.00 18.36 ? 81  ASN A CA  1 
ATOM   668  C C   . ASN A 1 81  ? 8.953   13.569  3.866   1.00 16.30 ? 81  ASN A C   1 
ATOM   669  O O   . ASN A 1 81  ? 9.495   12.622  4.439   1.00 16.06 ? 81  ASN A O   1 
ATOM   670  C CB  . ASN A 1 81  ? 6.936   12.462  2.786   1.00 18.17 ? 81  ASN A CB  1 
ATOM   671  C CG  . ASN A 1 81  ? 5.947   12.930  3.844   1.00 18.04 ? 81  ASN A CG  1 
ATOM   672  O OD1 . ASN A 1 81  ? 6.293   13.235  4.973   1.00 18.71 ? 81  ASN A OD1 1 
ATOM   673  N ND2 . ASN A 1 81  ? 4.707   12.867  3.507   1.00 16.25 ? 81  ASN A ND2 1 
ATOM   674  N N   . ALA A 1 82  ? 9.064   14.820  4.281   1.00 16.51 ? 82  ALA A N   1 
ATOM   675  C CA  . ALA A 1 82  ? 9.853   15.173  5.475   1.00 17.01 ? 82  ALA A CA  1 
ATOM   676  C C   . ALA A 1 82  ? 9.425   14.436  6.713   1.00 16.74 ? 82  ALA A C   1 
ATOM   677  O O   . ALA A 1 82  ? 10.268  14.177  7.572   1.00 17.60 ? 82  ALA A O   1 
ATOM   678  C CB  . ALA A 1 82  ? 9.825   16.691  5.746   1.00 16.45 ? 82  ALA A CB  1 
ATOM   679  N N   . LYS A 1 83  ? 8.113   14.188  6.896   1.00 17.87 ? 83  LYS A N   1 
ATOM   680  C CA  . LYS A 1 83  ? 7.692   13.396  8.052   1.00 18.19 ? 83  LYS A CA  1 
ATOM   681  C C   . LYS A 1 83  ? 8.052   11.899  7.920   1.00 16.92 ? 83  LYS A C   1 
ATOM   682  O O   . LYS A 1 83  ? 8.365   11.219  8.928   1.00 15.75 ? 83  LYS A O   1 
ATOM   683  C CB  . LYS A 1 83  ? 6.178   13.507  8.288   1.00 21.02 ? 83  LYS A CB  1 
ATOM   684  C CG  . LYS A 1 83  ? 5.560   14.899  8.662   1.00 21.08 ? 83  LYS A CG  1 
ATOM   685  C CD  . LYS A 1 83  ? 6.430   15.699  9.687   1.00 25.06 ? 83  LYS A CD  1 
ATOM   686  C CE  . LYS A 1 83  ? 5.907   17.156  9.799   0.50 22.78 ? 83  LYS A CE  1 
ATOM   687  N NZ  . LYS A 1 83  ? 6.835   18.050  10.594  0.50 21.91 ? 83  LYS A NZ  1 
ATOM   688  N N   . LEU A 1 84  ? 7.958   11.353  6.717   1.00 15.29 ? 84  LEU A N   1 
ATOM   689  C CA  . LEU A 1 84  ? 8.158   9.922   6.538   1.00 13.58 ? 84  LEU A CA  1 
ATOM   690  C C   . LEU A 1 84  ? 9.600   9.471   6.353   1.00 12.55 ? 84  LEU A C   1 
ATOM   691  O O   . LEU A 1 84  ? 9.991   8.432   6.850   1.00 11.18 ? 84  LEU A O   1 
ATOM   692  C CB  . LEU A 1 84  ? 7.289   9.313   5.391   1.00 13.15 ? 84  LEU A CB  1 
ATOM   693  C CG  . LEU A 1 84  ? 5.787   9.616   5.623   1.00 15.68 ? 84  LEU A CG  1 
ATOM   694  C CD1 . LEU A 1 84  ? 4.921   9.043   4.508   1.00 16.32 ? 84  LEU A CD1 1 
ATOM   695  C CD2 . LEU A 1 84  ? 5.302   9.092   6.989   1.00 14.11 ? 84  LEU A CD2 1 
ATOM   696  N N   . LYS A 1 85  ? 10.364  10.203  5.571   1.00 13.06 ? 85  LYS A N   1 
ATOM   697  C CA  . LYS A 1 85  ? 11.694  9.767   5.218   1.00 12.55 ? 85  LYS A CA  1 
ATOM   698  C C   . LYS A 1 85  ? 12.546  9.464   6.464   1.00 12.36 ? 85  LYS A C   1 
ATOM   699  O O   . LYS A 1 85  ? 13.195  8.445   6.472   1.00 11.04 ? 85  LYS A O   1 
ATOM   700  C CB  . LYS A 1 85  ? 12.389  10.852  4.423   1.00 12.48 ? 85  LYS A CB  1 
ATOM   701  C CG  . LYS A 1 85  ? 13.710  10.411  3.851   1.00 14.44 ? 85  LYS A CG  1 
ATOM   702  C CD  . LYS A 1 85  ? 14.214  11.544  3.025   1.00 15.12 ? 85  LYS A CD  1 
ATOM   703  C CE  . LYS A 1 85  ? 15.481  11.200  2.196   1.00 21.52 ? 85  LYS A CE  1 
ATOM   704  N NZ  . LYS A 1 85  ? 16.460  10.382  2.903   1.00 27.30 ? 85  LYS A NZ  1 
ATOM   705  N N   . PRO A 1 86  ? 12.561  10.361  7.491   1.00 13.36 ? 86  PRO A N   1 
ATOM   706  C CA  . PRO A 1 86  ? 13.524  9.955   8.560   1.00 15.21 ? 86  PRO A CA  1 
ATOM   707  C C   . PRO A 1 86  ? 13.143  8.618   9.222   1.00 13.25 ? 86  PRO A C   1 
ATOM   708  O O   . PRO A 1 86  ? 14.012  7.810   9.573   1.00 16.43 ? 86  PRO A O   1 
ATOM   709  C CB  . PRO A 1 86  ? 13.513  11.125  9.530   1.00 15.18 ? 86  PRO A CB  1 
ATOM   710  C CG  . PRO A 1 86  ? 12.251  11.856  9.259   1.00 17.57 ? 86  PRO A CG  1 
ATOM   711  C CD  . PRO A 1 86  ? 11.918  11.632  7.781   1.00 14.59 ? 86  PRO A CD  1 
ATOM   712  N N   . VAL A 1 87  ? 11.843  8.339   9.303   1.00 12.97 ? 87  VAL A N   1 
ATOM   713  C CA  . VAL A 1 87  ? 11.388  7.115   9.930   1.00 11.84 ? 87  VAL A CA  1 
ATOM   714  C C   . VAL A 1 87  ? 11.726  5.889   9.059   1.00 10.58 ? 87  VAL A C   1 
ATOM   715  O O   . VAL A 1 87  ? 12.314  4.940   9.529   1.00 11.03 ? 87  VAL A O   1 
ATOM   716  C CB  . VAL A 1 87  ? 9.878   7.183   10.300  1.00 10.54 ? 87  VAL A CB  1 
ATOM   717  C CG1 . VAL A 1 87  ? 9.511   5.901   10.994  1.00 9.28  ? 87  VAL A CG1 1 
ATOM   718  C CG2 . VAL A 1 87  ? 9.620   8.420   11.236  1.00 8.89  ? 87  VAL A CG2 1 
ATOM   719  N N   . TYR A 1 88  ? 11.406  5.984   7.771   1.00 11.45 ? 88  TYR A N   1 
ATOM   720  C CA  . TYR A 1 88  ? 11.609  4.949   6.831   1.00 11.18 ? 88  TYR A CA  1 
ATOM   721  C C   . TYR A 1 88  ? 13.099  4.625   6.764   1.00 10.20 ? 88  TYR A C   1 
ATOM   722  O O   . TYR A 1 88  ? 13.493  3.457   6.846   1.00 11.44 ? 88  TYR A O   1 
ATOM   723  C CB  . TYR A 1 88  ? 11.142  5.479   5.479   1.00 12.02 ? 88  TYR A CB  1 
ATOM   724  C CG  . TYR A 1 88  ? 11.353  4.548   4.324   1.00 13.71 ? 88  TYR A CG  1 
ATOM   725  C CD1 . TYR A 1 88  ? 10.402  3.509   4.004   1.00 14.57 ? 88  TYR A CD1 1 
ATOM   726  C CD2 . TYR A 1 88  ? 12.461  4.681   3.539   1.00 18.15 ? 88  TYR A CD2 1 
ATOM   727  C CE1 . TYR A 1 88  ? 10.618  2.675   2.935   1.00 14.02 ? 88  TYR A CE1 1 
ATOM   728  C CE2 . TYR A 1 88  ? 12.683  3.847   2.469   1.00 16.88 ? 88  TYR A CE2 1 
ATOM   729  C CZ  . TYR A 1 88  ? 11.759  2.850   2.154   1.00 18.17 ? 88  TYR A CZ  1 
ATOM   730  O OH  . TYR A 1 88  ? 12.012  2.001   1.061   1.00 19.79 ? 88  TYR A OH  1 
ATOM   731  N N   . ASP A 1 89  ? 13.916  5.678   6.751   1.00 10.74 ? 89  ASP A N   1 
ATOM   732  C CA  . ASP A 1 89  ? 15.390  5.496   6.654   1.00 12.94 ? 89  ASP A CA  1 
ATOM   733  C C   . ASP A 1 89  ? 15.978  4.876   7.925   1.00 12.44 ? 89  ASP A C   1 
ATOM   734  O O   . ASP A 1 89  ? 16.965  4.133   7.867   1.00 13.04 ? 89  ASP A O   1 
ATOM   735  C CB  . ASP A 1 89  ? 16.079  6.783   6.248   1.00 13.12 ? 89  ASP A CB  1 
ATOM   736  C CG  . ASP A 1 89  ? 16.096  6.955   4.750   1.00 13.91 ? 89  ASP A CG  1 
ATOM   737  O OD1 . ASP A 1 89  ? 15.679  6.057   4.018   1.00 15.52 ? 89  ASP A OD1 1 
ATOM   738  O OD2 . ASP A 1 89  ? 16.569  7.967   4.289   1.00 21.38 ? 89  ASP A OD2 1 
ATOM   739  N N   . SER A 1 90  ? 15.274  5.024   9.048   1.00 11.72 ? 90  SER A N   1 
ATOM   740  C CA  . SER A 1 90  ? 15.664  4.360   10.274  1.00 10.95 ? 90  SER A CA  1 
ATOM   741  C C   . SER A 1 90  ? 15.376  2.894   10.327  1.00 10.69 ? 90  SER A C   1 
ATOM   742  O O   . SER A 1 90  ? 15.957  2.216   11.165  1.00 12.25 ? 90  SER A O   1 
ATOM   743  C CB  . SER A 1 90  ? 15.072  5.056   11.514  1.00 12.41 ? 90  SER A CB  1 
ATOM   744  O OG  . SER A 1 90  ? 13.742  4.714   11.707  1.00 11.47 ? 90  SER A OG  1 
ATOM   745  N N   . LEU A 1 91  ? 14.468  2.397   9.475   1.00 9.12  ? 91  LEU A N   1 
ATOM   746  C CA  . LEU A 1 91  ? 13.976  1.002   9.464   1.00 10.06 ? 91  LEU A CA  1 
ATOM   747  C C   . LEU A 1 91  ? 14.957  0.112   8.727   1.00 11.73 ? 91  LEU A C   1 
ATOM   748  O O   . LEU A 1 91  ? 15.684  0.584   7.862   1.00 12.75 ? 91  LEU A O   1 
ATOM   749  C CB  . LEU A 1 91  ? 12.559  0.859   8.802   1.00 9.72  ? 91  LEU A CB  1 
ATOM   750  C CG  . LEU A 1 91  ? 11.498  1.739   9.504   1.00 10.30 ? 91  LEU A CG  1 
ATOM   751  C CD1 . LEU A 1 91  ? 10.163  1.685   8.834   1.00 9.12  ? 91  LEU A CD1 1 
ATOM   752  C CD2 . LEU A 1 91  ? 11.311  1.207   10.950  1.00 7.71  ? 91  LEU A CD2 1 
ATOM   753  N N   . ASP A 1 92  ? 15.031  -1.147  9.154   1.00 9.35  ? 92  ASP A N   1 
ATOM   754  C CA  . ASP A 1 92  ? 15.608  -2.218  8.363   1.00 10.21 ? 92  ASP A CA  1 
ATOM   755  C C   . ASP A 1 92  ? 14.707  -2.486  7.148   1.00 10.92 ? 92  ASP A C   1 
ATOM   756  O O   . ASP A 1 92  ? 13.577  -1.997  7.098   1.00 8.42  ? 92  ASP A O   1 
ATOM   757  C CB  . ASP A 1 92  ? 15.584  -3.475  9.218   1.00 9.21  ? 92  ASP A CB  1 
ATOM   758  C CG  . ASP A 1 92  ? 14.179  -3.792  9.728   1.00 11.69 ? 92  ASP A CG  1 
ATOM   759  O OD1 . ASP A 1 92  ? 13.502  -4.553  9.028   1.00 11.88 ? 92  ASP A OD1 1 
ATOM   760  O OD2 . ASP A 1 92  ? 13.750  -3.237  10.790  1.00 8.60  ? 92  ASP A OD2 1 
ATOM   761  N N   . ALA A 1 93  ? 15.165  -3.341  6.245   1.00 11.76 ? 93  ALA A N   1 
ATOM   762  C CA  . ALA A 1 93  ? 14.504  -3.473  4.950   1.00 11.76 ? 93  ALA A CA  1 
ATOM   763  C C   . ALA A 1 93  ? 13.122  -4.193  5.033   1.00 12.10 ? 93  ALA A C   1 
ATOM   764  O O   . ALA A 1 93  ? 12.218  -3.926  4.230   1.00 13.45 ? 93  ALA A O   1 
ATOM   765  C CB  . ALA A 1 93  ? 15.442  -4.186  3.979   1.00 12.18 ? 93  ALA A CB  1 
ATOM   766  N N   . VAL A 1 94  ? 12.970  -5.065  5.996   1.00 10.43 ? 94  VAL A N   1 
ATOM   767  C CA  . VAL A 1 94  ? 11.689  -5.781  6.100   1.00 10.59 ? 94  VAL A CA  1 
ATOM   768  C C   . VAL A 1 94  ? 10.659  -4.757  6.595   1.00 11.05 ? 94  VAL A C   1 
ATOM   769  O O   . VAL A 1 94  ? 9.608   -4.611  5.973   1.00 10.69 ? 94  VAL A O   1 
ATOM   770  C CB  . VAL A 1 94  ? 11.771  -7.018  6.989   1.00 10.05 ? 94  VAL A CB  1 
ATOM   771  C CG1 . VAL A 1 94  ? 10.360  -7.699  7.061   1.00 11.85 ? 94  VAL A CG1 1 
ATOM   772  C CG2 . VAL A 1 94  ? 12.754  -7.981  6.447   1.00 12.61 ? 94  VAL A CG2 1 
ATOM   773  N N   . ARG A 1 95  ? 10.993  -4.005  7.658   1.00 8.92  ? 95  ARG A N   1 
ATOM   774  C CA  . ARG A 1 95  ? 10.046  -2.993  8.177   1.00 9.62  ? 95  ARG A CA  1 
ATOM   775  C C   . ARG A 1 95  ? 9.815   -1.885  7.117   1.00 9.72  ? 95  ARG A C   1 
ATOM   776  O O   . ARG A 1 95  ? 8.720   -1.357  7.032   1.00 8.79  ? 95  ARG A O   1 
ATOM   777  C CB  . ARG A 1 95  ? 10.600  -2.424  9.478   1.00 11.89 ? 95  ARG A CB  1 
ATOM   778  C CG  . ARG A 1 95  ? 10.347  -3.392  10.573  1.00 10.80 ? 95  ARG A CG  1 
ATOM   779  C CD  . ARG A 1 95  ? 10.783  -2.838  11.853  1.00 11.93 ? 95  ARG A CD  1 
ATOM   780  N NE  . ARG A 1 95  ? 10.553  -3.765  12.952  1.00 11.55 ? 95  ARG A NE  1 
ATOM   781  C CZ  . ARG A 1 95  ? 11.531  -4.537  13.476  1.00 11.32 ? 95  ARG A CZ  1 
ATOM   782  N NH1 . ARG A 1 95  ? 12.732  -4.561  12.942  1.00 12.81 ? 95  ARG A NH1 1 
ATOM   783  N NH2 . ARG A 1 95  ? 11.321  -5.315  14.519  1.00 11.15 ? 95  ARG A NH2 1 
ATOM   784  N N   . ARG A 1 96  ? 10.829  -1.526  6.313   1.00 9.12  ? 96  ARG A N   1 
ATOM   785  C CA  A ARG A 1 96  ? 10.614  -0.591  5.181   0.50 8.63  ? 96  ARG A CA  1 
ATOM   786  C CA  B ARG A 1 96  ? 10.626  -0.592  5.173   0.50 8.79  ? 96  ARG A CA  1 
ATOM   787  C C   . ARG A 1 96  ? 9.523   -1.116  4.219   1.00 7.08  ? 96  ARG A C   1 
ATOM   788  O O   . ARG A 1 96  ? 8.770   -0.344  3.667   1.00 8.19  ? 96  ARG A O   1 
ATOM   789  C CB  A ARG A 1 96  ? 11.906  -0.352  4.420   0.50 8.23  ? 96  ARG A CB  1 
ATOM   790  C CB  B ARG A 1 96  ? 11.929  -0.349  4.413   0.50 8.34  ? 96  ARG A CB  1 
ATOM   791  C CG  A ARG A 1 96  ? 12.792  0.743   5.009   0.50 9.50  ? 96  ARG A CG  1 
ATOM   792  C CG  B ARG A 1 96  ? 12.875  0.643   5.114   0.50 10.32 ? 96  ARG A CG  1 
ATOM   793  C CD  A ARG A 1 96  ? 14.209  0.618   4.396   0.50 10.51 ? 96  ARG A CD  1 
ATOM   794  C CD  B ARG A 1 96  ? 14.027  1.188   4.206   0.50 9.14  ? 96  ARG A CD  1 
ATOM   795  N NE  A ARG A 1 96  ? 15.196  1.408   5.141   0.50 6.20  ? 96  ARG A NE  1 
ATOM   796  N NE  B ARG A 1 96  ? 14.775  0.209   3.420   0.50 9.17  ? 96  ARG A NE  1 
ATOM   797  C CZ  A ARG A 1 96  ? 16.394  1.726   4.661   0.50 6.83  ? 96  ARG A CZ  1 
ATOM   798  C CZ  B ARG A 1 96  ? 15.838  -0.508  3.803   0.50 11.58 ? 96  ARG A CZ  1 
ATOM   799  N NH1 A ARG A 1 96  ? 16.723  1.273   3.455   0.50 8.36  ? 96  ARG A NH1 1 
ATOM   800  N NH1 B ARG A 1 96  ? 16.312  -0.432  5.038   0.50 10.45 ? 96  ARG A NH1 1 
ATOM   801  N NH2 A ARG A 1 96  ? 17.257  2.472   5.389   0.50 5.25  ? 96  ARG A NH2 1 
ATOM   802  N NH2 B ARG A 1 96  ? 16.433  -1.344  2.927   0.50 11.70 ? 96  ARG A NH2 1 
ATOM   803  N N   . CYS A 1 97  ? 9.446   -2.441  4.023   1.00 8.69  ? 97  CYS A N   1 
ATOM   804  C CA  . CYS A 1 97  ? 8.384   -3.023  3.162   1.00 8.03  ? 97  CYS A CA  1 
ATOM   805  C C   . CYS A 1 97  ? 6.993   -2.813  3.744   1.00 8.90  ? 97  CYS A C   1 
ATOM   806  O O   . CYS A 1 97  ? 6.046   -2.501  3.036   1.00 10.59 ? 97  CYS A O   1 
ATOM   807  C CB  . CYS A 1 97  ? 8.611   -4.504  2.949   1.00 7.91  ? 97  CYS A CB  1 
ATOM   808  S SG  . CYS A 1 97  ? 10.015  -4.852  1.874   1.00 12.20 ? 97  CYS A SG  1 
ATOM   809  N N   . ALA A 1 98  ? 6.909   -2.938  5.058   1.00 9.06  ? 98  ALA A N   1 
ATOM   810  C CA  . ALA A 1 98  ? 5.694   -2.582  5.804   1.00 8.80  ? 98  ALA A CA  1 
ATOM   811  C C   . ALA A 1 98  ? 5.252   -1.136  5.584   1.00 8.73  ? 98  ALA A C   1 
ATOM   812  O O   . ALA A 1 98  ? 4.036   -0.841  5.318   1.00 10.13 ? 98  ALA A O   1 
ATOM   813  C CB  . ALA A 1 98  ? 5.924   -2.904  7.356   1.00 5.17  ? 98  ALA A CB  1 
ATOM   814  N N   . ALA A 1 99  ? 6.226   -0.223  5.659   1.00 8.14  ? 99  ALA A N   1 
ATOM   815  C CA  . ALA A 1 99  ? 5.961   1.148   5.385   1.00 9.46  ? 99  ALA A CA  1 
ATOM   816  C C   . ALA A 1 99  ? 5.476   1.425   3.986   1.00 8.72  ? 99  ALA A C   1 
ATOM   817  O O   . ALA A 1 99  ? 4.580   2.271   3.798   1.00 9.14  ? 99  ALA A O   1 
ATOM   818  C CB  . ALA A 1 99  ? 7.184   2.044   5.747   1.00 7.90  ? 99  ALA A CB  1 
ATOM   819  N N   . ILE A 1 100 ? 6.080   0.766   2.994   1.00 10.00 ? 100 ILE A N   1 
ATOM   820  C CA  . ILE A 1 100 ? 5.695   0.935   1.604   1.00 11.25 ? 100 ILE A CA  1 
ATOM   821  C C   . ILE A 1 100 ? 4.289   0.415   1.388   1.00 10.47 ? 100 ILE A C   1 
ATOM   822  O O   . ILE A 1 100 ? 3.481   1.051   0.687   1.00 10.91 ? 100 ILE A O   1 
ATOM   823  C CB  . ILE A 1 100 ? 6.681   0.205   0.612   1.00 11.12 ? 100 ILE A CB  1 
ATOM   824  C CG1 . ILE A 1 100 ? 8.026   0.923   0.616   1.00 11.84 ? 100 ILE A CG1 1 
ATOM   825  C CG2 . ILE A 1 100 ? 6.106   0.281   -0.887  1.00 12.33 ? 100 ILE A CG2 1 
ATOM   826  C CD1 . ILE A 1 100 ? 9.164   0.066   0.190   1.00 10.89 ? 100 ILE A CD1 1 
ATOM   827  N N   . ASN A 1 101 ? 4.001   -0.715  2.003   1.00 9.60  ? 101 ASN A N   1 
ATOM   828  C CA  . ASN A 1 101 ? 2.689   -1.342  1.913   1.00 9.45  ? 101 ASN A CA  1 
ATOM   829  C C   . ASN A 1 101 ? 1.666   -0.367  2.463   1.00 9.85  ? 101 ASN A C   1 
ATOM   830  O O   . ASN A 1 101 ? 0.691   -0.056  1.802   1.00 7.36  ? 101 ASN A O   1 
ATOM   831  C CB  . ASN A 1 101 ? 2.738   -2.659  2.750   1.00 9.79  ? 101 ASN A CB  1 
ATOM   832  C CG  . ASN A 1 101 ? 1.523   -3.521  2.552   1.00 11.86 ? 101 ASN A CG  1 
ATOM   833  O OD1 . ASN A 1 101 ? 0.383   -3.051  2.673   1.00 8.31  ? 101 ASN A OD1 1 
ATOM   834  N ND2 . ASN A 1 101 ? 1.745   -4.775  2.239   1.00 8.50  ? 101 ASN A ND2 1 
ATOM   835  N N   . GLN A 1 102 ? 1.888   0.134   3.684   1.00 10.12 ? 102 GLN A N   1 
ATOM   836  C CA  A GLN A 1 102 ? 0.967   1.105   4.252   0.50 10.25 ? 102 GLN A CA  1 
ATOM   837  C CA  B GLN A 1 102 ? 0.991   1.136   4.268   0.50 10.50 ? 102 GLN A CA  1 
ATOM   838  C C   . GLN A 1 102 ? 0.690   2.323   3.331   1.00 11.18 ? 102 GLN A C   1 
ATOM   839  O O   . GLN A 1 102 ? -0.471  2.670   3.116   1.00 10.66 ? 102 GLN A O   1 
ATOM   840  C CB  A GLN A 1 102 ? 1.407   1.556   5.631   0.50 10.09 ? 102 GLN A CB  1 
ATOM   841  C CB  B GLN A 1 102 ? 1.548   1.652   5.580   0.50 10.33 ? 102 GLN A CB  1 
ATOM   842  C CG  A GLN A 1 102 ? 0.230   2.025   6.406   0.50 7.11  ? 102 GLN A CG  1 
ATOM   843  C CG  B GLN A 1 102 ? 0.869   1.063   6.781   0.50 9.08  ? 102 GLN A CG  1 
ATOM   844  C CD  A GLN A 1 102 ? 0.566   2.760   7.668   0.50 6.99  ? 102 GLN A CD  1 
ATOM   845  C CD  B GLN A 1 102 ? 1.100   1.891   8.030   0.50 7.94  ? 102 GLN A CD  1 
ATOM   846  O OE1 A GLN A 1 102 ? 1.613   3.383   7.786   0.50 12.92 ? 102 GLN A OE1 1 
ATOM   847  O OE1 B GLN A 1 102 ? 2.183   2.406   8.254   0.50 16.10 ? 102 GLN A OE1 1 
ATOM   848  N NE2 A GLN A 1 102 ? -0.368  2.767   8.593   0.50 7.77  ? 102 GLN A NE2 1 
ATOM   849  N NE2 B GLN A 1 102 ? 0.100   2.022   8.829   0.50 10.57 ? 102 GLN A NE2 1 
ATOM   850  N N   . VAL A 1 103 ? 1.746   2.950   2.810   1.00 10.87 ? 103 VAL A N   1 
ATOM   851  C CA  . VAL A 1 103 ? 1.642   4.102   1.912   1.00 12.09 ? 103 VAL A CA  1 
ATOM   852  C C   . VAL A 1 103 ? 0.925   3.728   0.605   1.00 13.15 ? 103 VAL A C   1 
ATOM   853  O O   . VAL A 1 103 ? 0.051   4.489   0.191   1.00 15.38 ? 103 VAL A O   1 
ATOM   854  C CB  . VAL A 1 103 ? 2.976   4.800   1.684   1.00 13.34 ? 103 VAL A CB  1 
ATOM   855  C CG1 . VAL A 1 103 ? 2.873   5.901   0.630   1.00 14.34 ? 103 VAL A CG1 1 
ATOM   856  C CG2 . VAL A 1 103 ? 3.387   5.482   3.001   1.00 11.72 ? 103 VAL A CG2 1 
ATOM   857  N N   . PHE A 1 104 ? 1.232   2.549   0.023   1.00 12.45 ? 104 PHE A N   1 
ATOM   858  C CA  . PHE A 1 104 ? 0.527   1.970   -1.135  1.00 10.68 ? 104 PHE A CA  1 
ATOM   859  C C   . PHE A 1 104 ? -0.978  1.914   -0.889  1.00 12.64 ? 104 PHE A C   1 
ATOM   860  O O   . PHE A 1 104 ? -1.778  2.347   -1.738  1.00 11.51 ? 104 PHE A O   1 
ATOM   861  C CB  . PHE A 1 104 ? 1.066   0.559   -1.461  1.00 11.00 ? 104 PHE A CB  1 
ATOM   862  C CG  . PHE A 1 104 ? 0.640   0.023   -2.766  1.00 8.36  ? 104 PHE A CG  1 
ATOM   863  C CD1 . PHE A 1 104 ? 1.501   0.065   -3.872  1.00 11.61 ? 104 PHE A CD1 1 
ATOM   864  C CD2 . PHE A 1 104 ? -0.591  -0.586  -2.912  1.00 8.67  ? 104 PHE A CD2 1 
ATOM   865  C CE1 . PHE A 1 104 ? 1.088   -0.495  -5.112  1.00 9.36  ? 104 PHE A CE1 1 
ATOM   866  C CE2 . PHE A 1 104 ? -1.009  -1.103  -4.132  1.00 13.27 ? 104 PHE A CE2 1 
ATOM   867  C CZ  . PHE A 1 104 ? -0.167  -1.050  -5.232  1.00 13.38 ? 104 PHE A CZ  1 
ATOM   868  N N   . GLN A 1 105 ? -1.382  1.395   0.268   1.00 12.72 ? 105 GLN A N   1 
ATOM   869  C CA  . GLN A 1 105 ? -2.797  1.249   0.550   1.00 15.86 ? 105 GLN A CA  1 
ATOM   870  C C   . GLN A 1 105 ? -3.440  2.583   0.862   1.00 17.35 ? 105 GLN A C   1 
ATOM   871  O O   . GLN A 1 105 ? -4.567  2.855   0.401   1.00 17.48 ? 105 GLN A O   1 
ATOM   872  C CB  . GLN A 1 105 ? -2.994  0.309   1.738   1.00 15.76 ? 105 GLN A CB  1 
ATOM   873  C CG  . GLN A 1 105 ? -4.445  0.152   2.138   1.00 14.27 ? 105 GLN A CG  1 
ATOM   874  C CD  . GLN A 1 105 ? -4.625  -0.791  3.305   1.00 13.91 ? 105 GLN A CD  1 
ATOM   875  O OE1 . GLN A 1 105 ? -3.664  -1.179  3.989   1.00 12.77 ? 105 GLN A OE1 1 
ATOM   876  N NE2 . GLN A 1 105 ? -5.864  -1.082  3.608   1.00 12.88 ? 105 GLN A NE2 1 
ATOM   877  N N   . MET A 1 106 ? -2.758  3.377   1.674   1.00 16.86 ? 106 MET A N   1 
ATOM   878  C CA  . MET A 1 106 ? -3.398  4.480   2.368   1.00 19.93 ? 106 MET A CA  1 
ATOM   879  C C   . MET A 1 106 ? -3.088  5.843   1.740   1.00 20.32 ? 106 MET A C   1 
ATOM   880  O O   . MET A 1 106 ? -3.825  6.847   1.980   1.00 19.35 ? 106 MET A O   1 
ATOM   881  C CB  . MET A 1 106 ? -2.962  4.522   3.840   1.00 18.60 ? 106 MET A CB  1 
ATOM   882  C CG  . MET A 1 106 ? -3.447  3.384   4.713   1.00 21.31 ? 106 MET A CG  1 
ATOM   883  S SD  . MET A 1 106 ? -3.076  3.801   6.472   1.00 24.31 ? 106 MET A SD  1 
ATOM   884  C CE  . MET A 1 106 ? -4.249  5.142   6.649   1.00 21.71 ? 106 MET A CE  1 
ATOM   885  N N   . GLY A 1 107 ? -1.994  5.888   0.976   1.00 19.11 ? 107 GLY A N   1 
ATOM   886  C CA  . GLY A 1 107 ? -1.477  7.124   0.521   1.00 21.79 ? 107 GLY A CA  1 
ATOM   887  C C   . GLY A 1 107 ? -0.680  7.814   1.630   1.00 24.35 ? 107 GLY A C   1 
ATOM   888  O O   . GLY A 1 107 ? -0.860  7.630   2.862   1.00 24.08 ? 107 GLY A O   1 
ATOM   889  N N   . GLU A 1 108 ? 0.236   8.632   1.181   1.00 26.03 ? 108 GLU A N   1 
ATOM   890  C CA  . GLU A 1 108 ? 1.174   9.278   2.073   1.00 27.70 ? 108 GLU A CA  1 
ATOM   891  C C   . GLU A 1 108 ? 0.570   10.420  2.946   1.00 28.39 ? 108 GLU A C   1 
ATOM   892  O O   . GLU A 1 108 ? 1.049   10.666  4.061   1.00 30.18 ? 108 GLU A O   1 
ATOM   893  C CB  . GLU A 1 108 ? 2.378   9.626   1.211   1.00 28.40 ? 108 GLU A CB  1 
ATOM   894  C CG  . GLU A 1 108 ? 3.171   10.758  1.603   1.00 30.02 ? 108 GLU A CG  1 
ATOM   895  C CD  . GLU A 1 108 ? 3.841   11.330  0.399   1.00 32.60 ? 108 GLU A CD  1 
ATOM   896  O OE1 . GLU A 1 108 ? 4.071   10.576  -0.582  1.00 29.69 ? 108 GLU A OE1 1 
ATOM   897  O OE2 . GLU A 1 108 ? 4.117   12.557  0.434   1.00 38.04 ? 108 GLU A OE2 1 
ATOM   898  N N   . THR A 1 109 ? -0.543  11.023  2.521   0.50 27.47 ? 109 THR A N   1 
ATOM   899  C CA  . THR A 1 109 ? -1.373  11.836  3.416   0.50 26.96 ? 109 THR A CA  1 
ATOM   900  C C   . THR A 1 109 ? -1.837  10.978  4.573   0.50 27.19 ? 109 THR A C   1 
ATOM   901  O O   . THR A 1 109 ? -1.526  11.212  5.757   0.50 26.88 ? 109 THR A O   1 
ATOM   902  C CB  . THR A 1 109 ? -2.637  12.313  2.685   0.50 26.80 ? 109 THR A CB  1 
ATOM   903  O OG1 . THR A 1 109 ? -2.256  13.190  1.634   0.50 25.74 ? 109 THR A OG1 1 
ATOM   904  C CG2 . THR A 1 109 ? -3.601  13.020  3.629   0.50 26.77 ? 109 THR A CG2 1 
ATOM   905  N N   . GLY A 1 110 ? -2.615  9.982   4.183   1.00 27.36 ? 110 GLY A N   1 
ATOM   906  C CA  . GLY A 1 110 ? -3.115  8.910   5.044   1.00 27.49 ? 110 GLY A CA  1 
ATOM   907  C C   . GLY A 1 110 ? -2.315  8.445   6.232   1.00 26.84 ? 110 GLY A C   1 
ATOM   908  O O   . GLY A 1 110 ? -2.890  7.956   7.224   0.50 26.84 ? 110 GLY A O   1 
ATOM   909  N N   . VAL A 1 111 ? -0.994  8.582   6.157   1.00 26.45 ? 111 VAL A N   1 
ATOM   910  C CA  . VAL A 1 111 ? -0.130  8.063   7.227   1.00 26.47 ? 111 VAL A CA  1 
ATOM   911  C C   . VAL A 1 111 ? 0.885   9.076   7.782   1.00 25.98 ? 111 VAL A C   1 
ATOM   912  O O   . VAL A 1 111 ? 1.388   8.877   8.905   1.00 26.31 ? 111 VAL A O   1 
ATOM   913  C CB  . VAL A 1 111 ? 0.667   6.804   6.795   1.00 26.12 ? 111 VAL A CB  1 
ATOM   914  C CG1 . VAL A 1 111 ? -0.210  5.846   6.076   1.00 27.99 ? 111 VAL A CG1 1 
ATOM   915  C CG2 . VAL A 1 111 ? 1.772   7.218   5.875   1.00 28.79 ? 111 VAL A CG2 1 
ATOM   916  N N   . ALA A 1 112 ? 1.239   10.106  7.002   0.50 23.07 ? 112 ALA A N   1 
ATOM   917  C CA  . ALA A 1 112 ? 2.181   11.083  7.492   0.50 21.62 ? 112 ALA A CA  1 
ATOM   918  C C   . ALA A 1 112 ? 1.582   11.624  8.759   0.50 20.44 ? 112 ALA A C   1 
ATOM   919  O O   . ALA A 1 112 ? 2.299   12.134  9.623   0.50 19.71 ? 112 ALA A O   1 
ATOM   920  C CB  . ALA A 1 112 ? 2.400   12.193  6.467   0.50 20.80 ? 112 ALA A CB  1 
ATOM   921  N N   . GLY A 1 113 ? 0.255   11.502  8.864   0.50 20.03 ? 113 GLY A N   1 
ATOM   922  C CA  . GLY A 1 113 ? -0.465  11.977  10.042  0.50 20.03 ? 113 GLY A CA  1 
ATOM   923  C C   . GLY A 1 113 ? -0.223  11.150  11.277  0.50 20.96 ? 113 GLY A C   1 
ATOM   924  O O   . GLY A 1 113 ? -0.342  11.685  12.359  0.50 21.46 ? 113 GLY A O   1 
ATOM   925  N N   . PHE A 1 114 ? 0.118   9.849   11.121  0.50 21.11 ? 114 PHE A N   1 
ATOM   926  C CA  . PHE A 1 114 ? 0.286   8.847   12.230  1.00 20.65 ? 114 PHE A CA  1 
ATOM   927  C C   . PHE A 1 114 ? 1.500   9.156   13.129  1.00 20.80 ? 114 PHE A C   1 
ATOM   928  O O   . PHE A 1 114 ? 2.375   8.272   13.379  1.00 20.43 ? 114 PHE A O   1 
ATOM   929  C CB  . PHE A 1 114 ? 0.603   7.483   11.653  1.00 20.55 ? 114 PHE A CB  1 
ATOM   930  C CG  . PHE A 1 114 ? -0.567  6.698   11.241  1.00 21.45 ? 114 PHE A CG  1 
ATOM   931  C CD1 . PHE A 1 114 ? -1.663  7.300   10.616  1.00 22.63 ? 114 PHE A CD1 1 
ATOM   932  C CD2 . PHE A 1 114 ? -0.589  5.331   11.470  1.00 21.02 ? 114 PHE A CD2 1 
ATOM   933  C CE1 . PHE A 1 114 ? -2.752  6.548   10.214  1.00 22.30 ? 114 PHE A CE1 1 
ATOM   934  C CE2 . PHE A 1 114 ? -1.688  4.559   11.086  1.00 21.56 ? 114 PHE A CE2 1 
ATOM   935  C CZ  . PHE A 1 114 ? -2.750  5.178   10.433  1.00 17.62 ? 114 PHE A CZ  1 
ATOM   936  N N   . THR A 1 115 ? 1.530   10.373  13.631  1.00 20.48 ? 115 THR A N   1 
ATOM   937  C CA  . THR A 1 115 ? 2.618   10.916  14.378  1.00 20.41 ? 115 THR A CA  1 
ATOM   938  C C   . THR A 1 115 ? 3.102   9.984   15.476  1.00 20.50 ? 115 THR A C   1 
ATOM   939  O O   . THR A 1 115 ? 4.263   9.713   15.528  1.00 20.84 ? 115 THR A O   1 
ATOM   940  C CB  . THR A 1 115 ? 2.186   12.285  14.930  1.00 20.89 ? 115 THR A CB  1 
ATOM   941  O OG1 . THR A 1 115 ? 1.629   13.033  13.835  1.00 23.33 ? 115 THR A OG1 1 
ATOM   942  C CG2 . THR A 1 115 ? 3.354   13.071  15.494  1.00 18.66 ? 115 THR A CG2 1 
ATOM   943  N N   . ASN A 1 116 ? 2.204   9.473   16.334  1.00 18.21 ? 116 ASN A N   1 
ATOM   944  C CA  . ASN A 1 116 ? 2.679   8.680   17.469  1.00 17.50 ? 116 ASN A CA  1 
ATOM   945  C C   . ASN A 1 116 ? 3.295   7.360   17.033  1.00 13.78 ? 116 ASN A C   1 
ATOM   946  O O   . ASN A 1 116 ? 4.283   6.941   17.578  1.00 13.64 ? 116 ASN A O   1 
ATOM   947  C CB  . ASN A 1 116 ? 1.555   8.541   18.566  1.00 17.58 ? 116 ASN A CB  1 
ATOM   948  C CG  . ASN A 1 116 ? 1.019   9.922   18.991  1.00 24.31 ? 116 ASN A CG  1 
ATOM   949  O OD1 . ASN A 1 116 ? 1.799   10.878  19.098  1.00 29.56 ? 116 ASN A OD1 1 
ATOM   950  N ND2 . ASN A 1 116 ? -0.295  10.061  19.141  1.00 20.62 ? 116 ASN A ND2 1 
ATOM   951  N N   . SER A 1 117 ? 2.711   6.715   16.032  1.00 14.67 ? 117 SER A N   1 
ATOM   952  C CA  . SER A 1 117 ? 3.238   5.472   15.524  1.00 12.70 ? 117 SER A CA  1 
ATOM   953  C C   . SER A 1 117 ? 4.618   5.708   14.896  1.00 13.95 ? 117 SER A C   1 
ATOM   954  O O   . SER A 1 117 ? 5.507   4.876   15.080  1.00 11.13 ? 117 SER A O   1 
ATOM   955  C CB  . SER A 1 117 ? 2.346   4.822   14.444  1.00 13.93 ? 117 SER A CB  1 
ATOM   956  O OG  . SER A 1 117 ? 1.255   4.189   15.016  1.00 16.91 ? 117 SER A OG  1 
ATOM   957  N N   . LEU A 1 118 ? 4.754   6.817   14.136  1.00 12.01 ? 118 LEU A N   1 
ATOM   958  C CA  . LEU A 1 118 ? 6.022   7.204   13.520  1.00 11.90 ? 118 LEU A CA  1 
ATOM   959  C C   . LEU A 1 118 ? 7.096   7.394   14.586  1.00 12.14 ? 118 LEU A C   1 
ATOM   960  O O   . LEU A 1 118 ? 8.168   6.820   14.484  1.00 13.71 ? 118 LEU A O   1 
ATOM   961  C CB  . LEU A 1 118 ? 5.842   8.462   12.702  1.00 13.88 ? 118 LEU A CB  1 
ATOM   962  C CG  . LEU A 1 118 ? 5.087   8.339   11.357  1.00 12.09 ? 118 LEU A CG  1 
ATOM   963  C CD1 . LEU A 1 118 ? 4.688   9.802   10.889  1.00 13.87 ? 118 LEU A CD1 1 
ATOM   964  C CD2 . LEU A 1 118 ? 5.920   7.571   10.310  1.00 16.87 ? 118 LEU A CD2 1 
ATOM   965  N N   . ARG A 1 119 ? 6.799   8.184   15.624  1.00 11.98 ? 119 ARG A N   1 
ATOM   966  C CA  . ARG A 1 119 ? 7.781   8.363   16.700  1.00 11.24 ? 119 ARG A CA  1 
ATOM   967  C C   . ARG A 1 119 ? 8.151   6.968   17.262  1.00 11.22 ? 119 ARG A C   1 
ATOM   968  O O   . ARG A 1 119 ? 9.312   6.618   17.416  1.00 8.74  ? 119 ARG A O   1 
ATOM   969  C CB  . ARG A 1 119 ? 7.282   9.334   17.766  1.00 11.08 ? 119 ARG A CB  1 
ATOM   970  C CG  . ARG A 1 119 ? 8.321   9.756   18.779  1.00 10.79 ? 119 ARG A CG  1 
ATOM   971  C CD  . ARG A 1 119 ? 7.680   10.416  20.060  1.00 16.78 ? 119 ARG A CD  1 
ATOM   972  N NE  . ARG A 1 119 ? 6.575   9.585   20.562  1.00 21.45 ? 119 ARG A NE  1 
ATOM   973  C CZ  . ARG A 1 119 ? 5.270   9.837   20.415  1.00 29.04 ? 119 ARG A CZ  1 
ATOM   974  N NH1 . ARG A 1 119 ? 4.407   8.921   20.880  1.00 30.09 ? 119 ARG A NH1 1 
ATOM   975  N NH2 . ARG A 1 119 ? 4.838   10.981  19.834  1.00 25.65 ? 119 ARG A NH2 1 
ATOM   976  N N   . MET A 1 120 ? 7.175   6.108   17.525  1.00 9.62  ? 120 MET A N   1 
ATOM   977  C CA  . MET A 1 120 ? 7.504   4.847   18.173  1.00 11.98 ? 120 MET A CA  1 
ATOM   978  C C   . MET A 1 120 ? 8.378   3.913   17.276  1.00 11.50 ? 120 MET A C   1 
ATOM   979  O O   . MET A 1 120 ? 9.279   3.191   17.739  1.00 9.90  ? 120 MET A O   1 
ATOM   980  C CB  . MET A 1 120 ? 6.227   4.154   18.634  1.00 11.41 ? 120 MET A CB  1 
ATOM   981  C CG  . MET A 1 120 ? 5.535   4.890   19.867  1.00 14.40 ? 120 MET A CG  1 
ATOM   982  S SD  . MET A 1 120 ? 3.895   4.161   19.973  1.00 16.62 ? 120 MET A SD  1 
ATOM   983  C CE  . MET A 1 120 ? 3.006   5.231   21.083  1.00 12.89 ? 120 MET A CE  1 
ATOM   984  N N   . LEU A 1 121 ? 8.082   3.958   15.978  1.00 8.95  ? 121 LEU A N   1 
ATOM   985  C CA  . LEU A 1 121 ? 8.819   3.169   15.034  1.00 10.95 ? 121 LEU A CA  1 
ATOM   986  C C   . LEU A 1 121 ? 10.241  3.690   14.957  1.00 9.95  ? 121 LEU A C   1 
ATOM   987  O O   . LEU A 1 121 ? 11.198  2.887   14.996  1.00 10.79 ? 121 LEU A O   1 
ATOM   988  C CB  . LEU A 1 121 ? 8.144   3.222   13.668  1.00 9.04  ? 121 LEU A CB  1 
ATOM   989  C CG  . LEU A 1 121 ? 6.880   2.389   13.533  1.00 11.90 ? 121 LEU A CG  1 
ATOM   990  C CD1 . LEU A 1 121 ? 6.248   2.835   12.250  1.00 13.70 ? 121 LEU A CD1 1 
ATOM   991  C CD2 . LEU A 1 121 ? 7.215   0.804   13.581  1.00 11.27 ? 121 LEU A CD2 1 
ATOM   992  N N   . GLN A 1 122 ? 10.359  5.024   14.918  1.00 10.83 ? 122 GLN A N   1 
ATOM   993  C CA  . GLN A 1 122 ? 11.683  5.634   14.865  1.00 12.46 ? 122 GLN A CA  1 
ATOM   994  C C   . GLN A 1 122 ? 12.475  5.256   16.095  1.00 12.54 ? 122 GLN A C   1 
ATOM   995  O O   . GLN A 1 122 ? 13.681  4.994   15.997  1.00 14.71 ? 122 GLN A O   1 
ATOM   996  C CB  . GLN A 1 122 ? 11.696  7.167   14.676  1.00 12.14 ? 122 GLN A CB  1 
ATOM   997  C CG  . GLN A 1 122 ? 13.104  7.510   14.175  1.00 18.62 ? 122 GLN A CG  1 
ATOM   998  C CD  . GLN A 1 122 ? 13.309  8.834   13.557  1.00 24.30 ? 122 GLN A CD  1 
ATOM   999  O OE1 . GLN A 1 122 ? 12.395  9.633   13.467  1.00 27.12 ? 122 GLN A OE1 1 
ATOM   1000 N NE2 . GLN A 1 122 ? 14.572  9.100   13.118  1.00 29.08 ? 122 GLN A NE2 1 
ATOM   1001 N N   . GLN A 1 123 ? 11.777  5.237   17.234  1.00 10.26 ? 123 GLN A N   1 
ATOM   1002 C CA  . GLN A 1 123 ? 12.387  4.823   18.501  1.00 12.09 ? 123 GLN A CA  1 
ATOM   1003 C C   . GLN A 1 123 ? 12.630  3.344   18.588  1.00 10.49 ? 123 GLN A C   1 
ATOM   1004 O O   . GLN A 1 123 ? 13.284  2.935   19.554  1.00 10.22 ? 123 GLN A O   1 
ATOM   1005 C CB  . GLN A 1 123 ? 11.528  5.258   19.671  1.00 12.65 ? 123 GLN A CB  1 
ATOM   1006 C CG  . GLN A 1 123 ? 11.430  6.775   19.792  1.00 14.54 ? 123 GLN A CG  1 
ATOM   1007 C CD  . GLN A 1 123 ? 10.378  7.113   20.818  1.00 20.20 ? 123 GLN A CD  1 
ATOM   1008 O OE1 . GLN A 1 123 ? 9.276   6.581   20.819  1.00 23.54 ? 123 GLN A OE1 1 
ATOM   1009 N NE2 . GLN A 1 123 ? 10.750  7.934   21.754  1.00 21.25 ? 123 GLN A NE2 1 
ATOM   1010 N N   . LYS A 1 124 ? 12.067  2.554   17.645  1.00 8.77  ? 124 LYS A N   1 
ATOM   1011 C CA  . LYS A 1 124 ? 12.145  1.108   17.632  1.00 9.57  ? 124 LYS A CA  1 
ATOM   1012 C C   . LYS A 1 124 ? 11.518  0.452   18.855  1.00 10.32 ? 124 LYS A C   1 
ATOM   1013 O O   . LYS A 1 124 ? 11.968  -0.628  19.317  1.00 8.99  ? 124 LYS A O   1 
ATOM   1014 C CB  . LYS A 1 124 ? 13.627  0.637   17.507  1.00 10.84 ? 124 LYS A CB  1 
ATOM   1015 C CG  . LYS A 1 124 ? 14.346  1.300   16.312  1.00 10.03 ? 124 LYS A CG  1 
ATOM   1016 C CD  . LYS A 1 124 ? 15.550  0.418   15.963  1.00 14.12 ? 124 LYS A CD  1 
ATOM   1017 C CE  . LYS A 1 124 ? 16.375  1.052   14.849  1.00 13.03 ? 124 LYS A CE  1 
ATOM   1018 N NZ  . LYS A 1 124 ? 15.560  0.821   13.634  1.00 11.75 ? 124 LYS A NZ  1 
ATOM   1019 N N   . ARG A 1 125 ? 10.488  1.123   19.387  1.00 11.02 ? 125 ARG A N   1 
ATOM   1020 C CA  . ARG A 1 125 ? 9.589   0.547   20.407  1.00 11.19 ? 125 ARG A CA  1 
ATOM   1021 C C   . ARG A 1 125 ? 8.529   -0.252  19.671  1.00 10.83 ? 125 ARG A C   1 
ATOM   1022 O O   . ARG A 1 125 ? 7.399   0.218   19.465  1.00 9.31  ? 125 ARG A O   1 
ATOM   1023 C CB  . ARG A 1 125 ? 8.953   1.705   21.143  1.00 11.56 ? 125 ARG A CB  1 
ATOM   1024 C CG  . ARG A 1 125 ? 9.998   2.543   21.839  1.00 14.82 ? 125 ARG A CG  1 
ATOM   1025 C CD  . ARG A 1 125 ? 9.382   3.542   22.673  1.00 17.30 ? 125 ARG A CD  1 
ATOM   1026 N NE  . ARG A 1 125 ? 10.501  4.133   23.298  1.00 22.23 ? 125 ARG A NE  1 
ATOM   1027 C CZ  . ARG A 1 125 ? 10.448  5.077   24.212  1.00 24.26 ? 125 ARG A CZ  1 
ATOM   1028 N NH1 . ARG A 1 125 ? 9.258   5.540   24.615  1.00 24.36 ? 125 ARG A NH1 1 
ATOM   1029 N NH2 . ARG A 1 125 ? 11.585  5.546   24.723  1.00 20.48 ? 125 ARG A NH2 1 
ATOM   1030 N N   . TRP A 1 126 ? 8.915   -1.441  19.252  1.00 11.50 ? 126 TRP A N   1 
ATOM   1031 C CA  . TRP A 1 126 ? 8.167   -2.160  18.255  1.00 11.31 ? 126 TRP A CA  1 
ATOM   1032 C C   . TRP A 1 126 ? 6.804   -2.563  18.756  1.00 10.57 ? 126 TRP A C   1 
ATOM   1033 O O   . TRP A 1 126 ? 5.808   -2.413  18.040  1.00 10.01 ? 126 TRP A O   1 
ATOM   1034 C CB  . TRP A 1 126 ? 8.919   -3.395  17.837  1.00 10.69 ? 126 TRP A CB  1 
ATOM   1035 C CG  . TRP A 1 126 ? 10.257  -3.083  17.238  1.00 10.97 ? 126 TRP A CG  1 
ATOM   1036 C CD1 . TRP A 1 126 ? 11.474  -3.693  17.585  1.00 10.96 ? 126 TRP A CD1 1 
ATOM   1037 C CD2 . TRP A 1 126 ? 10.568  -2.152  16.178  1.00 8.18  ? 126 TRP A CD2 1 
ATOM   1038 N NE1 . TRP A 1 126 ? 12.482  -3.207  16.790  1.00 7.24  ? 126 TRP A NE1 1 
ATOM   1039 C CE2 . TRP A 1 126 ? 11.960  -2.280  15.911  1.00 7.76  ? 126 TRP A CE2 1 
ATOM   1040 C CE3 . TRP A 1 126 ? 9.795   -1.249  15.390  1.00 8.21  ? 126 TRP A CE3 1 
ATOM   1041 C CZ2 . TRP A 1 126 ? 12.611  -1.513  14.940  1.00 9.89  ? 126 TRP A CZ2 1 
ATOM   1042 C CZ3 . TRP A 1 126 ? 10.447  -0.485  14.434  1.00 11.23 ? 126 TRP A CZ3 1 
ATOM   1043 C CH2 . TRP A 1 126 ? 11.854  -0.623  14.212  1.00 12.37 ? 126 TRP A CH2 1 
ATOM   1044 N N   . ASP A 1 127 ? 6.762   -3.097  19.964  1.00 10.56 ? 127 ASP A N   1 
ATOM   1045 C CA  . ASP A 1 127 ? 5.478   -3.557  20.544  1.00 11.21 ? 127 ASP A CA  1 
ATOM   1046 C C   . ASP A 1 127 ? 4.525   -2.407  20.785  1.00 12.06 ? 127 ASP A C   1 
ATOM   1047 O O   . ASP A 1 127 ? 3.364   -2.500  20.464  1.00 10.46 ? 127 ASP A O   1 
ATOM   1048 C CB  . ASP A 1 127 ? 5.721   -4.324  21.828  1.00 11.48 ? 127 ASP A CB  1 
ATOM   1049 C CG  . ASP A 1 127 ? 6.118   -5.756  21.569  1.00 13.96 ? 127 ASP A CG  1 
ATOM   1050 O OD1 . ASP A 1 127 ? 6.690   -6.078  20.519  1.00 16.32 ? 127 ASP A OD1 1 
ATOM   1051 O OD2 . ASP A 1 127 ? 5.881   -6.577  22.474  1.00 16.07 ? 127 ASP A OD2 1 
ATOM   1052 N N   . GLU A 1 128 ? 5.037   -1.297  21.290  1.00 11.28 ? 128 GLU A N   1 
ATOM   1053 C CA  . GLU A 1 128 ? 4.254   -0.102  21.439  1.00 10.84 ? 128 GLU A CA  1 
ATOM   1054 C C   . GLU A 1 128 ? 3.733   0.474   20.111  1.00 9.95  ? 128 GLU A C   1 
ATOM   1055 O O   . GLU A 1 128 ? 2.549   0.903   20.046  1.00 10.56 ? 128 GLU A O   1 
ATOM   1056 C CB  . GLU A 1 128 ? 5.114   0.948   22.149  1.00 12.35 ? 128 GLU A CB  1 
ATOM   1057 C CG  . GLU A 1 128 ? 5.348   0.602   23.637  1.00 14.29 ? 128 GLU A CG  1 
ATOM   1058 C CD  . GLU A 1 128 ? 6.488   1.404   24.230  1.00 23.59 ? 128 GLU A CD  1 
ATOM   1059 O OE1 . GLU A 1 128 ? 6.227   2.567   24.561  1.00 28.03 ? 128 GLU A OE1 1 
ATOM   1060 O OE2 . GLU A 1 128 ? 7.649   0.919   24.301  1.00 22.82 ? 128 GLU A OE2 1 
ATOM   1061 N N   . ALA A 1 129 ? 4.646   0.570   19.101  1.00 9.52  ? 129 ALA A N   1 
ATOM   1062 C CA  . ALA A 1 129 ? 4.271   0.991   17.784  1.00 8.08  ? 129 ALA A CA  1 
ATOM   1063 C C   . ALA A 1 129 ? 3.158   0.098   17.324  1.00 9.66  ? 129 ALA A C   1 
ATOM   1064 O O   . ALA A 1 129 ? 2.153   0.603   16.820  1.00 10.47 ? 129 ALA A O   1 
ATOM   1065 C CB  . ALA A 1 129 ? 5.456   0.885   16.800  1.00 9.66  ? 129 ALA A CB  1 
ATOM   1066 N N   . ALA A 1 130 ? 3.353   -1.220  17.436  1.00 8.59  ? 130 ALA A N   1 
ATOM   1067 C CA  . ALA A 1 130 ? 2.320   -2.186  16.945  1.00 9.27  ? 130 ALA A CA  1 
ATOM   1068 C C   . ALA A 1 130 ? 0.923   -1.957  17.628  1.00 11.55 ? 130 ALA A C   1 
ATOM   1069 O O   . ALA A 1 130 ? -0.139  -1.938  16.940  1.00 9.06  ? 130 ALA A O   1 
ATOM   1070 C CB  . ALA A 1 130 ? 2.801   -3.639  17.061  1.00 11.90 ? 130 ALA A CB  1 
ATOM   1071 N N   . VAL A 1 131 ? 0.922   -1.773  18.972  1.00 9.05  ? 131 VAL A N   1 
ATOM   1072 C CA  . VAL A 1 131 ? -0.305  -1.394  19.665  1.00 9.62  ? 131 VAL A CA  1 
ATOM   1073 C C   . VAL A 1 131 ? -0.918  -0.049  19.099  1.00 10.40 ? 131 VAL A C   1 
ATOM   1074 O O   . VAL A 1 131 ? -2.126  0.031   18.787  1.00 11.43 ? 131 VAL A O   1 
ATOM   1075 C CB  . VAL A 1 131 ? -0.058  -1.325  21.195  1.00 9.12  ? 131 VAL A CB  1 
ATOM   1076 C CG1 . VAL A 1 131 ? -1.250  -0.648  21.925  1.00 8.74  ? 131 VAL A CG1 1 
ATOM   1077 C CG2 . VAL A 1 131 ? 0.312   -2.641  21.741  1.00 7.97  ? 131 VAL A CG2 1 
ATOM   1078 N N   . ASN A 1 132 ? -0.094  0.979   18.934  1.00 8.63  ? 132 ASN A N   1 
ATOM   1079 C CA  . ASN A 1 132 ? -0.586  2.237   18.419  1.00 9.35  ? 132 ASN A CA  1 
ATOM   1080 C C   . ASN A 1 132 ? -1.160  2.112   16.976  1.00 10.31 ? 132 ASN A C   1 
ATOM   1081 O O   . ASN A 1 132 ? -2.223  2.677   16.651  1.00 11.19 ? 132 ASN A O   1 
ATOM   1082 C CB  . ASN A 1 132 ? 0.482   3.320   18.531  1.00 10.23 ? 132 ASN A CB  1 
ATOM   1083 C CG  . ASN A 1 132 ? -0.043  4.699   18.171  1.00 9.00  ? 132 ASN A CG  1 
ATOM   1084 O OD1 . ASN A 1 132 ? 0.002   5.111   17.031  1.00 10.71 ? 132 ASN A OD1 1 
ATOM   1085 N ND2 . ASN A 1 132 ? -0.652  5.372   19.144  1.00 12.84 ? 132 ASN A ND2 1 
ATOM   1086 N N   . LEU A 1 133 ? -0.475  1.369   16.129  1.00 10.56 ? 133 LEU A N   1 
ATOM   1087 C CA  . LEU A 1 133 ? -0.917  1.249   14.736  1.00 10.42 ? 133 LEU A CA  1 
ATOM   1088 C C   . LEU A 1 133 ? -2.343  0.690   14.640  1.00 11.53 ? 133 LEU A C   1 
ATOM   1089 O O   . LEU A 1 133 ? -3.045  0.975   13.682  1.00 9.09  ? 133 LEU A O   1 
ATOM   1090 C CB  . LEU A 1 133 ? 0.100   0.369   13.954  1.00 12.47 ? 133 LEU A CB  1 
ATOM   1091 C CG  . LEU A 1 133 ? 1.431   1.080   13.573  1.00 11.75 ? 133 LEU A CG  1 
ATOM   1092 C CD1 . LEU A 1 133 ? 2.375   0.002   13.143  1.00 14.40 ? 133 LEU A CD1 1 
ATOM   1093 C CD2 . LEU A 1 133 ? 1.096   2.119   12.449  1.00 10.18 ? 133 LEU A CD2 1 
ATOM   1094 N N   . ALA A 1 134 ? -2.697  -0.217  15.570  1.00 9.86  ? 134 ALA A N   1 
ATOM   1095 C CA  . ALA A 1 134 ? -3.958  -0.948  15.490  1.00 11.13 ? 134 ALA A CA  1 
ATOM   1096 C C   . ALA A 1 134 ? -5.114  -0.072  15.931  1.00 10.53 ? 134 ALA A C   1 
ATOM   1097 O O   . ALA A 1 134 ? -6.274  -0.371  15.612  1.00 13.61 ? 134 ALA A O   1 
ATOM   1098 C CB  . ALA A 1 134 ? -3.923  -2.215  16.320  1.00 6.79  ? 134 ALA A CB  1 
ATOM   1099 N N   . LYS A 1 135 ? -4.808  0.958   16.695  1.00 10.88 ? 135 LYS A N   1 
ATOM   1100 C CA  . LYS A 1 135 ? -5.770  1.995   17.107  1.00 12.29 ? 135 LYS A CA  1 
ATOM   1101 C C   . LYS A 1 135 ? -6.119  2.932   15.958  1.00 10.63 ? 135 LYS A C   1 
ATOM   1102 O O   . LYS A 1 135 ? -5.866  4.122   16.039  1.00 11.00 ? 135 LYS A O   1 
ATOM   1103 C CB  . LYS A 1 135 ? -5.281  2.770   18.364  1.00 10.79 ? 135 LYS A CB  1 
ATOM   1104 C CG  . LYS A 1 135 ? -5.074  1.911   19.566  1.00 12.16 ? 135 LYS A CG  1 
ATOM   1105 C CD  . LYS A 1 135 ? -4.354  2.658   20.714  1.00 14.53 ? 135 LYS A CD  1 
ATOM   1106 C CE  . LYS A 1 135 ? -4.381  1.923   22.011  0.50 14.32 ? 135 LYS A CE  1 
ATOM   1107 N NZ  . LYS A 1 135 ? -3.426  2.558   23.019  0.50 7.91  ? 135 LYS A NZ  1 
ATOM   1108 N N   . SER A 1 136 ? -6.710  2.416   14.860  1.00 9.25  ? 136 SER A N   1 
ATOM   1109 C CA  . SER A 1 136 ? -6.866  3.229   13.675  1.00 7.74  ? 136 SER A CA  1 
ATOM   1110 C C   . SER A 1 136 ? -8.088  2.713   12.841  1.00 8.32  ? 136 SER A C   1 
ATOM   1111 O O   . SER A 1 136 ? -8.460  1.530   12.952  1.00 5.92  ? 136 SER A O   1 
ATOM   1112 C CB  . SER A 1 136 ? -5.571  3.130   12.851  1.00 6.70  ? 136 SER A CB  1 
ATOM   1113 O OG  . SER A 1 136 ? -5.358  1.759   12.367  1.00 7.37  ? 136 SER A OG  1 
ATOM   1114 N N   . ARG A 1 137 ? -8.687  3.623   12.068  1.00 9.64  ? 137 ARG A N   1 
ATOM   1115 C CA  . ARG A 1 137 ? -9.705  3.293   11.081  1.00 9.18  ? 137 ARG A CA  1 
ATOM   1116 C C   . ARG A 1 137 ? -9.098  2.305   10.124  1.00 9.66  ? 137 ARG A C   1 
ATOM   1117 O O   . ARG A 1 137 ? -9.696  1.301   9.832   1.00 10.57 ? 137 ARG A O   1 
ATOM   1118 C CB  . ARG A 1 137 ? -10.133 4.592   10.296  1.00 9.58  ? 137 ARG A CB  1 
ATOM   1119 C CG  . ARG A 1 137 ? -10.949 4.159   9.076   1.00 13.45 ? 137 ARG A CG  1 
ATOM   1120 C CD  . ARG A 1 137 ? -11.425 5.255   8.205   1.00 19.25 ? 137 ARG A CD  1 
ATOM   1121 N NE  . ARG A 1 137 ? -12.529 4.775   7.369   1.00 21.02 ? 137 ARG A NE  1 
ATOM   1122 C CZ  . ARG A 1 137 ? -12.410 4.079   6.236   1.00 22.67 ? 137 ARG A CZ  1 
ATOM   1123 N NH1 . ARG A 1 137 ? -11.227 3.679   5.753   1.00 20.47 ? 137 ARG A NH1 1 
ATOM   1124 N NH2 . ARG A 1 137 ? -13.531 3.742   5.596   1.00 19.29 ? 137 ARG A NH2 1 
ATOM   1125 N N   . TRP A 1 138 ? -7.826  2.509   9.777   1.00 11.03 ? 138 TRP A N   1 
ATOM   1126 C CA  . TRP A 1 138 ? -7.084  1.590   8.957   1.00 11.24 ? 138 TRP A CA  1 
ATOM   1127 C C   . TRP A 1 138 ? -7.259  0.135   9.405   1.00 11.55 ? 138 TRP A C   1 
ATOM   1128 O O   . TRP A 1 138 ? -7.660  -0.769  8.628   1.00 9.89  ? 138 TRP A O   1 
ATOM   1129 C CB  . TRP A 1 138 ? -5.594  1.962   8.988   1.00 10.91 ? 138 TRP A CB  1 
ATOM   1130 C CG  . TRP A 1 138 ? -4.697  0.961   8.242   1.00 12.27 ? 138 TRP A CG  1 
ATOM   1131 C CD1 . TRP A 1 138 ? -4.830  0.511   6.931   1.00 12.34 ? 138 TRP A CD1 1 
ATOM   1132 C CD2 . TRP A 1 138 ? -3.505  0.344   8.757   1.00 12.34 ? 138 TRP A CD2 1 
ATOM   1133 N NE1 . TRP A 1 138 ? -3.798  -0.367  6.620   1.00 13.37 ? 138 TRP A NE1 1 
ATOM   1134 C CE2 . TRP A 1 138 ? -2.971  -0.481  7.716   1.00 11.66 ? 138 TRP A CE2 1 
ATOM   1135 C CE3 . TRP A 1 138 ? -2.873  0.361   10.025  1.00 12.11 ? 138 TRP A CE3 1 
ATOM   1136 C CZ2 . TRP A 1 138 ? -1.825  -1.253  7.870   1.00 8.21  ? 138 TRP A CZ2 1 
ATOM   1137 C CZ3 . TRP A 1 138 ? -1.702  -0.385  10.198  1.00 10.35 ? 138 TRP A CZ3 1 
ATOM   1138 C CH2 . TRP A 1 138 ? -1.187  -1.218  9.111   1.00 14.47 ? 138 TRP A CH2 1 
ATOM   1139 N N   . TYR A 1 139 ? -6.859  -0.114  10.641  1.00 11.34 ? 139 TYR A N   1 
ATOM   1140 C CA  . TYR A 1 139 ? -6.916  -1.472  11.212  1.00 11.23 ? 139 TYR A CA  1 
ATOM   1141 C C   . TYR A 1 139 ? -8.369  -2.003  11.254  1.00 9.47  ? 139 TYR A C   1 
ATOM   1142 O O   . TYR A 1 139 ? -8.653  -3.142  10.927  1.00 10.38 ? 139 TYR A O   1 
ATOM   1143 C CB  . TYR A 1 139 ? -6.386  -1.412  12.644  1.00 12.01 ? 139 TYR A CB  1 
ATOM   1144 C CG  . TYR A 1 139 ? -6.393  -2.800  13.241  1.00 12.94 ? 139 TYR A CG  1 
ATOM   1145 C CD1 . TYR A 1 139 ? -5.334  -3.655  13.002  1.00 12.59 ? 139 TYR A CD1 1 
ATOM   1146 C CD2 . TYR A 1 139 ? -7.507  -3.275  13.945  1.00 19.30 ? 139 TYR A CD2 1 
ATOM   1147 C CE1 . TYR A 1 139 ? -5.328  -4.979  13.480  1.00 16.64 ? 139 TYR A CE1 1 
ATOM   1148 C CE2 . TYR A 1 139 ? -7.544  -4.603  14.434  1.00 21.33 ? 139 TYR A CE2 1 
ATOM   1149 C CZ  . TYR A 1 139 ? -6.466  -5.460  14.179  1.00 22.30 ? 139 TYR A CZ  1 
ATOM   1150 O OH  . TYR A 1 139 ? -6.497  -6.789  14.663  1.00 24.45 ? 139 TYR A OH  1 
ATOM   1151 N N   . ASN A 1 140 ? -9.295  -1.161  11.674  1.00 10.13 ? 140 ASN A N   1 
ATOM   1152 C CA  . ASN A 1 140 ? -10.667 -1.610  11.853  1.00 9.96  ? 140 ASN A CA  1 
ATOM   1153 C C   . ASN A 1 140 ? -11.333 -1.891  10.532  1.00 9.63  ? 140 ASN A C   1 
ATOM   1154 O O   . ASN A 1 140 ? -12.118 -2.808  10.493  1.00 11.53 ? 140 ASN A O   1 
ATOM   1155 C CB  . ASN A 1 140 ? -11.513 -0.676  12.628  1.00 11.45 ? 140 ASN A CB  1 
ATOM   1156 C CG  . ASN A 1 140 ? -11.120 -0.630  14.052  1.00 16.67 ? 140 ASN A CG  1 
ATOM   1157 O OD1 . ASN A 1 140 ? -10.472 0.339   14.522  1.00 16.40 ? 140 ASN A OD1 1 
ATOM   1158 N ND2 . ASN A 1 140 ? -11.513 -1.668  14.783  1.00 18.71 ? 140 ASN A ND2 1 
ATOM   1159 N N   . GLN A 1 141 ? -10.963 -1.190  9.482   1.00 8.18  ? 141 GLN A N   1 
ATOM   1160 C CA  . GLN A 1 141 ? -11.584 -1.396  8.163   1.00 9.37  ? 141 GLN A CA  1 
ATOM   1161 C C   . GLN A 1 141 ? -10.997 -2.584  7.440   1.00 9.01  ? 141 GLN A C   1 
ATOM   1162 O O   . GLN A 1 141 ? -11.723 -3.335  6.714   1.00 10.59 ? 141 GLN A O   1 
ATOM   1163 C CB  . GLN A 1 141 ? -11.493 -0.136  7.300   1.00 9.35  ? 141 GLN A CB  1 
ATOM   1164 C CG  . GLN A 1 141 ? -12.320 1.110   7.811   1.00 13.96 ? 141 GLN A CG  1 
ATOM   1165 C CD  . GLN A 1 141 ? -13.771 0.771   8.269   1.00 14.24 ? 141 GLN A CD  1 
ATOM   1166 O OE1 . GLN A 1 141 ? -14.180 1.110   9.404   1.00 12.50 ? 141 GLN A OE1 1 
ATOM   1167 N NE2 . GLN A 1 141 ? -14.557 0.130   7.344   1.00 14.10 ? 141 GLN A NE2 1 
ATOM   1168 N N   . THR A 1 142 ? -9.680  -2.743  7.545   1.00 7.29  ? 142 THR A N   1 
ATOM   1169 C CA  . THR A 1 142 ? -8.996  -3.869  6.910   1.00 8.08  ? 142 THR A CA  1 
ATOM   1170 C C   . THR A 1 142 ? -8.141  -4.585  7.955   1.00 8.74  ? 142 THR A C   1 
ATOM   1171 O O   . THR A 1 142 ? -6.881  -4.484  7.906   1.00 8.55  ? 142 THR A O   1 
ATOM   1172 C CB  . THR A 1 142 ? -8.086  -3.404  5.657   1.00 8.81  ? 142 THR A CB  1 
ATOM   1173 O OG1 . THR A 1 142 ? -7.177  -2.339  6.056   1.00 10.19 ? 142 THR A OG1 1 
ATOM   1174 C CG2 . THR A 1 142 ? -8.987  -2.932  4.504   1.00 8.35  ? 142 THR A CG2 1 
ATOM   1175 N N   . PRO A 1 143 ? -8.784  -5.248  8.929   1.00 10.31 ? 143 PRO A N   1 
ATOM   1176 C CA  . PRO A 1 143 ? -7.983  -5.809  10.039  1.00 10.69 ? 143 PRO A CA  1 
ATOM   1177 C C   . PRO A 1 143 ? -7.073  -6.937  9.622   1.00 11.77 ? 143 PRO A C   1 
ATOM   1178 O O   . PRO A 1 143 ? -5.986  -7.065  10.183  1.00 13.01 ? 143 PRO A O   1 
ATOM   1179 C CB  . PRO A 1 143 ? -9.085  -6.306  11.059  1.00 10.60 ? 143 PRO A CB  1 
ATOM   1180 C CG  . PRO A 1 143 ? -10.299 -6.508  10.242  1.00 12.90 ? 143 PRO A CG  1 
ATOM   1181 C CD  . PRO A 1 143 ? -10.254 -5.481  9.147   1.00 8.51  ? 143 PRO A CD  1 
ATOM   1182 N N   . ASP A 1 144 ? -7.480  -7.774  8.670   1.00 9.27  ? 144 ASP A N   1 
ATOM   1183 C CA  . ASP A 1 144 ? -6.639  -8.940  8.382   1.00 10.93 ? 144 ASP A CA  1 
ATOM   1184 C C   . ASP A 1 144 ? -5.306  -8.475  7.737   1.00 10.02 ? 144 ASP A C   1 
ATOM   1185 O O   . ASP A 1 144 ? -4.208  -8.898  8.130   1.00 6.13  ? 144 ASP A O   1 
ATOM   1186 C CB  . ASP A 1 144 ? -7.410  -9.960  7.533   1.00 10.61 ? 144 ASP A CB  1 
ATOM   1187 C CG  . ASP A 1 144 ? -8.521  -10.714 8.395   1.00 12.99 ? 144 ASP A CG  1 
ATOM   1188 O OD1 . ASP A 1 144 ? -8.539  -10.618 9.619   1.00 19.65 ? 144 ASP A OD1 1 
ATOM   1189 O OD2 . ASP A 1 144 ? -9.350  -11.350 7.823   1.00 20.27 ? 144 ASP A OD2 1 
ATOM   1190 N N   . ARG A 1 145 ? -5.462  -7.542  6.808   1.00 8.94  ? 145 ARG A N   1 
ATOM   1191 C CA  . ARG A 1 145 ? -4.307  -6.956  6.138   1.00 10.43 ? 145 ARG A CA  1 
ATOM   1192 C C   . ARG A 1 145 ? -3.459  -6.135  7.102   1.00 9.22  ? 145 ARG A C   1 
ATOM   1193 O O   . ARG A 1 145 ? -2.249  -6.235  7.105   1.00 9.97  ? 145 ARG A O   1 
ATOM   1194 C CB  . ARG A 1 145 ? -4.733  -6.076  4.967   1.00 11.14 ? 145 ARG A CB  1 
ATOM   1195 C CG  . ARG A 1 145 ? -3.464  -5.750  4.092   1.00 11.36 ? 145 ARG A CG  1 
ATOM   1196 C CD  . ARG A 1 145 ? -3.672  -4.481  3.470   1.00 16.41 ? 145 ARG A CD  1 
ATOM   1197 N NE  . ARG A 1 145 ? -2.580  -3.977  2.682   1.00 13.85 ? 145 ARG A NE  1 
ATOM   1198 C CZ  . ARG A 1 145 ? -2.813  -3.407  1.505   1.00 14.83 ? 145 ARG A CZ  1 
ATOM   1199 N NH1 . ARG A 1 145 ? -4.067  -3.382  1.054   1.00 12.25 ? 145 ARG A NH1 1 
ATOM   1200 N NH2 . ARG A 1 145 ? -1.814  -2.909  0.780   1.00 10.86 ? 145 ARG A NH2 1 
ATOM   1201 N N   . ALA A 1 146 ? -4.101  -5.269  7.865   1.00 10.54 ? 146 ALA A N   1 
ATOM   1202 C CA  . ALA A 1 146 ? -3.425  -4.386  8.797   1.00 8.75  ? 146 ALA A CA  1 
ATOM   1203 C C   . ALA A 1 146 ? -2.655  -5.266  9.838   1.00 9.60  ? 146 ALA A C   1 
ATOM   1204 O O   . ALA A 1 146 ? -1.573  -4.895  10.262  1.00 9.60  ? 146 ALA A O   1 
ATOM   1205 C CB  . ALA A 1 146 ? -4.433  -3.434  9.492   1.00 10.90 ? 146 ALA A CB  1 
ATOM   1206 N N   . LYS A 1 147 ? -3.258  -6.378  10.289  1.00 9.35  ? 147 LYS A N   1 
ATOM   1207 C CA  A LYS A 1 147 ? -2.619  -7.338  11.225  0.50 9.70  ? 147 LYS A CA  1 
ATOM   1208 C CA  B LYS A 1 147 ? -2.579  -7.267  11.241  0.50 9.35  ? 147 LYS A CA  1 
ATOM   1209 C C   . LYS A 1 147 ? -1.296  -7.854  10.638  1.00 9.60  ? 147 LYS A C   1 
ATOM   1210 O O   . LYS A 1 147 ? -0.255  -7.898  11.319  1.00 9.12  ? 147 LYS A O   1 
ATOM   1211 C CB  A LYS A 1 147 ? -3.558  -8.523  11.496  0.50 10.21 ? 147 LYS A CB  1 
ATOM   1212 C CB  B LYS A 1 147 ? -3.530  -8.362  11.673  0.50 9.10  ? 147 LYS A CB  1 
ATOM   1213 C CG  A LYS A 1 147 ? -4.647  -8.322  12.568  0.50 11.22 ? 147 LYS A CG  1 
ATOM   1214 C CG  B LYS A 1 147 ? -2.954  -9.391  12.611  0.50 6.22  ? 147 LYS A CG  1 
ATOM   1215 C CD  A LYS A 1 147 ? -5.818  -9.389  12.479  0.50 8.64  ? 147 LYS A CD  1 
ATOM   1216 C CD  B LYS A 1 147 ? -3.980  -10.526 12.774  0.50 7.29  ? 147 LYS A CD  1 
ATOM   1217 C CE  A LYS A 1 147 ? -6.813  -9.199  13.648  0.50 13.87 ? 147 LYS A CE  1 
ATOM   1218 C CE  B LYS A 1 147 ? -5.195  -10.127 13.568  0.50 8.48  ? 147 LYS A CE  1 
ATOM   1219 N NZ  A LYS A 1 147 ? -7.850  -10.364 13.872  0.50 15.97 ? 147 LYS A NZ  1 
ATOM   1220 N NZ  B LYS A 1 147 ? -5.974  -11.384 13.940  0.50 16.66 ? 147 LYS A NZ  1 
ATOM   1221 N N   . ARG A 1 148 ? -1.339  -8.257  9.359   1.00 8.37  ? 148 ARG A N   1 
ATOM   1222 C CA  . ARG A 1 148 ? -0.099  -8.721  8.645   1.00 8.61  ? 148 ARG A CA  1 
ATOM   1223 C C   . ARG A 1 148 ? 0.941   -7.602  8.595   1.00 8.22  ? 148 ARG A C   1 
ATOM   1224 O O   . ARG A 1 148 ? 2.078   -7.841  8.836   1.00 7.25  ? 148 ARG A O   1 
ATOM   1225 C CB  . ARG A 1 148 ? -0.401  -9.132  7.193   1.00 9.76  ? 148 ARG A CB  1 
ATOM   1226 C CG  . ARG A 1 148 ? -1.192  -10.438 7.100   1.00 9.47  ? 148 ARG A CG  1 
ATOM   1227 C CD  . ARG A 1 148 ? -1.089  -11.023 5.715   1.00 11.55 ? 148 ARG A CD  1 
ATOM   1228 N NE  . ARG A 1 148 ? -1.903  -10.227 4.776   1.00 9.12  ? 148 ARG A NE  1 
ATOM   1229 C CZ  . ARG A 1 148 ? -3.239  -10.312 4.638   1.00 12.62 ? 148 ARG A CZ  1 
ATOM   1230 N NH1 . ARG A 1 148 ? -3.928  -11.169 5.377   1.00 11.46 ? 148 ARG A NH1 1 
ATOM   1231 N NH2 . ARG A 1 148 ? -3.869  -9.530  3.741   1.00 7.84  ? 148 ARG A NH2 1 
ATOM   1232 N N   . VAL A 1 149 ? 0.543   -6.362  8.294   1.00 9.31  ? 149 VAL A N   1 
ATOM   1233 C CA  . VAL A 1 149 ? 1.535   -5.277  8.060   1.00 7.43  ? 149 VAL A CA  1 
ATOM   1234 C C   . VAL A 1 149 ? 2.091   -4.845  9.439   1.00 9.63  ? 149 VAL A C   1 
ATOM   1235 O O   . VAL A 1 149 ? 3.325   -4.614  9.604   1.00 10.27 ? 149 VAL A O   1 
ATOM   1236 C CB  . VAL A 1 149 ? 0.804   -4.079  7.440   1.00 8.60  ? 149 VAL A CB  1 
ATOM   1237 C CG1 . VAL A 1 149 ? 1.690   -2.795  7.495   1.00 8.06  ? 149 VAL A CG1 1 
ATOM   1238 C CG2 . VAL A 1 149 ? 0.351   -4.468  5.984   1.00 7.73  ? 149 VAL A CG2 1 
ATOM   1239 N N   . ILE A 1 150 ? 1.179   -4.782  10.425  1.00 9.83  ? 150 ILE A N   1 
ATOM   1240 C CA  . ILE A 1 150 ? 1.608   -4.529  11.814  1.00 11.08 ? 150 ILE A CA  1 
ATOM   1241 C C   . ILE A 1 150 ? 2.575   -5.581  12.333  1.00 11.53 ? 150 ILE A C   1 
ATOM   1242 O O   . ILE A 1 150 ? 3.565   -5.227  12.971  1.00 11.02 ? 150 ILE A O   1 
ATOM   1243 C CB  . ILE A 1 150 ? 0.435   -4.417  12.809  1.00 9.45  ? 150 ILE A CB  1 
ATOM   1244 C CG1 . ILE A 1 150 ? -0.290  -3.096  12.548  1.00 9.95  ? 150 ILE A CG1 1 
ATOM   1245 C CG2 . ILE A 1 150 ? 1.023   -4.369  14.273  1.00 7.97  ? 150 ILE A CG2 1 
ATOM   1246 C CD1 . ILE A 1 150 ? -1.814  -2.963  13.134  1.00 11.27 ? 150 ILE A CD1 1 
ATOM   1247 N N   . THR A 1 151 ? 2.296   -6.871  12.065  1.00 11.17 ? 151 THR A N   1 
ATOM   1248 C CA  . THR A 1 151 ? 3.216   -7.905  12.500  1.00 12.11 ? 151 THR A CA  1 
ATOM   1249 C C   . THR A 1 151 ? 4.609   -7.708  11.861  1.00 12.25 ? 151 THR A C   1 
ATOM   1250 O O   . THR A 1 151 ? 5.631   -7.950  12.534  1.00 12.54 ? 151 THR A O   1 
ATOM   1251 C CB  . THR A 1 151 ? 2.661   -9.336  12.223  1.00 10.72 ? 151 THR A CB  1 
ATOM   1252 O OG1 . THR A 1 151 ? 1.644   -9.633  13.183  1.00 13.62 ? 151 THR A OG1 1 
ATOM   1253 C CG2 . THR A 1 151 ? 3.742   -10.388 12.341  1.00 12.40 ? 151 THR A CG2 1 
ATOM   1254 N N   . THR A 1 152 ? 4.629   -7.246  10.605  1.00 11.02 ? 152 THR A N   1 
ATOM   1255 C CA  . THR A 1 152 ? 5.856   -6.967  9.852   1.00 11.59 ? 152 THR A CA  1 
ATOM   1256 C C   . THR A 1 152 ? 6.640   -5.839  10.549  1.00 11.09 ? 152 THR A C   1 
ATOM   1257 O O   . THR A 1 152 ? 7.854   -5.986  10.770  1.00 11.15 ? 152 THR A O   1 
ATOM   1258 C CB  . THR A 1 152 ? 5.602   -6.715  8.345   1.00 9.65  ? 152 THR A CB  1 
ATOM   1259 O OG1 . THR A 1 152 ? 4.754   -7.772  7.869   1.00 14.45 ? 152 THR A OG1 1 
ATOM   1260 C CG2 . THR A 1 152 ? 6.917   -6.743  7.518   1.00 12.97 ? 152 THR A CG2 1 
ATOM   1261 N N   . PHE A 1 153 ? 5.968   -4.717  10.826  1.00 11.82 ? 153 PHE A N   1 
ATOM   1262 C CA  . PHE A 1 153 ? 6.529   -3.663  11.688  1.00 11.41 ? 153 PHE A CA  1 
ATOM   1263 C C   . PHE A 1 153 ? 6.985   -4.122  13.076  1.00 12.38 ? 153 PHE A C   1 
ATOM   1264 O O   . PHE A 1 153 ? 7.988   -3.578  13.622  1.00 15.74 ? 153 PHE A O   1 
ATOM   1265 C CB  . PHE A 1 153 ? 5.507   -2.544  11.923  1.00 9.49  ? 153 PHE A CB  1 
ATOM   1266 C CG  . PHE A 1 153 ? 5.410   -1.557  10.817  1.00 10.80 ? 153 PHE A CG  1 
ATOM   1267 C CD1 . PHE A 1 153 ? 4.178   -1.297  10.221  1.00 10.33 ? 153 PHE A CD1 1 
ATOM   1268 C CD2 . PHE A 1 153 ? 6.540   -0.803  10.397  1.00 12.15 ? 153 PHE A CD2 1 
ATOM   1269 C CE1 . PHE A 1 153 ? 4.067   -0.317  9.142   1.00 12.42 ? 153 PHE A CE1 1 
ATOM   1270 C CE2 . PHE A 1 153 ? 6.464   0.149   9.420   1.00 10.32 ? 153 PHE A CE2 1 
ATOM   1271 C CZ  . PHE A 1 153 ? 5.191   0.429   8.762   1.00 11.42 ? 153 PHE A CZ  1 
ATOM   1272 N N   . ARG A 1 154 ? 6.230   -5.018  13.714  1.00 12.17 ? 154 ARG A N   1 
ATOM   1273 C CA  A ARG A 1 154 ? 6.572   -5.382  15.084  0.50 12.64 ? 154 ARG A CA  1 
ATOM   1274 C CA  B ARG A 1 154 ? 6.519   -5.435  15.074  0.50 12.11 ? 154 ARG A CA  1 
ATOM   1275 C C   . ARG A 1 154 ? 7.807   -6.268  15.125  1.00 11.62 ? 154 ARG A C   1 
ATOM   1276 O O   . ARG A 1 154 ? 8.621   -6.130  16.019  1.00 11.54 ? 154 ARG A O   1 
ATOM   1277 C CB  A ARG A 1 154 ? 5.410   -6.035  15.863  0.50 12.03 ? 154 ARG A CB  1 
ATOM   1278 C CB  B ARG A 1 154 ? 5.329   -6.228  15.644  0.50 11.14 ? 154 ARG A CB  1 
ATOM   1279 C CG  A ARG A 1 154 ? 5.768   -6.300  17.370  0.50 12.79 ? 154 ARG A CG  1 
ATOM   1280 C CG  B ARG A 1 154 ? 5.231   -6.232  17.185  0.50 12.64 ? 154 ARG A CG  1 
ATOM   1281 C CD  A ARG A 1 154 ? 4.697   -7.083  18.153  0.50 13.25 ? 154 ARG A CD  1 
ATOM   1282 C CD  B ARG A 1 154 ? 3.989   -6.974  17.708  0.50 10.89 ? 154 ARG A CD  1 
ATOM   1283 N NE  A ARG A 1 154 ? 4.323   -8.356  17.546  0.50 14.10 ? 154 ARG A NE  1 
ATOM   1284 N NE  B ARG A 1 154 ? 3.858   -8.336  17.186  0.50 13.71 ? 154 ARG A NE  1 
ATOM   1285 C CZ  A ARG A 1 154 ? 5.006   -9.505  17.625  0.50 14.90 ? 154 ARG A CZ  1 
ATOM   1286 C CZ  B ARG A 1 154 ? 2.991   -8.716  16.243  0.50 13.45 ? 154 ARG A CZ  1 
ATOM   1287 N NH1 A ARG A 1 154 ? 6.145   -9.591  18.303  0.50 15.25 ? 154 ARG A NH1 1 
ATOM   1288 N NH1 B ARG A 1 154 ? 2.147   -7.832  15.723  0.50 14.29 ? 154 ARG A NH1 1 
ATOM   1289 N NH2 A ARG A 1 154 ? 4.539   -10.584 17.001  0.50 13.29 ? 154 ARG A NH2 1 
ATOM   1290 N NH2 B ARG A 1 154 ? 2.957   -9.995  15.835  0.50 14.08 ? 154 ARG A NH2 1 
ATOM   1291 N N   . THR A 1 155 ? 7.961   -7.143  14.146  1.00 13.12 ? 155 THR A N   1 
ATOM   1292 C CA  . THR A 1 155 ? 8.981   -8.212  14.199  1.00 13.94 ? 155 THR A CA  1 
ATOM   1293 C C   . THR A 1 155 ? 10.134  -8.054  13.248  1.00 14.32 ? 155 THR A C   1 
ATOM   1294 O O   . THR A 1 155 ? 11.145  -8.700  13.457  1.00 14.45 ? 155 THR A O   1 
ATOM   1295 C CB  . THR A 1 155 ? 8.357   -9.572  13.889  1.00 13.49 ? 155 THR A CB  1 
ATOM   1296 O OG1 . THR A 1 155 ? 7.874   -9.548  12.534  1.00 15.46 ? 155 THR A OG1 1 
ATOM   1297 C CG2 . THR A 1 155 ? 7.154   -9.939  14.862  1.00 13.53 ? 155 THR A CG2 1 
ATOM   1298 N N   . GLY A 1 156 ? 9.942   -7.252  12.185  1.00 13.63 ? 156 GLY A N   1 
ATOM   1299 C CA  . GLY A 1 156 ? 10.830  -7.081  11.097  1.00 11.64 ? 156 GLY A CA  1 
ATOM   1300 C C   . GLY A 1 156 ? 11.103  -8.410  10.413  1.00 11.69 ? 156 GLY A C   1 
ATOM   1301 O O   . GLY A 1 156 ? 12.179  -8.612  9.934   1.00 12.57 ? 156 GLY A O   1 
ATOM   1302 N N   . THR A 1 157 ? 10.116  -9.335  10.467  1.00 10.85 ? 157 THR A N   1 
ATOM   1303 C CA  . THR A 1 157 ? 10.187  -10.650 9.844   1.00 11.02 ? 157 THR A CA  1 
ATOM   1304 C C   . THR A 1 157 ? 9.051   -10.752 8.857   1.00 10.31 ? 157 THR A C   1 
ATOM   1305 O O   . THR A 1 157 ? 8.171   -9.898  8.824   1.00 10.58 ? 157 THR A O   1 
ATOM   1306 C CB  . THR A 1 157 ? 9.947   -11.846 10.806  1.00 11.05 ? 157 THR A CB  1 
ATOM   1307 O OG1 . THR A 1 157 ? 8.577   -11.863 11.302  1.00 15.11 ? 157 THR A OG1 1 
ATOM   1308 C CG2 . THR A 1 157 ? 10.980  -11.908 11.933  1.00 11.04 ? 157 THR A CG2 1 
ATOM   1309 N N   . TRP A 1 158 ? 9.052   -11.821 8.079   1.00 10.88 ? 158 TRP A N   1 
ATOM   1310 C CA  . TRP A 1 158 ? 8.033   -12.016 7.076   1.00 11.92 ? 158 TRP A CA  1 
ATOM   1311 C C   . TRP A 1 158 ? 7.012   -13.065 7.589   1.00 11.55 ? 158 TRP A C   1 
ATOM   1312 O O   . TRP A 1 158 ? 6.325   -13.732 6.808   1.00 13.28 ? 158 TRP A O   1 
ATOM   1313 C CB  . TRP A 1 158 ? 8.677   -12.479 5.793   1.00 11.93 ? 158 TRP A CB  1 
ATOM   1314 C CG  . TRP A 1 158 ? 9.421   -11.356 5.011   1.00 12.74 ? 158 TRP A CG  1 
ATOM   1315 C CD1 . TRP A 1 158 ? 10.732  -11.316 4.760   1.00 13.77 ? 158 TRP A CD1 1 
ATOM   1316 C CD2 . TRP A 1 158 ? 8.841   -10.199 4.399   1.00 15.01 ? 158 TRP A CD2 1 
ATOM   1317 N NE1 . TRP A 1 158 ? 11.039  -10.213 4.021   1.00 14.08 ? 158 TRP A NE1 1 
ATOM   1318 C CE2 . TRP A 1 158 ? 9.889   -9.501  3.772   1.00 11.00 ? 158 TRP A CE2 1 
ATOM   1319 C CE3 . TRP A 1 158 ? 7.506   -9.690  4.287   1.00 8.15  ? 158 TRP A CE3 1 
ATOM   1320 C CZ2 . TRP A 1 158 ? 9.685   -8.298  3.059   1.00 9.81  ? 158 TRP A CZ2 1 
ATOM   1321 C CZ3 . TRP A 1 158 ? 7.313   -8.514  3.566   1.00 10.77 ? 158 TRP A CZ3 1 
ATOM   1322 C CH2 . TRP A 1 158 ? 8.404   -7.822  2.971   1.00 12.63 ? 158 TRP A CH2 1 
ATOM   1323 N N   . ASP A 1 159 ? 6.961   -13.233 8.903   1.00 11.99 ? 159 ASP A N   1 
ATOM   1324 C CA  . ASP A 1 159 ? 6.170   -14.292 9.473   1.00 13.38 ? 159 ASP A CA  1 
ATOM   1325 C C   . ASP A 1 159 ? 4.701   -14.194 9.036   1.00 13.72 ? 159 ASP A C   1 
ATOM   1326 O O   . ASP A 1 159 ? 4.086   -15.213 8.741   1.00 12.07 ? 159 ASP A O   1 
ATOM   1327 C CB  . ASP A 1 159 ? 6.266   -14.199 10.991  1.00 14.76 ? 159 ASP A CB  1 
ATOM   1328 C CG  . ASP A 1 159 ? 7.543   -14.770 11.493  1.00 17.82 ? 159 ASP A CG  1 
ATOM   1329 O OD1 . ASP A 1 159 ? 8.341   -15.208 10.637  1.00 17.18 ? 159 ASP A OD1 1 
ATOM   1330 O OD2 . ASP A 1 159 ? 7.718   -14.768 12.715  1.00 25.15 ? 159 ASP A OD2 1 
ATOM   1331 N N   . ALA A 1 160 ? 4.169   -12.977 8.874   1.00 11.99 ? 160 ALA A N   1 
ATOM   1332 C CA  . ALA A 1 160 ? 2.728   -12.855 8.587   1.00 11.80 ? 160 ALA A CA  1 
ATOM   1333 C C   . ALA A 1 160 ? 2.416   -13.166 7.150   1.00 12.16 ? 160 ALA A C   1 
ATOM   1334 O O   . ALA A 1 160 ? 1.268   -13.230 6.781   1.00 11.65 ? 160 ALA A O   1 
ATOM   1335 C CB  . ALA A 1 160 ? 2.237   -11.411 8.943   1.00 10.51 ? 160 ALA A CB  1 
ATOM   1336 N N   . TYR A 1 161 ? 3.444   -13.373 6.310   1.00 14.08 ? 161 TYR A N   1 
ATOM   1337 C CA  . TYR A 1 161 ? 3.240   -13.590 4.877   1.00 14.80 ? 161 TYR A CA  1 
ATOM   1338 C C   . TYR A 1 161 ? 3.789   -14.964 4.421   1.00 18.27 ? 161 TYR A C   1 
ATOM   1339 O O   . TYR A 1 161 ? 3.561   -15.386 3.275   1.00 18.91 ? 161 TYR A O   1 
ATOM   1340 C CB  . TYR A 1 161 ? 3.926   -12.468 4.049   1.00 14.76 ? 161 TYR A CB  1 
ATOM   1341 C CG  . TYR A 1 161 ? 3.243   -11.145 4.161   1.00 12.49 ? 161 TYR A CG  1 
ATOM   1342 C CD1 . TYR A 1 161 ? 3.594   -10.227 5.168   1.00 11.83 ? 161 TYR A CD1 1 
ATOM   1343 C CD2 . TYR A 1 161 ? 2.217   -10.822 3.307   1.00 10.82 ? 161 TYR A CD2 1 
ATOM   1344 C CE1 . TYR A 1 161 ? 2.926   -9.012  5.302   1.00 10.92 ? 161 TYR A CE1 1 
ATOM   1345 C CE2 . TYR A 1 161 ? 1.507   -9.609  3.415   1.00 8.48  ? 161 TYR A CE2 1 
ATOM   1346 C CZ  . TYR A 1 161 ? 1.884   -8.706  4.423   1.00 12.20 ? 161 TYR A CZ  1 
ATOM   1347 O OH  . TYR A 1 161 ? 1.218   -7.508  4.566   1.00 12.18 ? 161 TYR A OH  1 
ATOM   1348 N N   . LYS A 1 162 ? 4.466   -15.693 5.299   0.50 18.90 ? 162 LYS A N   1 
ATOM   1349 C CA  . LYS A 1 162 ? 5.439   -16.622 4.760   0.50 19.75 ? 162 LYS A CA  1 
ATOM   1350 C C   . LYS A 1 162 ? 4.944   -17.884 4.011   0.50 20.49 ? 162 LYS A C   1 
ATOM   1351 O O   . LYS A 1 162 ? 5.653   -18.327 3.118   0.50 20.39 ? 162 LYS A O   1 
ATOM   1352 C CB  . LYS A 1 162 ? 6.678   -16.813 5.663   0.50 19.69 ? 162 LYS A CB  1 
ATOM   1353 C CG  . LYS A 1 162 ? 6.409   -17.206 7.109   0.50 20.78 ? 162 LYS A CG  1 
ATOM   1354 C CD  . LYS A 1 162 ? 7.733   -17.227 7.891   0.50 19.81 ? 162 LYS A CD  1 
ATOM   1355 C CE  . LYS A 1 162 ? 7.696   -18.327 8.916   0.50 18.08 ? 162 LYS A CE  1 
ATOM   1356 N NZ  . LYS A 1 162 ? 9.040   -18.512 9.537   0.50 21.58 ? 162 LYS A NZ  1 
ATOM   1357 N N   . ASN A 1 163 ? 3.755   -18.441 4.262   0.50 21.64 ? 163 ASN A N   1 
ATOM   1358 C CA  . ASN A 1 163 ? 2.843   -18.141 5.341   0.50 23.15 ? 163 ASN A CA  1 
ATOM   1359 C C   . ASN A 1 163 ? 2.530   -19.456 6.069   0.50 24.32 ? 163 ASN A C   1 
ATOM   1360 O O   . ASN A 1 163 ? 1.616   -20.204 5.688   0.50 24.66 ? 163 ASN A O   1 
ATOM   1361 C CB  . ASN A 1 163 ? 1.527   -17.491 4.836   0.50 24.09 ? 163 ASN A CB  1 
ATOM   1362 C CG  . ASN A 1 163 ? 1.116   -17.942 3.396   0.50 24.52 ? 163 ASN A CG  1 
ATOM   1363 O OD1 . ASN A 1 163 ? 1.649   -18.909 2.852   0.50 26.98 ? 163 ASN A OD1 1 
ATOM   1364 N ND2 . ASN A 1 163 ? 0.166   -17.216 2.794   0.50 24.01 ? 163 ASN A ND2 1 
HETATM 1365 P P   . PO4 B 2 .   ? 8.672   -2.102  23.046  0.70 13.01 ? 165 PO4 A P   1 
HETATM 1366 O O1  . PO4 B 2 .   ? 7.643   -1.047  22.753  0.70 8.42  ? 165 PO4 A O1  1 
HETATM 1367 O O2  . PO4 B 2 .   ? 8.658   -3.250  22.107  0.70 12.47 ? 165 PO4 A O2  1 
HETATM 1368 O O3  . PO4 B 2 .   ? 10.056  -1.381  23.126  0.70 11.58 ? 165 PO4 A O3  1 
HETATM 1369 O O4  . PO4 B 2 .   ? 8.561   -2.724  24.477  0.70 11.36 ? 165 PO4 A O4  1 
HETATM 1370 P P   . PO4 C 2 .   ? -10.967 -10.435 -12.483 0.50 20.49 ? 166 PO4 A P   1 
HETATM 1371 O O1  . PO4 C 2 .   ? -11.290 -8.952  -12.598 0.50 18.04 ? 166 PO4 A O1  1 
HETATM 1372 O O2  . PO4 C 2 .   ? -12.064 -11.090 -13.259 0.50 19.25 ? 166 PO4 A O2  1 
HETATM 1373 O O3  . PO4 C 2 .   ? -9.636  -10.765 -13.180 0.50 14.22 ? 166 PO4 A O3  1 
HETATM 1374 O O4  . PO4 C 2 .   ? -11.019 -10.911 -11.005 0.50 15.77 ? 166 PO4 A O4  1 
HETATM 1375 C C4  . JZ4 D 3 .   ? 2.922   4.751   10.762  1.00 16.39 ? 167 JZ4 A C4  1 
HETATM 1376 C C7  . JZ4 D 3 .   ? 7.612   5.213   7.418   1.00 16.92 ? 167 JZ4 A C7  1 
HETATM 1377 C C8  . JZ4 D 3 .   ? 7.112   5.472   6.133   1.00 14.84 ? 167 JZ4 A C8  1 
HETATM 1378 C C9  . JZ4 D 3 .   ? 5.819   5.155   5.770   1.00 15.93 ? 167 JZ4 A C9  1 
HETATM 1379 C C10 . JZ4 D 3 .   ? 5.002   4.569   6.741   1.00 15.43 ? 167 JZ4 A C10 1 
HETATM 1380 C C11 . JZ4 D 3 .   ? 6.787   4.676   8.399   1.00 16.72 ? 167 JZ4 A C11 1 
HETATM 1381 C C12 . JZ4 D 3 .   ? 5.469   4.334   8.025   1.00 14.13 ? 167 JZ4 A C12 1 
HETATM 1382 C C13 . JZ4 D 3 .   ? 4.596   3.792   9.109   1.00 15.94 ? 167 JZ4 A C13 1 
HETATM 1383 C C14 . JZ4 D 3 .   ? 3.792   5.026   9.583   1.00 15.28 ? 167 JZ4 A C14 1 
HETATM 1384 O OAB . JZ4 D 3 .   ? 3.704   4.299   6.455   1.00 13.88 ? 167 JZ4 A OAB 1 
HETATM 1385 C C1  . BME E 4 .   ? 10.876  -0.708  -5.125  0.50 25.86 ? 168 BME A C1  1 
HETATM 1386 C C2  . BME E 4 .   ? 12.145  -1.532  -4.850  0.50 26.27 ? 168 BME A C2  1 
HETATM 1387 O O1  . BME E 4 .   ? 11.189  0.565   -5.757  0.50 24.55 ? 168 BME A O1  1 
HETATM 1388 S S2  . BME E 4 .   ? 12.655  -1.534  -3.085  0.50 29.32 ? 168 BME A S2  1 
HETATM 1389 O O   . HOH F 5 .   ? -3.169  1.281   -3.994  1.00 27.09 ? 169 HOH A O   1 
HETATM 1390 O O   . HOH F 5 .   ? -3.782  3.128   -3.543  1.00 19.78 ? 170 HOH A O   1 
HETATM 1391 O O   . HOH F 5 .   ? -5.069  1.006   -4.256  1.00 20.96 ? 171 HOH A O   1 
HETATM 1392 O O   . HOH F 5 .   ? -15.022 -0.398  11.927  1.00 19.36 ? 172 HOH A O   1 
HETATM 1393 O O   . HOH F 5 .   ? 18.091  9.477   8.066   1.00 21.43 ? 173 HOH A O   1 
HETATM 1394 O O   . HOH F 5 .   ? 3.373   -9.057  -8.598  1.00 24.44 ? 174 HOH A O   1 
HETATM 1395 O O   . HOH F 5 .   ? 19.477  5.764   8.618   1.00 22.66 ? 175 HOH A O   1 
HETATM 1396 O O   . HOH F 5 .   ? -19.480 3.700   -7.722  1.00 26.70 ? 176 HOH A O   1 
HETATM 1397 O O   . HOH F 5 .   ? -1.982  6.915   -10.441 1.00 18.85 ? 177 HOH A O   1 
HETATM 1398 O O   . HOH F 5 .   ? 12.363  -14.683 10.363  1.00 25.72 ? 178 HOH A O   1 
HETATM 1399 O O   . HOH F 5 .   ? -4.384  -1.718  22.435  1.00 28.65 ? 179 HOH A O   1 
HETATM 1400 O O   . HOH F 5 .   ? 6.096   13.014  -0.694  1.00 24.83 ? 180 HOH A O   1 
HETATM 1401 O O   . HOH F 5 .   ? 2.828   -4.090  -20.248 1.00 21.50 ? 181 HOH A O   1 
HETATM 1402 O O   . HOH F 5 .   ? -8.216  -6.985  5.586   1.00 9.34  ? 182 HOH A O   1 
HETATM 1403 O O   . HOH F 5 .   ? 5.409   -10.382 8.727   1.00 11.36 ? 183 HOH A O   1 
HETATM 1404 O O   . HOH F 5 .   ? 14.656  15.134  9.352   1.00 26.62 ? 184 HOH A O   1 
HETATM 1405 O O   . HOH F 5 .   ? 17.035  11.032  11.064  1.00 26.95 ? 185 HOH A O   1 
HETATM 1406 O O   . HOH F 5 .   ? 0.350   -12.407 -10.018 1.00 33.27 ? 186 HOH A O   1 
HETATM 1407 O O   . HOH F 5 .   ? -2.817  -14.665 11.987  1.00 25.15 ? 187 HOH A O   1 
HETATM 1408 O O   . HOH F 5 .   ? 2.292   -14.095 -8.105  1.00 25.22 ? 188 HOH A O   1 
HETATM 1409 O O   . HOH F 5 .   ? -7.183  -4.573  -4.072  1.00 15.73 ? 189 HOH A O   1 
HETATM 1410 O O   . HOH F 5 .   ? 5.489   9.451   -5.371  1.00 37.01 ? 190 HOH A O   1 
HETATM 1411 O O   . HOH F 5 .   ? -9.386  11.727  -1.794  1.00 31.47 ? 191 HOH A O   1 
HETATM 1412 O O   . HOH F 5 .   ? -0.657  -1.327  25.336  1.00 24.74 ? 192 HOH A O   1 
HETATM 1413 O O   . HOH F 5 .   ? 6.472   -9.827  -18.411 1.00 25.17 ? 193 HOH A O   1 
HETATM 1414 O O   . HOH F 5 .   ? 7.146   7.424   21.964  1.00 28.79 ? 194 HOH A O   1 
HETATM 1415 O O   . HOH F 5 .   ? 1.696   7.324   -2.498  1.00 25.39 ? 195 HOH A O   1 
HETATM 1416 O O   . HOH F 5 .   ? -3.036  10.660  10.736  1.00 30.61 ? 196 HOH A O   1 
HETATM 1417 O O   . HOH F 5 .   ? 5.967   -8.719  -20.787 1.00 37.63 ? 197 HOH A O   1 
HETATM 1418 O O   . HOH F 5 .   ? 3.679   -7.708  -22.981 1.00 26.04 ? 198 HOH A O   1 
HETATM 1419 O O   . HOH F 5 .   ? -6.653  -12.217 4.697   1.00 30.31 ? 199 HOH A O   1 
HETATM 1420 O O   . HOH F 5 .   ? -8.149  -1.560  17.011  1.00 27.42 ? 200 HOH A O   1 
HETATM 1421 O O   . HOH F 5 .   ? -9.784  -4.727  -2.371  1.00 27.07 ? 201 HOH A O   1 
HETATM 1422 O O   . HOH F 5 .   ? -6.430  5.175   10.067  1.00 9.76  ? 202 HOH A O   1 
HETATM 1423 O O   . HOH F 5 .   ? -10.645 -0.114  3.839   1.00 31.11 ? 203 HOH A O   1 
HETATM 1424 O O   . HOH F 5 .   ? -9.143  -11.948 5.749   1.00 29.18 ? 204 HOH A O   1 
HETATM 1425 O O   . HOH F 5 .   ? 1.765   -7.433  15.917  0.50 6.60  ? 205 HOH A O   1 
HETATM 1426 O O   . HOH F 5 .   ? -14.021 -3.088  13.902  1.00 35.68 ? 206 HOH A O   1 
HETATM 1427 O O   . HOH F 5 .   ? 13.224  -2.815  1.411   1.00 26.21 ? 207 HOH A O   1 
HETATM 1428 O O   . HOH F 5 .   ? 1.856   -10.740 -10.726 1.00 29.85 ? 208 HOH A O   1 
HETATM 1429 O O   . HOH F 5 .   ? 7.382   9.082   -8.168  1.00 30.35 ? 209 HOH A O   1 
HETATM 1430 O O   . HOH F 5 .   ? -14.552 -0.207  4.431   1.00 33.80 ? 210 HOH A O   1 
HETATM 1431 O O   . HOH F 5 .   ? 13.939  13.885  5.467   1.00 35.61 ? 211 HOH A O   1 
HETATM 1432 O O   . HOH F 5 .   ? 1.800   -3.583  -24.696 1.00 31.43 ? 212 HOH A O   1 
HETATM 1433 O O   . HOH F 5 .   ? -1.548  11.101  -0.020  1.00 39.62 ? 213 HOH A O   1 
HETATM 1434 O O   . HOH F 5 .   ? -18.965 2.086   -4.705  1.00 28.79 ? 214 HOH A O   1 
HETATM 1435 O O   . HOH F 5 .   ? -8.746  -2.663  -1.761  1.00 35.81 ? 215 HOH A O   1 
HETATM 1436 O O   . HOH F 5 .   ? -5.322  -12.867 -13.331 1.00 34.90 ? 216 HOH A O   1 
HETATM 1437 O O   . HOH F 5 .   ? -1.151  2.001   -5.323  1.00 28.06 ? 217 HOH A O   1 
HETATM 1438 O O   . HOH F 5 .   ? 0.416   -15.112 -6.668  1.00 35.10 ? 218 HOH A O   1 
HETATM 1439 O O   . HOH F 5 .   ? 13.711  13.505  11.884  1.00 39.22 ? 219 HOH A O   1 
HETATM 1440 O O   . HOH F 5 .   ? -8.317  0.388   5.726   1.00 12.90 ? 220 HOH A O   1 
HETATM 1441 O O   . HOH F 5 .   ? 7.995   6.853   -9.327  1.00 31.37 ? 221 HOH A O   1 
HETATM 1442 O O   . HOH F 5 .   ? -6.546  -6.728  -7.272  1.00 33.07 ? 222 HOH A O   1 
HETATM 1443 O O   . HOH F 5 .   ? 3.221   3.336   23.943  1.00 38.32 ? 223 HOH A O   1 
HETATM 1444 O O   . HOH F 5 .   ? 1.484   13.648  17.998  1.00 34.69 ? 224 HOH A O   1 
HETATM 1445 O O   . HOH F 5 .   ? -14.597 5.175   9.567   1.00 37.21 ? 225 HOH A O   1 
HETATM 1446 O O   . HOH F 5 .   ? -13.129 12.126  -7.904  1.00 30.98 ? 226 HOH A O   1 
HETATM 1447 O O   . HOH F 5 .   ? -10.312 11.452  -9.005  1.00 33.17 ? 227 HOH A O   1 
HETATM 1448 O O   . HOH F 5 .   ? -15.128 -4.529  -14.654 1.00 32.29 ? 228 HOH A O   1 
HETATM 1449 O O   . HOH F 5 .   ? -8.784  -12.451 -7.982  1.00 28.09 ? 229 HOH A O   1 
HETATM 1450 O O   . HOH F 5 .   ? 3.166   -11.403 -16.500 1.00 29.59 ? 230 HOH A O   1 
HETATM 1451 O O   . HOH F 5 .   ? -13.854 2.257   -21.920 1.00 37.23 ? 231 HOH A O   1 
HETATM 1452 O O   . HOH F 5 .   ? 0.053   -9.385  -22.821 1.00 39.16 ? 232 HOH A O   1 
HETATM 1453 O O   . HOH F 5 .   ? 5.476   13.506  -3.423  0.50 19.91 ? 233 HOH A O   1 
HETATM 1454 O O   . HOH F 5 .   ? 6.354   5.084   24.005  1.00 33.20 ? 234 HOH A O   1 
HETATM 1455 O O   . HOH F 5 .   ? -1.999  -4.179  24.240  1.00 34.45 ? 235 HOH A O   1 
HETATM 1456 O O   . HOH F 5 .   ? -17.011 3.938   -6.950  1.00 18.70 ? 236 HOH A O   1 
HETATM 1457 O O   . HOH F 5 .   ? 14.176  8.615   17.411  1.00 31.29 ? 237 HOH A O   1 
HETATM 1458 O O   . HOH F 5 .   ? -10.041 11.864  -11.903 1.00 34.87 ? 238 HOH A O   1 
HETATM 1459 O O   . HOH F 5 .   ? -0.551  -14.810 3.748   1.00 34.41 ? 239 HOH A O   1 
HETATM 1460 O O   . HOH F 5 .   ? -16.970 -6.467  -14.568 1.00 31.26 ? 240 HOH A O   1 
HETATM 1461 O O   . HOH F 5 .   ? -11.009 -5.192  13.898  1.00 25.98 ? 241 HOH A O   1 
HETATM 1462 O O   . HOH F 5 .   ? -5.422  -14.626 6.742   1.00 28.09 ? 242 HOH A O   1 
HETATM 1463 O O   . HOH F 5 .   ? -11.093 8.082   0.796   1.00 28.87 ? 243 HOH A O   1 
HETATM 1464 O O   . HOH F 5 .   ? -2.448  -5.913  21.176  1.00 27.31 ? 244 HOH A O   1 
HETATM 1465 O O   . HOH F 5 .   ? 10.418  -15.864 -4.743  1.00 34.28 ? 245 HOH A O   1 
HETATM 1466 O O   . HOH F 5 .   ? -14.163 12.128  -12.277 1.00 33.82 ? 246 HOH A O   1 
HETATM 1467 O O   . HOH F 5 .   ? -12.257 3.037   -26.013 1.00 33.04 ? 247 HOH A O   1 
HETATM 1468 O O   . HOH F 5 .   ? 4.324   -16.149 0.656   1.00 36.14 ? 248 HOH A O   1 
HETATM 1469 O O   . HOH F 5 .   ? -3.998  -11.417 9.393   1.00 12.38 ? 249 HOH A O   1 
HETATM 1470 O O   . HOH F 5 .   ? -10.880 3.448   14.673  1.00 12.10 ? 250 HOH A O   1 
HETATM 1471 O O   . HOH F 5 .   ? -3.993  -1.720  19.900  1.00 12.80 ? 251 HOH A O   1 
HETATM 1472 O O   . HOH F 5 .   ? 15.162  -1.938  12.619  1.00 15.68 ? 252 HOH A O   1 
HETATM 1473 O O   . HOH F 5 .   ? -1.012  -1.427  4.575   1.00 9.31  ? 253 HOH A O   1 
HETATM 1474 O O   . HOH F 5 .   ? 1.327   2.027   -18.682 1.00 13.04 ? 254 HOH A O   1 
HETATM 1475 O O   . HOH F 5 .   ? -0.501  -7.735  14.096  1.00 11.90 ? 255 HOH A O   1 
HETATM 1476 O O   . HOH F 5 .   ? -0.783  -1.428  -9.001  1.00 14.67 ? 256 HOH A O   1 
HETATM 1477 O O   . HOH F 5 .   ? 9.564   -11.878 -6.430  1.00 14.56 ? 257 HOH A O   1 
HETATM 1478 O O   . HOH F 5 .   ? 16.721  8.268   9.903   1.00 18.62 ? 258 HOH A O   1 
HETATM 1479 O O   . HOH F 5 .   ? 11.292  -5.721  -1.018  1.00 9.71  ? 259 HOH A O   1 
HETATM 1480 O O   . HOH F 5 .   ? -5.613  -7.795  1.894   1.00 16.93 ? 260 HOH A O   1 
HETATM 1481 O O   . HOH F 5 .   ? -6.775  -1.735  -3.807  1.00 19.70 ? 261 HOH A O   1 
HETATM 1482 O O   . HOH F 5 .   ? -7.718  0.927   -4.678  1.00 11.68 ? 262 HOH A O   1 
HETATM 1483 O O   . HOH F 5 .   ? -16.859 6.043   -5.347  1.00 32.91 ? 263 HOH A O   1 
HETATM 1484 O O   . HOH F 5 .   ? 16.179  4.789   14.916  1.00 13.05 ? 264 HOH A O   1 
HETATM 1485 O O   . HOH F 5 .   ? 13.239  2.571   13.376  1.00 13.79 ? 265 HOH A O   1 
HETATM 1486 O O   . HOH F 5 .   ? -2.168  -5.973  15.114  1.00 14.10 ? 266 HOH A O   1 
HETATM 1487 O O   . HOH F 5 .   ? -3.255  -13.101 7.298   1.00 15.51 ? 267 HOH A O   1 
HETATM 1488 O O   . HOH F 5 .   ? -12.785 -4.493  12.343  1.00 12.47 ? 268 HOH A O   1 
HETATM 1489 O O   . HOH F 5 .   ? 2.498   -5.047  20.128  1.00 13.53 ? 269 HOH A O   1 
HETATM 1490 O O   . HOH F 5 .   ? -8.769  2.987   -1.635  1.00 20.48 ? 270 HOH A O   1 
HETATM 1491 O O   . HOH F 5 .   ? -11.245 1.470   -19.898 1.00 15.92 ? 271 HOH A O   1 
HETATM 1492 O O   . HOH F 5 .   ? -9.962  -8.121  7.048   1.00 14.40 ? 272 HOH A O   1 
HETATM 1493 O O   . HOH F 5 .   ? -1.680  -2.891  -11.015 1.00 10.61 ? 273 HOH A O   1 
HETATM 1494 O O   . HOH F 5 .   ? -16.580 0.086   1.484   1.00 9.60  ? 274 HOH A O   1 
HETATM 1495 O O   . HOH F 5 .   ? -0.727  8.745   15.820  1.00 21.60 ? 275 HOH A O   1 
HETATM 1496 O O   . HOH F 5 .   ? -1.286  -4.287  17.295  1.00 12.52 ? 276 HOH A O   1 
HETATM 1497 O O   . HOH F 5 .   ? -1.255  13.841  13.174  1.00 24.48 ? 277 HOH A O   1 
HETATM 1498 O O   . HOH F 5 .   ? 11.196  -13.339 -2.448  1.00 20.66 ? 278 HOH A O   1 
HETATM 1499 O O   . HOH F 5 .   ? 14.203  -10.355 8.810   1.00 17.50 ? 279 HOH A O   1 
HETATM 1500 O O   . HOH F 5 .   ? -13.057 2.461   11.635  1.00 15.75 ? 280 HOH A O   1 
HETATM 1501 O O   . HOH F 5 .   ? -6.786  -3.856  1.586   1.00 31.64 ? 281 HOH A O   1 
HETATM 1502 O O   . HOH F 5 .   ? 12.945  -11.775 -3.216  1.00 12.52 ? 282 HOH A O   1 
HETATM 1503 O O   . HOH F 5 .   ? -14.383 5.080   -7.734  1.00 13.69 ? 283 HOH A O   1 
HETATM 1504 O O   . HOH F 5 .   ? 0.835   3.514   -12.444 1.00 12.20 ? 284 HOH A O   1 
HETATM 1505 O O   . HOH F 5 .   ? 9.488   -6.037  20.157  1.00 18.20 ? 285 HOH A O   1 
HETATM 1506 O O   . HOH F 5 .   ? 11.443  -13.186 7.726   1.00 11.56 ? 286 HOH A O   1 
HETATM 1507 O O   . HOH F 5 .   ? -8.139  -6.338  2.740   1.00 14.35 ? 287 HOH A O   1 
HETATM 1508 O O   . HOH F 5 .   ? 14.394  -6.889  9.928   1.00 13.85 ? 288 HOH A O   1 
HETATM 1509 O O   . HOH F 5 .   ? -1.116  3.469   21.965  1.00 17.31 ? 289 HOH A O   1 
HETATM 1510 O O   . HOH F 5 .   ? -9.356  3.462   17.423  1.00 19.83 ? 290 HOH A O   1 
HETATM 1511 O O   . HOH F 5 .   ? -0.311  -6.913  -22.463 1.00 17.97 ? 291 HOH A O   1 
HETATM 1512 O O   . HOH F 5 .   ? 11.715  -10.360 15.379  1.00 22.60 ? 292 HOH A O   1 
HETATM 1513 O O   . HOH F 5 .   ? -3.210  -4.229  19.216  1.00 9.56  ? 293 HOH A O   1 
HETATM 1514 O O   . HOH F 5 .   ? 0.325   -11.565 12.146  1.00 20.75 ? 294 HOH A O   1 
HETATM 1515 O O   . HOH F 5 .   ? 6.961   5.077   -11.237 1.00 26.27 ? 295 HOH A O   1 
HETATM 1516 O O   . HOH F 5 .   ? 7.406   -1.017  26.342  1.00 21.07 ? 296 HOH A O   1 
HETATM 1517 O O   . HOH F 5 .   ? -6.593  -11.828 -6.690  1.00 19.70 ? 297 HOH A O   1 
HETATM 1518 O O   . HOH F 5 .   ? 5.403   -5.453  -11.087 1.00 17.25 ? 298 HOH A O   1 
HETATM 1519 O O   . HOH F 5 .   ? 2.967   -12.940 -3.652  1.00 12.16 ? 299 HOH A O   1 
HETATM 1520 O O   . HOH F 5 .   ? 1.636   2.018   22.274  1.00 16.15 ? 300 HOH A O   1 
HETATM 1521 O O   . HOH F 5 .   ? -4.476  -7.001  16.230  1.00 13.40 ? 301 HOH A O   1 
HETATM 1522 O O   . HOH F 5 .   ? -3.100  3.283   -6.822  1.00 24.02 ? 302 HOH A O   1 
HETATM 1523 O O   . HOH F 5 .   ? 6.241   11.445  14.807  1.00 15.04 ? 303 HOH A O   1 
HETATM 1524 O O   . HOH F 5 .   ? 13.855  -11.947 6.751   1.00 19.54 ? 304 HOH A O   1 
HETATM 1525 O O   . HOH F 5 .   ? -0.473  0.565   -24.186 1.00 19.79 ? 305 HOH A O   1 
HETATM 1526 O O   . HOH F 5 .   ? 5.311   -8.008  -16.238 1.00 20.60 ? 306 HOH A O   1 
HETATM 1527 O O   . HOH F 5 .   ? 8.714   11.918  11.281  1.00 19.78 ? 307 HOH A O   1 
HETATM 1528 O O   . HOH F 5 .   ? 13.056  4.707   -7.692  1.00 21.96 ? 308 HOH A O   1 
HETATM 1529 O O   . HOH F 5 .   ? 4.943   -14.571 -2.320  1.00 31.79 ? 309 HOH A O   1 
HETATM 1530 O O   . HOH F 5 .   ? 10.720  -3.978  20.650  1.00 11.90 ? 310 HOH A O   1 
HETATM 1531 O O   . HOH F 5 .   ? -4.597  -0.320  -1.882  1.00 20.28 ? 311 HOH A O   1 
HETATM 1532 O O   . HOH F 5 .   ? -21.868 1.141   -9.061  1.00 22.15 ? 312 HOH A O   1 
HETATM 1533 O O   . HOH F 5 .   ? -6.239  -12.337 10.612  1.00 21.10 ? 313 HOH A O   1 
HETATM 1534 O O   . HOH F 5 .   ? 13.221  -0.783  21.923  1.00 12.01 ? 314 HOH A O   1 
HETATM 1535 O O   . HOH F 5 .   ? -0.117  -2.097  -23.104 1.00 18.56 ? 315 HOH A O   1 
HETATM 1536 O O   . HOH F 5 .   ? -4.810  -13.499 -5.289  1.00 26.01 ? 316 HOH A O   1 
HETATM 1537 O O   . HOH F 5 .   ? -0.849  -13.888 8.289   1.00 18.11 ? 317 HOH A O   1 
HETATM 1538 O O   . HOH F 5 .   ? 12.097  10.591  -4.054  1.00 18.38 ? 318 HOH A O   1 
HETATM 1539 O O   . HOH F 5 .   ? 4.890   -5.464  -17.119 1.00 19.40 ? 319 HOH A O   1 
HETATM 1540 O O   . HOH F 5 .   ? 11.989  -12.577 -7.274  1.00 19.50 ? 320 HOH A O   1 
HETATM 1541 O O   . HOH F 5 .   ? -17.934 -2.354  -17.810 1.00 28.21 ? 321 HOH A O   1 
HETATM 1542 O O   . HOH F 5 .   ? -14.637 -6.690  -11.673 1.00 25.90 ? 322 HOH A O   1 
HETATM 1543 O O   . HOH F 5 .   ? 3.862   -8.423  21.335  1.00 27.89 ? 323 HOH A O   1 
HETATM 1544 O O   . HOH F 5 .   ? 5.853   12.797  12.499  1.00 17.95 ? 324 HOH A O   1 
HETATM 1545 O O   . HOH F 5 .   ? -6.024  6.827   3.298   1.00 30.89 ? 325 HOH A O   1 
HETATM 1546 O O   . HOH F 5 .   ? -9.467  0.478   17.170  1.00 18.35 ? 326 HOH A O   1 
HETATM 1547 O O   . HOH F 5 .   ? 2.377   5.729   -10.318 1.00 23.65 ? 327 HOH A O   1 
HETATM 1548 O O   . HOH F 5 .   ? 2.056   -5.712  -22.294 1.00 32.98 ? 328 HOH A O   1 
HETATM 1549 O O   . HOH F 5 .   ? -8.715  -4.639  -23.313 1.00 25.90 ? 329 HOH A O   1 
HETATM 1550 O O   . HOH F 5 .   ? 16.895  9.938   5.810   1.00 27.27 ? 330 HOH A O   1 
HETATM 1551 O O   . HOH F 5 .   ? -11.248 -7.217  -5.060  1.00 25.56 ? 331 HOH A O   1 
HETATM 1552 O O   . HOH F 5 .   ? -0.041  -10.259 -19.968 1.00 17.52 ? 332 HOH A O   1 
HETATM 1553 O O   . HOH F 5 .   ? -8.527  -7.634  -5.285  1.00 23.58 ? 333 HOH A O   1 
HETATM 1554 O O   . HOH F 5 .   ? 6.463   -3.507  -16.109 1.00 18.62 ? 334 HOH A O   1 
HETATM 1555 O O   . HOH F 5 .   ? 0.065   5.386   -2.112  1.00 23.73 ? 335 HOH A O   1 
HETATM 1556 O O   . HOH F 5 .   ? -2.998  -11.414 -19.101 1.00 13.50 ? 336 HOH A O   1 
HETATM 1557 O O   . HOH F 5 .   ? 3.304   13.129  11.467  1.00 25.22 ? 337 HOH A O   1 
HETATM 1558 O O   . HOH F 5 .   ? -7.497  -9.342  -19.578 1.00 20.10 ? 338 HOH A O   1 
HETATM 1559 O O   . HOH F 5 .   ? 13.947  -9.087  12.767  1.00 20.03 ? 339 HOH A O   1 
HETATM 1560 O O   . HOH F 5 .   ? 0.241   9.239   -1.346  1.00 26.56 ? 340 HOH A O   1 
HETATM 1561 O O   . HOH F 5 .   ? 4.117   7.780   -1.217  1.00 26.66 ? 341 HOH A O   1 
HETATM 1562 O O   . HOH F 5 .   ? 0.536   -14.271 -4.255  1.00 24.29 ? 342 HOH A O   1 
HETATM 1563 O O   . HOH F 5 .   ? -20.946 3.477   -9.981  1.00 21.82 ? 343 HOH A O   1 
HETATM 1564 O O   . HOH F 5 .   ? 13.435  3.473   22.148  1.00 18.00 ? 344 HOH A O   1 
HETATM 1565 O O   . HOH F 5 .   ? -12.585 -1.974  3.900   1.00 23.65 ? 345 HOH A O   1 
HETATM 1566 O O   . HOH F 5 .   ? -1.652  -12.166 10.601  1.00 20.52 ? 346 HOH A O   1 
HETATM 1567 O O   . HOH F 5 .   ? 15.519  11.880  6.777   1.00 34.34 ? 347 HOH A O   1 
HETATM 1568 O O   . HOH F 5 .   ? -12.455 5.742   -21.853 1.00 19.32 ? 348 HOH A O   1 
HETATM 1569 O O   . HOH F 5 .   ? 3.802   11.625  -2.993  1.00 37.40 ? 349 HOH A O   1 
HETATM 1570 O O   . HOH F 5 .   ? -14.838 6.344   -20.505 1.00 20.60 ? 350 HOH A O   1 
HETATM 1571 O O   . HOH F 5 .   ? -14.358 -4.535  -16.970 1.00 23.43 ? 351 HOH A O   1 
HETATM 1572 O O   . HOH F 5 .   ? -5.257  6.572   -23.795 1.00 23.04 ? 352 HOH A O   1 
HETATM 1573 O O   . HOH F 5 .   ? 11.646  6.182   -9.137  1.00 25.44 ? 353 HOH A O   1 
HETATM 1574 O O   . HOH F 5 .   ? -15.414 4.170   1.365   1.00 33.33 ? 354 HOH A O   1 
HETATM 1575 O O   . HOH F 5 .   ? 8.649   10.336  13.749  1.00 22.17 ? 355 HOH A O   1 
HETATM 1576 O O   . HOH F 5 .   ? 4.748   -2.131  25.987  1.00 28.21 ? 356 HOH A O   1 
HETATM 1577 O O   . HOH F 5 .   ? 1.581   -1.820  -21.131 1.00 24.79 ? 357 HOH A O   1 
HETATM 1578 O O   . HOH F 5 .   ? -6.789  -1.390  18.981  1.00 19.08 ? 358 HOH A O   1 
HETATM 1579 O O   . HOH F 5 .   ? 3.993   -12.984 -6.253  1.00 14.02 ? 359 HOH A O   1 
HETATM 1580 O O   . HOH F 5 .   ? 0.713   -6.117  18.295  1.00 12.88 ? 360 HOH A O   1 
HETATM 1581 O O   . HOH F 5 .   ? -18.578 -0.123  -0.657  1.00 13.35 ? 361 HOH A O   1 
HETATM 1582 O O   . HOH F 5 .   ? 1.916   -13.607 12.153  1.00 23.22 ? 362 HOH A O   1 
HETATM 1583 O O   . HOH F 5 .   ? 1.428   -0.301  24.290  1.00 16.43 ? 363 HOH A O   1 
HETATM 1584 O O   . HOH F 5 .   ? -5.369  -5.262  18.081  1.00 20.96 ? 364 HOH A O   1 
HETATM 1585 O O   . HOH F 5 .   ? -3.166  -13.467 -16.995 1.00 24.54 ? 365 HOH A O   1 
HETATM 1586 O O   . HOH F 5 .   ? 3.085   -2.337  24.051  1.00 19.17 ? 366 HOH A O   1 
HETATM 1587 O O   . HOH F 5 .   ? -6.069  7.543   -12.277 1.00 17.31 ? 367 HOH A O   1 
HETATM 1588 O O   . HOH F 5 .   ? 13.574  13.410  -6.170  1.00 30.09 ? 368 HOH A O   1 
HETATM 1589 O O   . HOH F 5 .   ? -4.105  -12.127 -2.836  1.00 20.71 ? 369 HOH A O   1 
HETATM 1590 O O   . HOH F 5 .   ? -19.842 0.066   -11.592 1.00 30.92 ? 370 HOH A O   1 
HETATM 1591 O O   . HOH F 5 .   ? -2.446  -5.204  -24.154 1.00 26.40 ? 371 HOH A O   1 
HETATM 1592 O O   . HOH F 5 .   ? 5.928   15.604  0.404   1.00 26.33 ? 372 HOH A O   1 
HETATM 1593 O O   . HOH F 5 .   ? -7.465  -8.138  -1.956  1.00 31.39 ? 373 HOH A O   1 
HETATM 1594 O O   . HOH F 5 .   ? -6.824  -3.756  -0.670  1.00 23.25 ? 374 HOH A O   1 
HETATM 1595 O O   . HOH F 5 .   ? -4.947  -6.372  -24.650 1.00 24.50 ? 375 HOH A O   1 
HETATM 1596 O O   . HOH F 5 .   ? 4.874   -5.970  24.753  1.00 22.49 ? 376 HOH A O   1 
HETATM 1597 O O   . HOH F 5 .   ? -7.879  -1.083  1.215   1.00 23.51 ? 377 HOH A O   1 
HETATM 1598 O O   . HOH F 5 .   ? -21.097 4.809   -13.250 1.00 20.67 ? 378 HOH A O   1 
HETATM 1599 O O   . HOH F 5 .   ? 6.795   -4.914  25.535  1.00 33.53 ? 379 HOH A O   1 
HETATM 1600 O O   . HOH F 5 .   ? -11.810 1.890   -23.426 1.00 29.87 ? 380 HOH A O   1 
HETATM 1601 O O   . HOH F 5 .   ? 16.231  2.600   19.636  1.00 25.40 ? 381 HOH A O   1 
HETATM 1602 O O   . HOH F 5 .   ? -2.468  5.072   -2.646  1.00 29.88 ? 382 HOH A O   1 
HETATM 1603 O O   . HOH F 5 .   ? 7.190   16.725  3.271   1.00 27.48 ? 383 HOH A O   1 
HETATM 1604 O O   . HOH F 5 .   ? -4.348  5.526   -13.168 1.00 26.92 ? 384 HOH A O   1 
HETATM 1605 O O   . HOH F 5 .   ? -1.187  -14.178 -10.608 1.00 33.27 ? 385 HOH A O   1 
HETATM 1606 O O   . HOH F 5 .   ? -7.086  0.453   -0.749  1.00 21.60 ? 386 HOH A O   1 
HETATM 1607 O O   . HOH F 5 .   ? -10.092 6.510   -24.048 1.00 26.60 ? 387 HOH A O   1 
HETATM 1608 O O   . HOH F 5 .   ? 2.224   -4.782  23.978  1.00 29.57 ? 388 HOH A O   1 
# 
loop_
_pdbx_poly_seq_scheme.asym_id 
_pdbx_poly_seq_scheme.entity_id 
_pdbx_poly_seq_scheme.seq_id 
_pdbx_poly_seq_scheme.mon_id 
_pdbx_poly_seq_scheme.ndb_seq_num 
_pdbx_poly_seq_scheme.pdb_seq_num 
_pdbx_poly_seq_scheme.auth_seq_num 
_pdbx_poly_seq_scheme.pdb_mon_id 
_pdbx_poly_seq_scheme.auth_mon_id 
_pdbx_poly_seq_scheme.pdb_strand_id 
_pdbx_poly_seq_scheme.pdb_ins_code 
_pdbx_poly_seq_scheme.hetero 
A 1 1   MET 1   1   1   MET MET A . n 
A 1 2   ASN 2   2   2   ASN ASN A . n 
A 1 3   ILE 3   3   3   ILE ILE A . n 
A 1 4   PHE 4   4   4   PHE PHE A . n 
A 1 5   GLU 5   5   5   GLU GLU A . n 
A 1 6   MET 6   6   6   MET MET A . n 
A 1 7   LEU 7   7   7   LEU LEU A . n 
A 1 8   ARG 8   8   8   ARG ARG A . n 
A 1 9   ILE 9   9   9   ILE ILE A . n 
A 1 10  ASP 10  10  10  ASP ASP A . n 
A 1 11  GLU 11  11  11  GLU GLU A . n 
A 1 12  GLY 12  12  12  GLY GLY A . n 
A 1 13  LEU 13  13  13  LEU LEU A . n 
A 1 14  ARG 14  14  14  ARG ARG A . n 
A 1 15  LEU 15  15  15  LEU LEU A . n 
A 1 16  LYS 16  16  16  LYS LYS A . n 
A 1 17  ILE 17  17  17  ILE ILE A . n 
A 1 18  TYR 18  18  18  TYR TYR A . n 
A 1 19  LYS 19  19  19  LYS LYS A . n 
A 1 20  ASP 20  20  20  ASP ASP A . n 
A 1 21  THR 21  21  21  THR THR A . n 
A 1 22  GLU 22  22  22  GLU GLU A . n 
A 1 23  GLY 23  23  23  GLY GLY A . n 
A 1 24  TYR 24  24  24  TYR TYR A . n 
A 1 25  TYR 25  25  25  TYR TYR A . n 
A 1 26  THR 26  26  26  THR THR A . n 
A 1 27  ILE 27  27  27  ILE ILE A . n 
A 1 28  GLY 28  28  28  GLY GLY A . n 
A 1 29  ILE 29  29  29  ILE ILE A . n 
A 1 30  GLY 30  30  30  GLY GLY A . n 
A 1 31  HIS 31  31  31  HIS HIS A . n 
A 1 32  LEU 32  32  32  LEU LEU A . n 
A 1 33  LEU 33  33  33  LEU LEU A . n 
A 1 34  THR 34  34  34  THR THR A . n 
A 1 35  LYS 35  35  35  LYS LYS A . n 
A 1 36  SER 36  36  36  SER SER A . n 
A 1 37  PRO 37  37  37  PRO PRO A . n 
A 1 38  ASP 38  38  38  ASP ASP A . n 
A 1 39  LEU 39  39  39  LEU LEU A . n 
A 1 40  ASN 40  40  40  ASN ASN A . n 
A 1 41  ALA 41  41  41  ALA ALA A . n 
A 1 42  ALA 42  42  42  ALA ALA A . n 
A 1 43  LYS 43  43  43  LYS LYS A . n 
A 1 44  SER 44  44  44  SER SER A . n 
A 1 45  GLU 45  45  45  GLU GLU A . n 
A 1 46  LEU 46  46  46  LEU LEU A . n 
A 1 47  ASP 47  47  47  ASP ASP A . n 
A 1 48  LYS 48  48  48  LYS LYS A . n 
A 1 49  ALA 49  49  49  ALA ALA A . n 
A 1 50  ILE 50  50  50  ILE ILE A . n 
A 1 51  GLY 51  51  51  GLY GLY A . n 
A 1 52  ARG 52  52  52  ARG ARG A . n 
A 1 53  ASN 53  53  53  ASN ASN A . n 
A 1 54  CYS 54  54  54  CYS CYS A . n 
A 1 55  ASN 55  55  55  ASN ASN A . n 
A 1 56  GLY 56  56  56  GLY GLY A . n 
A 1 57  VAL 57  57  57  VAL VAL A . n 
A 1 58  ILE 58  58  58  ILE ILE A . n 
A 1 59  THR 59  59  59  THR THR A . n 
A 1 60  LYS 60  60  60  LYS LYS A . n 
A 1 61  ASP 61  61  61  ASP ASP A . n 
A 1 62  GLU 62  62  62  GLU GLU A . n 
A 1 63  ALA 63  63  63  ALA ALA A . n 
A 1 64  GLU 64  64  64  GLU GLU A . n 
A 1 65  LYS 65  65  65  LYS LYS A . n 
A 1 66  LEU 66  66  66  LEU LEU A . n 
A 1 67  PHE 67  67  67  PHE PHE A . n 
A 1 68  ASN 68  68  68  ASN ASN A . n 
A 1 69  GLN 69  69  69  GLN GLN A . n 
A 1 70  ASP 70  70  70  ASP ASP A . n 
A 1 71  VAL 71  71  71  VAL VAL A . n 
A 1 72  ASP 72  72  72  ASP ASP A . n 
A 1 73  ALA 73  73  73  ALA ALA A . n 
A 1 74  ALA 74  74  74  ALA ALA A . n 
A 1 75  VAL 75  75  75  VAL VAL A . n 
A 1 76  ARG 76  76  76  ARG ARG A . n 
A 1 77  GLY 77  77  77  GLY GLY A . n 
A 1 78  ILE 78  78  78  ILE ILE A . n 
A 1 79  LEU 79  79  79  LEU LEU A . n 
A 1 80  ARG 80  80  80  ARG ARG A . n 
A 1 81  ASN 81  81  81  ASN ASN A . n 
A 1 82  ALA 82  82  82  ALA ALA A . n 
A 1 83  LYS 83  83  83  LYS LYS A . n 
A 1 84  LEU 84  84  84  LEU LEU A . n 
A 1 85  LYS 85  85  85  LYS LYS A . n 
A 1 86  PRO 86  86  86  PRO PRO A . n 
A 1 87  VAL 87  87  87  VAL VAL A . n 
A 1 88  TYR 88  88  88  TYR TYR A . n 
A 1 89  ASP 89  89  89  ASP ASP A . n 
A 1 90  SER 90  90  90  SER SER A . n 
A 1 91  LEU 91  91  91  LEU LEU A . n 
A 1 92  ASP 92  92  92  ASP ASP A . n 
A 1 93  ALA 93  93  93  ALA ALA A . n 
A 1 94  VAL 94  94  94  VAL VAL A . n 
A 1 95  ARG 95  95  95  ARG ARG A . n 
A 1 96  ARG 96  96  96  ARG ARG A . n 
A 1 97  CYS 97  97  97  CYS CYS A . n 
A 1 98  ALA 98  98  98  ALA ALA A . n 
A 1 99  ALA 99  99  99  ALA ALA A . n 
A 1 100 ILE 100 100 100 ILE ILE A . n 
A 1 101 ASN 101 101 101 ASN ASN A . n 
A 1 102 GLN 102 102 102 GLN GLN A . n 
A 1 103 VAL 103 103 103 VAL VAL A . n 
A 1 104 PHE 104 104 104 PHE PHE A . n 
A 1 105 GLN 105 105 105 GLN GLN A . n 
A 1 106 MET 106 106 106 MET MET A . n 
A 1 107 GLY 107 107 107 GLY GLY A . n 
A 1 108 GLU 108 108 108 GLU GLU A . n 
A 1 109 THR 109 109 109 THR THR A . n 
A 1 110 GLY 110 110 110 GLY GLY A . n 
A 1 111 VAL 111 111 111 VAL VAL A . n 
A 1 112 ALA 112 112 112 ALA ALA A . n 
A 1 113 GLY 113 113 113 GLY GLY A . n 
A 1 114 PHE 114 114 114 PHE PHE A . n 
A 1 115 THR 115 115 115 THR THR A . n 
A 1 116 ASN 116 116 116 ASN ASN A . n 
A 1 117 SER 117 117 117 SER SER A . n 
A 1 118 LEU 118 118 118 LEU LEU A . n 
A 1 119 ARG 119 119 119 ARG ARG A . n 
A 1 120 MET 120 120 120 MET MET A . n 
A 1 121 LEU 121 121 121 LEU LEU A . n 
A 1 122 GLN 122 122 122 GLN GLN A . n 
A 1 123 GLN 123 123 123 GLN GLN A . n 
A 1 124 LYS 124 124 124 LYS LYS A . n 
A 1 125 ARG 125 125 125 ARG ARG A . n 
A 1 126 TRP 126 126 126 TRP TRP A . n 
A 1 127 ASP 127 127 127 ASP ASP A . n 
A 1 128 GLU 128 128 128 GLU GLU A . n 
A 1 129 ALA 129 129 129 ALA ALA A . n 
A 1 130 ALA 130 130 130 ALA ALA A . n 
A 1 131 VAL 131 131 131 VAL VAL A . n 
A 1 132 ASN 132 132 132 ASN ASN A . n 
A 1 133 LEU 133 133 133 LEU LEU A . n 
A 1 134 ALA 134 134 134 ALA ALA A . n 
A 1 135 LYS 135 135 135 LYS LYS A . n 
A 1 136 SER 136 136 136 SER SER A . n 
A 1 137 ARG 137 137 137 ARG ARG A . n 
A 1 138 TRP 138 138 138 TRP TRP A . n 
A 1 139 TYR 139 139 139 TYR TYR A . n 
A 1 140 ASN 140 140 140 ASN ASN A . n 
A 1 141 GLN 141 141 141 GLN GLN A . n 
A 1 142 THR 142 142 142 THR THR A . n 
A 1 143 PRO 143 143 143 PRO PRO A . n 
A 1 144 ASP 144 144 144 ASP ASP A . n 
A 1 145 ARG 145 145 145 ARG ARG A . n 
A 1 146 ALA 146 146 146 ALA ALA A . n 
A 1 147 LYS 147 147 147 LYS LYS A . n 
A 1 148 ARG 148 148 148 ARG ARG A . n 
A 1 149 VAL 149 149 149 VAL VAL A . n 
A 1 150 ILE 150 150 150 ILE ILE A . n 
A 1 151 THR 151 151 151 THR THR A . n 
A 1 152 THR 152 152 152 THR THR A . n 
A 1 153 PHE 153 153 153 PHE PHE A . n 
A 1 154 ARG 154 154 154 ARG ARG A . n 
A 1 155 THR 155 155 155 THR THR A . n 
A 1 156 GLY 156 156 156 GLY GLY A . n 
A 1 157 THR 157 157 157 THR THR A . n 
A 1 158 TRP 158 158 158 TRP TRP A . n 
A 1 159 ASP 159 159 159 ASP ASP A . n 
A 1 160 ALA 160 160 160 ALA ALA A . n 
A 1 161 TYR 161 161 161 TYR TYR A . n 
A 1 162 LYS 162 162 162 LYS LYS A . n 
A 1 163 ASN 163 163 163 ASN ASN A . n 
A 1 164 LEU 164 164 ?   ?   ?   A . n 
# 
loop_
_pdbx_nonpoly_scheme.asym_id 
_pdbx_nonpoly_scheme.entity_id 
_pdbx_nonpoly_scheme.mon_id 
_pdbx_nonpoly_scheme.ndb_seq_num 
_pdbx_nonpoly_scheme.pdb_seq_num 
_pdbx_nonpoly_scheme.auth_seq_num 
_pdbx_nonpoly_scheme.pdb_mon_id 
_pdbx_nonpoly_scheme.auth_mon_id 
_pdbx_nonpoly_scheme.pdb_strand_id 
_pdbx_nonpoly_scheme.pdb_ins_code 
B 2 PO4 1   165 1   PO4 PO4 A . 
C 2 PO4 1   166 2   PO4 PO4 A . 
D 3 JZ4 1   167 1   JZ4 JZ4 A . 
E 4 BME 1   168 1   BME BME A . 
F 5 HOH 1   169 169 HOH HOH A . 
F 5 HOH 2   170 170 HOH HOH A . 
F 5 HOH 3   171 171 HOH HOH A . 
F 5 HOH 4   172 172 HOH HOH A . 
F 5 HOH 5   173 173 HOH HOH A . 
F 5 HOH 6   174 174 HOH HOH A . 
F 5 HOH 7   175 175 HOH HOH A . 
F 5 HOH 8   176 176 HOH HOH A . 
F 5 HOH 9   177 177 HOH HOH A . 
F 5 HOH 10  178 178 HOH HOH A . 
F 5 HOH 11  179 179 HOH HOH A . 
F 5 HOH 12  180 180 HOH HOH A . 
F 5 HOH 13  181 181 HOH HOH A . 
F 5 HOH 14  182 2   HOH HOH A . 
F 5 HOH 15  183 3   HOH HOH A . 
F 5 HOH 16  184 184 HOH HOH A . 
F 5 HOH 17  185 185 HOH HOH A . 
F 5 HOH 18  186 186 HOH HOH A . 
F 5 HOH 19  187 187 HOH HOH A . 
F 5 HOH 20  188 188 HOH HOH A . 
F 5 HOH 21  189 4   HOH HOH A . 
F 5 HOH 22  190 190 HOH HOH A . 
F 5 HOH 23  191 191 HOH HOH A . 
F 5 HOH 24  192 192 HOH HOH A . 
F 5 HOH 25  193 193 HOH HOH A . 
F 5 HOH 26  194 194 HOH HOH A . 
F 5 HOH 27  195 195 HOH HOH A . 
F 5 HOH 28  196 196 HOH HOH A . 
F 5 HOH 29  197 197 HOH HOH A . 
F 5 HOH 30  198 198 HOH HOH A . 
F 5 HOH 31  199 199 HOH HOH A . 
F 5 HOH 32  200 200 HOH HOH A . 
F 5 HOH 33  201 201 HOH HOH A . 
F 5 HOH 34  202 5   HOH HOH A . 
F 5 HOH 35  203 203 HOH HOH A . 
F 5 HOH 36  204 204 HOH HOH A . 
F 5 HOH 37  205 205 HOH HOH A . 
F 5 HOH 38  206 206 HOH HOH A . 
F 5 HOH 39  207 207 HOH HOH A . 
F 5 HOH 40  208 208 HOH HOH A . 
F 5 HOH 41  209 209 HOH HOH A . 
F 5 HOH 42  210 210 HOH HOH A . 
F 5 HOH 43  211 211 HOH HOH A . 
F 5 HOH 44  212 212 HOH HOH A . 
F 5 HOH 45  213 213 HOH HOH A . 
F 5 HOH 46  214 214 HOH HOH A . 
F 5 HOH 47  215 215 HOH HOH A . 
F 5 HOH 48  216 216 HOH HOH A . 
F 5 HOH 49  217 217 HOH HOH A . 
F 5 HOH 50  218 218 HOH HOH A . 
F 5 HOH 51  219 219 HOH HOH A . 
F 5 HOH 52  220 6   HOH HOH A . 
F 5 HOH 53  221 221 HOH HOH A . 
F 5 HOH 54  222 222 HOH HOH A . 
F 5 HOH 55  223 223 HOH HOH A . 
F 5 HOH 56  224 224 HOH HOH A . 
F 5 HOH 57  225 225 HOH HOH A . 
F 5 HOH 58  226 226 HOH HOH A . 
F 5 HOH 59  227 227 HOH HOH A . 
F 5 HOH 60  228 228 HOH HOH A . 
F 5 HOH 61  229 229 HOH HOH A . 
F 5 HOH 62  230 230 HOH HOH A . 
F 5 HOH 63  231 231 HOH HOH A . 
F 5 HOH 64  232 232 HOH HOH A . 
F 5 HOH 65  233 233 HOH HOH A . 
F 5 HOH 66  234 234 HOH HOH A . 
F 5 HOH 67  235 235 HOH HOH A . 
F 5 HOH 68  236 236 HOH HOH A . 
F 5 HOH 69  237 237 HOH HOH A . 
F 5 HOH 70  238 238 HOH HOH A . 
F 5 HOH 71  239 239 HOH HOH A . 
F 5 HOH 72  240 240 HOH HOH A . 
F 5 HOH 73  241 241 HOH HOH A . 
F 5 HOH 74  242 242 HOH HOH A . 
F 5 HOH 75  243 243 HOH HOH A . 
F 5 HOH 76  244 244 HOH HOH A . 
F 5 HOH 77  245 245 HOH HOH A . 
F 5 HOH 78  246 246 HOH HOH A . 
F 5 HOH 79  247 247 HOH HOH A . 
F 5 HOH 80  248 248 HOH HOH A . 
F 5 HOH 81  249 7   HOH HOH A . 
F 5 HOH 82  250 8   HOH HOH A . 
F 5 HOH 83  251 9   HOH HOH A . 
F 5 HOH 84  252 10  HOH HOH A . 
F 5 HOH 85  253 11  HOH HOH A . 
F 5 HOH 86  254 12  HOH HOH A . 
F 5 HOH 87  255 13  HOH HOH A . 
F 5 HOH 88  256 14  HOH HOH A . 
F 5 HOH 89  257 15  HOH HOH A . 
F 5 HOH 90  258 16  HOH HOH A . 
F 5 HOH 91  259 17  HOH HOH A . 
F 5 HOH 92  260 18  HOH HOH A . 
F 5 HOH 93  261 19  HOH HOH A . 
F 5 HOH 94  262 20  HOH HOH A . 
F 5 HOH 95  263 21  HOH HOH A . 
F 5 HOH 96  264 22  HOH HOH A . 
F 5 HOH 97  265 23  HOH HOH A . 
F 5 HOH 98  266 24  HOH HOH A . 
F 5 HOH 99  267 25  HOH HOH A . 
F 5 HOH 100 268 26  HOH HOH A . 
F 5 HOH 101 269 27  HOH HOH A . 
F 5 HOH 102 270 28  HOH HOH A . 
F 5 HOH 103 271 29  HOH HOH A . 
F 5 HOH 104 272 30  HOH HOH A . 
F 5 HOH 105 273 31  HOH HOH A . 
F 5 HOH 106 274 32  HOH HOH A . 
F 5 HOH 107 275 34  HOH HOH A . 
F 5 HOH 108 276 35  HOH HOH A . 
F 5 HOH 109 277 36  HOH HOH A . 
F 5 HOH 110 278 37  HOH HOH A . 
F 5 HOH 111 279 38  HOH HOH A . 
F 5 HOH 112 280 39  HOH HOH A . 
F 5 HOH 113 281 40  HOH HOH A . 
F 5 HOH 114 282 41  HOH HOH A . 
F 5 HOH 115 283 42  HOH HOH A . 
F 5 HOH 116 284 43  HOH HOH A . 
F 5 HOH 117 285 44  HOH HOH A . 
F 5 HOH 118 286 45  HOH HOH A . 
F 5 HOH 119 287 46  HOH HOH A . 
F 5 HOH 120 288 47  HOH HOH A . 
F 5 HOH 121 289 48  HOH HOH A . 
F 5 HOH 122 290 49  HOH HOH A . 
F 5 HOH 123 291 50  HOH HOH A . 
F 5 HOH 124 292 51  HOH HOH A . 
F 5 HOH 125 293 52  HOH HOH A . 
F 5 HOH 126 294 53  HOH HOH A . 
F 5 HOH 127 295 54  HOH HOH A . 
F 5 HOH 128 296 55  HOH HOH A . 
F 5 HOH 129 297 56  HOH HOH A . 
F 5 HOH 130 298 57  HOH HOH A . 
F 5 HOH 131 299 58  HOH HOH A . 
F 5 HOH 132 300 59  HOH HOH A . 
F 5 HOH 133 301 60  HOH HOH A . 
F 5 HOH 134 302 61  HOH HOH A . 
F 5 HOH 135 303 62  HOH HOH A . 
F 5 HOH 136 304 63  HOH HOH A . 
F 5 HOH 137 305 64  HOH HOH A . 
F 5 HOH 138 306 65  HOH HOH A . 
F 5 HOH 139 307 66  HOH HOH A . 
F 5 HOH 140 308 67  HOH HOH A . 
F 5 HOH 141 309 68  HOH HOH A . 
F 5 HOH 142 310 70  HOH HOH A . 
F 5 HOH 143 311 71  HOH HOH A . 
F 5 HOH 144 312 72  HOH HOH A . 
F 5 HOH 145 313 73  HOH HOH A . 
F 5 HOH 146 314 74  HOH HOH A . 
F 5 HOH 147 315 75  HOH HOH A . 
F 5 HOH 148 316 76  HOH HOH A . 
F 5 HOH 149 317 77  HOH HOH A . 
F 5 HOH 150 318 78  HOH HOH A . 
F 5 HOH 151 319 79  HOH HOH A . 
F 5 HOH 152 320 80  HOH HOH A . 
F 5 HOH 153 321 82  HOH HOH A . 
F 5 HOH 154 322 83  HOH HOH A . 
F 5 HOH 155 323 84  HOH HOH A . 
F 5 HOH 156 324 85  HOH HOH A . 
F 5 HOH 157 325 86  HOH HOH A . 
F 5 HOH 158 326 87  HOH HOH A . 
F 5 HOH 159 327 88  HOH HOH A . 
F 5 HOH 160 328 89  HOH HOH A . 
F 5 HOH 161 329 90  HOH HOH A . 
F 5 HOH 162 330 91  HOH HOH A . 
F 5 HOH 163 331 92  HOH HOH A . 
F 5 HOH 164 332 93  HOH HOH A . 
F 5 HOH 165 333 94  HOH HOH A . 
F 5 HOH 166 334 95  HOH HOH A . 
F 5 HOH 167 335 96  HOH HOH A . 
F 5 HOH 168 336 97  HOH HOH A . 
F 5 HOH 169 337 98  HOH HOH A . 
F 5 HOH 170 338 99  HOH HOH A . 
F 5 HOH 171 339 100 HOH HOH A . 
F 5 HOH 172 340 101 HOH HOH A . 
F 5 HOH 173 341 103 HOH HOH A . 
F 5 HOH 174 342 104 HOH HOH A . 
F 5 HOH 175 343 105 HOH HOH A . 
F 5 HOH 176 344 106 HOH HOH A . 
F 5 HOH 177 345 107 HOH HOH A . 
F 5 HOH 178 346 109 HOH HOH A . 
F 5 HOH 179 347 114 HOH HOH A . 
F 5 HOH 180 348 115 HOH HOH A . 
F 5 HOH 181 349 116 HOH HOH A . 
F 5 HOH 182 350 117 HOH HOH A . 
F 5 HOH 183 351 121 HOH HOH A . 
F 5 HOH 184 352 122 HOH HOH A . 
F 5 HOH 185 353 123 HOH HOH A . 
F 5 HOH 186 354 127 HOH HOH A . 
F 5 HOH 187 355 128 HOH HOH A . 
F 5 HOH 188 356 129 HOH HOH A . 
F 5 HOH 189 357 130 HOH HOH A . 
F 5 HOH 190 358 131 HOH HOH A . 
F 5 HOH 191 359 134 HOH HOH A . 
F 5 HOH 192 360 135 HOH HOH A . 
F 5 HOH 193 361 136 HOH HOH A . 
F 5 HOH 194 362 137 HOH HOH A . 
F 5 HOH 195 363 138 HOH HOH A . 
F 5 HOH 196 364 139 HOH HOH A . 
F 5 HOH 197 365 140 HOH HOH A . 
F 5 HOH 198 366 141 HOH HOH A . 
F 5 HOH 199 367 144 HOH HOH A . 
F 5 HOH 200 368 145 HOH HOH A . 
F 5 HOH 201 369 146 HOH HOH A . 
F 5 HOH 202 370 147 HOH HOH A . 
F 5 HOH 203 371 148 HOH HOH A . 
F 5 HOH 204 372 149 HOH HOH A . 
F 5 HOH 205 373 151 HOH HOH A . 
F 5 HOH 206 374 152 HOH HOH A . 
F 5 HOH 207 375 153 HOH HOH A . 
F 5 HOH 208 376 155 HOH HOH A . 
F 5 HOH 209 377 157 HOH HOH A . 
F 5 HOH 210 378 158 HOH HOH A . 
F 5 HOH 211 379 159 HOH HOH A . 
F 5 HOH 212 380 160 HOH HOH A . 
F 5 HOH 213 381 161 HOH HOH A . 
F 5 HOH 214 382 162 HOH HOH A . 
F 5 HOH 215 383 163 HOH HOH A . 
F 5 HOH 216 384 164 HOH HOH A . 
F 5 HOH 217 385 165 HOH HOH A . 
F 5 HOH 218 386 166 HOH HOH A . 
F 5 HOH 219 387 167 HOH HOH A . 
F 5 HOH 220 388 168 HOH HOH A . 
# 
_pdbx_struct_assembly.id                   1 
_pdbx_struct_assembly.details              author_and_software_defined_assembly 
_pdbx_struct_assembly.method_details       PISA 
_pdbx_struct_assembly.oligomeric_details   monomeric 
_pdbx_struct_assembly.oligomeric_count     1 
# 
_pdbx_struct_assembly_gen.assembly_id       1 
_pdbx_struct_assembly_gen.oper_expression   1 
_pdbx_struct_assembly_gen.asym_id_list      A,B,C,D,E,F 
# 
_pdbx_struct_oper_list.id                   1 
_pdbx_struct_oper_list.type                 'identity operation' 
_pdbx_struct_oper_list.name                 1_555 
_pdbx_struct_oper_list.symmetry_operation   x,y,z 
_pdbx_struct_oper_list.matrix[1][1]         1.0000000000 
_pdbx_struct_oper_list.matrix[1][2]         0.0000000000 
_pdbx_struct_oper_list.matrix[1][3]         0.0000000000 
_pdbx_struct_oper_list.vector[1]            0.0000000000 
_pdbx_struct_oper_list.matrix[2][1]         0.0000000000 
_pdbx_struct_oper_list.matrix[2][2]         1.0000000000 
_pdbx_struct_oper_list.matrix[2][3]         0.0000000000 
_pdbx_struct_oper_list.vector[2]            0.0000000000 
_pdbx_struct_oper_list.matrix[3][1]         0.0000000000 
_pdbx_struct_oper_list.matrix[3][2]         0.0000000000 
_pdbx_struct_oper_list.matrix[3][3]         1.0000000000 
_pdbx_struct_oper_list.vector[3]            0.0000000000 
# 
loop_
_pdbx_audit_revision_history.ordinal 
_pdbx_audit_revision_history.data_content_type 
_pdbx_audit_revision_history.major_revision 
_pdbx_audit_revision_history.minor_revision 
_pdbx_audit_revision_history.revision_date 
1 'Structure model' 1 0 2009-11-03 
2 'Structure model' 1 1 2011-07-13 
3 'Structure model' 1 2 2021-10-13 
4 'Structure model' 1 3 2023-09-06 
# 
_pdbx_audit_revision_details.ordinal             1 
_pdbx_audit_revision_details.revision_ordinal    1 
_pdbx_audit_revision_details.data_content_type   'Structure model' 
_pdbx_audit_revision_details.provider            repository 
_pdbx_audit_revision_details.type                'Initial release' 
_pdbx_audit_revision_details.description         ? 
_pdbx_audit_revision_details.details             ? 
# 
loop_
_pdbx_audit_revision_group.ordinal 
_pdbx_audit_revision_group.revision_ordinal 
_pdbx_audit_revision_group.data_content_type 
_pdbx_audit_revision_group.group 
1 2 'Structure model' 'Version format compliance' 
2 3 'Structure model' 'Database references'       
3 3 'Structure model' 'Derived calculations'      
4 4 'Structure model' 'Data collection'           
5 4 'Structure model' 'Refinement description'    
# 
loop_
_pdbx_audit_revision_category.ordinal 
_pdbx_audit_revision_category.revision_ordinal 
_pdbx_audit_revision_category.data_content_type 
_pdbx_audit_revision_category.category 
1 3 'Structure model' database_2                    
2 3 'Structure model' struct_ref_seq_dif            
3 3 'Structure model' struct_site                   
4 4 'Structure model' chem_comp_atom                
5 4 'Structure model' chem_comp_bond                
6 4 'Structure model' pdbx_initial_refinement_model 
# 
loop_
_pdbx_audit_revision_item.ordinal 
_pdbx_audit_revision_item.revision_ordinal 
_pdbx_audit_revision_item.data_content_type 
_pdbx_audit_revision_item.item 
1 3 'Structure model' '_database_2.pdbx_DOI'                
2 3 'Structure model' '_database_2.pdbx_database_accession' 
3 3 'Structure model' '_struct_ref_seq_dif.details'         
4 3 'Structure model' '_struct_site.pdbx_auth_asym_id'      
5 3 'Structure model' '_struct_site.pdbx_auth_comp_id'      
6 3 'Structure model' '_struct_site.pdbx_auth_seq_id'       
# 
loop_
_software.pdbx_ordinal 
_software.name 
_software.version 
_software.date 
_software.type 
_software.contact_author 
_software.contact_author_email 
_software.classification 
_software.location 
_software.language 
_software.citation_id 
1 XSCALE      .        ?               package 'Wolfgang Kabsch'    ?                     'data scaling'    
http://www.mpimf-heidelberg.mpg.de/~kabsch/xds/html_doc/xscale_program.html ?          ? 
2 REFMAC      5.2.0019 ?               program 'Garib N. Murshudov' garib@ysbl.york.ac.uk refinement        
http://www.ccp4.ac.uk/dist/html/refmac5.html                                Fortran_77 ? 
3 PDB_EXTRACT 3.005    'June 11, 2008' package PDB                  help@deposit.rcsb.org 'data extraction' 
http://sw-tools.pdb.org/apps/PDB_EXTRACT/                                   C++        ? 
4 ADSC        Quantum  ?               ?       ?                    ?                     'data collection' ? ?          ? 
5 XDS         .        ?               ?       ?                    ?                     'data reduction'  ? ?          ? 
6 XDS         .        ?               ?       ?                    ?                     'data scaling'    ? ?          ? 
7 REFMAC      .        ?               ?       ?                    ?                     phasing           ? ?          ? 
# 
loop_
_pdbx_validate_close_contact.id 
_pdbx_validate_close_contact.PDB_model_num 
_pdbx_validate_close_contact.auth_atom_id_1 
_pdbx_validate_close_contact.auth_asym_id_1 
_pdbx_validate_close_contact.auth_comp_id_1 
_pdbx_validate_close_contact.auth_seq_id_1 
_pdbx_validate_close_contact.PDB_ins_code_1 
_pdbx_validate_close_contact.label_alt_id_1 
_pdbx_validate_close_contact.auth_atom_id_2 
_pdbx_validate_close_contact.auth_asym_id_2 
_pdbx_validate_close_contact.auth_comp_id_2 
_pdbx_validate_close_contact.auth_seq_id_2 
_pdbx_validate_close_contact.PDB_ins_code_2 
_pdbx_validate_close_contact.label_alt_id_2 
_pdbx_validate_close_contact.dist 
1 1 O   A HOH 169 ? ? O A HOH 171 ? ? 1.94 
2 1 O   A HOH 169 ? ? O A HOH 170 ? ? 2.00 
3 1 OD2 A ASP 144 ? ? O A HOH 204 ? ? 2.17 
# 
loop_
_pdbx_validate_torsion.id 
_pdbx_validate_torsion.PDB_model_num 
_pdbx_validate_torsion.auth_comp_id 
_pdbx_validate_torsion.auth_asym_id 
_pdbx_validate_torsion.auth_seq_id 
_pdbx_validate_torsion.PDB_ins_code 
_pdbx_validate_torsion.label_alt_id 
_pdbx_validate_torsion.phi 
_pdbx_validate_torsion.psi 
1 1 ILE A 29  ? ? -102.59 73.04 
2 1 PHE A 114 ? ? -67.63  53.59 
# 
_pdbx_unobs_or_zero_occ_residues.id               1 
_pdbx_unobs_or_zero_occ_residues.PDB_model_num    1 
_pdbx_unobs_or_zero_occ_residues.polymer_flag     Y 
_pdbx_unobs_or_zero_occ_residues.occupancy_flag   1 
_pdbx_unobs_or_zero_occ_residues.auth_asym_id     A 
_pdbx_unobs_or_zero_occ_residues.auth_comp_id     LEU 
_pdbx_unobs_or_zero_occ_residues.auth_seq_id      164 
_pdbx_unobs_or_zero_occ_residues.PDB_ins_code     ? 
_pdbx_unobs_or_zero_occ_residues.label_asym_id    A 
_pdbx_unobs_or_zero_occ_residues.label_comp_id    LEU 
_pdbx_unobs_or_zero_occ_residues.label_seq_id     164 
# 
loop_
_chem_comp_atom.comp_id 
_chem_comp_atom.atom_id 
_chem_comp_atom.type_symbol 
_chem_comp_atom.pdbx_aromatic_flag 
_chem_comp_atom.pdbx_stereo_config 
_chem_comp_atom.pdbx_ordinal 
ALA N    N N N 1   
ALA CA   C N S 2   
ALA C    C N N 3   
ALA O    O N N 4   
ALA CB   C N N 5   
ALA OXT  O N N 6   
ALA H    H N N 7   
ALA H2   H N N 8   
ALA HA   H N N 9   
ALA HB1  H N N 10  
ALA HB2  H N N 11  
ALA HB3  H N N 12  
ALA HXT  H N N 13  
ARG N    N N N 14  
ARG CA   C N S 15  
ARG C    C N N 16  
ARG O    O N N 17  
ARG CB   C N N 18  
ARG CG   C N N 19  
ARG CD   C N N 20  
ARG NE   N N N 21  
ARG CZ   C N N 22  
ARG NH1  N N N 23  
ARG NH2  N N N 24  
ARG OXT  O N N 25  
ARG H    H N N 26  
ARG H2   H N N 27  
ARG HA   H N N 28  
ARG HB2  H N N 29  
ARG HB3  H N N 30  
ARG HG2  H N N 31  
ARG HG3  H N N 32  
ARG HD2  H N N 33  
ARG HD3  H N N 34  
ARG HE   H N N 35  
ARG HH11 H N N 36  
ARG HH12 H N N 37  
ARG HH21 H N N 38  
ARG HH22 H N N 39  
ARG HXT  H N N 40  
ASN N    N N N 41  
ASN CA   C N S 42  
ASN C    C N N 43  
ASN O    O N N 44  
ASN CB   C N N 45  
ASN CG   C N N 46  
ASN OD1  O N N 47  
ASN ND2  N N N 48  
ASN OXT  O N N 49  
ASN H    H N N 50  
ASN H2   H N N 51  
ASN HA   H N N 52  
ASN HB2  H N N 53  
ASN HB3  H N N 54  
ASN HD21 H N N 55  
ASN HD22 H N N 56  
ASN HXT  H N N 57  
ASP N    N N N 58  
ASP CA   C N S 59  
ASP C    C N N 60  
ASP O    O N N 61  
ASP CB   C N N 62  
ASP CG   C N N 63  
ASP OD1  O N N 64  
ASP OD2  O N N 65  
ASP OXT  O N N 66  
ASP H    H N N 67  
ASP H2   H N N 68  
ASP HA   H N N 69  
ASP HB2  H N N 70  
ASP HB3  H N N 71  
ASP HD2  H N N 72  
ASP HXT  H N N 73  
BME C1   C N N 74  
BME C2   C N N 75  
BME O1   O N N 76  
BME S2   S N N 77  
BME H11  H N N 78  
BME H12  H N N 79  
BME H21  H N N 80  
BME H22  H N N 81  
BME HO1  H N N 82  
BME HS2  H N N 83  
CYS N    N N N 84  
CYS CA   C N R 85  
CYS C    C N N 86  
CYS O    O N N 87  
CYS CB   C N N 88  
CYS SG   S N N 89  
CYS OXT  O N N 90  
CYS H    H N N 91  
CYS H2   H N N 92  
CYS HA   H N N 93  
CYS HB2  H N N 94  
CYS HB3  H N N 95  
CYS HG   H N N 96  
CYS HXT  H N N 97  
GLN N    N N N 98  
GLN CA   C N S 99  
GLN C    C N N 100 
GLN O    O N N 101 
GLN CB   C N N 102 
GLN CG   C N N 103 
GLN CD   C N N 104 
GLN OE1  O N N 105 
GLN NE2  N N N 106 
GLN OXT  O N N 107 
GLN H    H N N 108 
GLN H2   H N N 109 
GLN HA   H N N 110 
GLN HB2  H N N 111 
GLN HB3  H N N 112 
GLN HG2  H N N 113 
GLN HG3  H N N 114 
GLN HE21 H N N 115 
GLN HE22 H N N 116 
GLN HXT  H N N 117 
GLU N    N N N 118 
GLU CA   C N S 119 
GLU C    C N N 120 
GLU O    O N N 121 
GLU CB   C N N 122 
GLU CG   C N N 123 
GLU CD   C N N 124 
GLU OE1  O N N 125 
GLU OE2  O N N 126 
GLU OXT  O N N 127 
GLU H    H N N 128 
GLU H2   H N N 129 
GLU HA   H N N 130 
GLU HB2  H N N 131 
GLU HB3  H N N 132 
GLU HG2  H N N 133 
GLU HG3  H N N 134 
GLU HE2  H N N 135 
GLU HXT  H N N 136 
GLY N    N N N 137 
GLY CA   C N N 138 
GLY C    C N N 139 
GLY O    O N N 140 
GLY OXT  O N N 141 
GLY H    H N N 142 
GLY H2   H N N 143 
GLY HA2  H N N 144 
GLY HA3  H N N 145 
GLY HXT  H N N 146 
HIS N    N N N 147 
HIS CA   C N S 148 
HIS C    C N N 149 
HIS O    O N N 150 
HIS CB   C N N 151 
HIS CG   C Y N 152 
HIS ND1  N Y N 153 
HIS CD2  C Y N 154 
HIS CE1  C Y N 155 
HIS NE2  N Y N 156 
HIS OXT  O N N 157 
HIS H    H N N 158 
HIS H2   H N N 159 
HIS HA   H N N 160 
HIS HB2  H N N 161 
HIS HB3  H N N 162 
HIS HD1  H N N 163 
HIS HD2  H N N 164 
HIS HE1  H N N 165 
HIS HE2  H N N 166 
HIS HXT  H N N 167 
HOH O    O N N 168 
HOH H1   H N N 169 
HOH H2   H N N 170 
ILE N    N N N 171 
ILE CA   C N S 172 
ILE C    C N N 173 
ILE O    O N N 174 
ILE CB   C N S 175 
ILE CG1  C N N 176 
ILE CG2  C N N 177 
ILE CD1  C N N 178 
ILE OXT  O N N 179 
ILE H    H N N 180 
ILE H2   H N N 181 
ILE HA   H N N 182 
ILE HB   H N N 183 
ILE HG12 H N N 184 
ILE HG13 H N N 185 
ILE HG21 H N N 186 
ILE HG22 H N N 187 
ILE HG23 H N N 188 
ILE HD11 H N N 189 
ILE HD12 H N N 190 
ILE HD13 H N N 191 
ILE HXT  H N N 192 
JZ4 C4   C N N 193 
JZ4 C7   C Y N 194 
JZ4 C8   C Y N 195 
JZ4 C9   C Y N 196 
JZ4 C10  C Y N 197 
JZ4 C11  C Y N 198 
JZ4 C12  C Y N 199 
JZ4 C13  C N N 200 
JZ4 C14  C N N 201 
JZ4 OAB  O N N 202 
JZ4 H4   H N N 203 
JZ4 H4A  H N N 204 
JZ4 H4B  H N N 205 
JZ4 H7   H N N 206 
JZ4 H8   H N N 207 
JZ4 H9   H N N 208 
JZ4 H11  H N N 209 
JZ4 H13  H N N 210 
JZ4 H13A H N N 211 
JZ4 H14  H N N 212 
JZ4 H14A H N N 213 
JZ4 HOAB H N N 214 
LEU N    N N N 215 
LEU CA   C N S 216 
LEU C    C N N 217 
LEU O    O N N 218 
LEU CB   C N N 219 
LEU CG   C N N 220 
LEU CD1  C N N 221 
LEU CD2  C N N 222 
LEU OXT  O N N 223 
LEU H    H N N 224 
LEU H2   H N N 225 
LEU HA   H N N 226 
LEU HB2  H N N 227 
LEU HB3  H N N 228 
LEU HG   H N N 229 
LEU HD11 H N N 230 
LEU HD12 H N N 231 
LEU HD13 H N N 232 
LEU HD21 H N N 233 
LEU HD22 H N N 234 
LEU HD23 H N N 235 
LEU HXT  H N N 236 
LYS N    N N N 237 
LYS CA   C N S 238 
LYS C    C N N 239 
LYS O    O N N 240 
LYS CB   C N N 241 
LYS CG   C N N 242 
LYS CD   C N N 243 
LYS CE   C N N 244 
LYS NZ   N N N 245 
LYS OXT  O N N 246 
LYS H    H N N 247 
LYS H2   H N N 248 
LYS HA   H N N 249 
LYS HB2  H N N 250 
LYS HB3  H N N 251 
LYS HG2  H N N 252 
LYS HG3  H N N 253 
LYS HD2  H N N 254 
LYS HD3  H N N 255 
LYS HE2  H N N 256 
LYS HE3  H N N 257 
LYS HZ1  H N N 258 
LYS HZ2  H N N 259 
LYS HZ3  H N N 260 
LYS HXT  H N N 261 
MET N    N N N 262 
MET CA   C N S 263 
MET C    C N N 264 
MET O    O N N 265 
MET CB   C N N 266 
MET CG   C N N 267 
MET SD   S N N 268 
MET CE   C N N 269 
MET OXT  O N N 270 
MET H    H N N 271 
MET H2   H N N 272 
MET HA   H N N 273 
MET HB2  H N N 274 
MET HB3  H N N 275 
MET HG2  H N N 276 
MET HG3  H N N 277 
MET HE1  H N N 278 
MET HE2  H N N 279 
MET HE3  H N N 280 
MET HXT  H N N 281 
PHE N    N N N 282 
PHE CA   C N S 283 
PHE C    C N N 284 
PHE O    O N N 285 
PHE CB   C N N 286 
PHE CG   C Y N 287 
PHE CD1  C Y N 288 
PHE CD2  C Y N 289 
PHE CE1  C Y N 290 
PHE CE2  C Y N 291 
PHE CZ   C Y N 292 
PHE OXT  O N N 293 
PHE H    H N N 294 
PHE H2   H N N 295 
PHE HA   H N N 296 
PHE HB2  H N N 297 
PHE HB3  H N N 298 
PHE HD1  H N N 299 
PHE HD2  H N N 300 
PHE HE1  H N N 301 
PHE HE2  H N N 302 
PHE HZ   H N N 303 
PHE HXT  H N N 304 
PO4 P    P N N 305 
PO4 O1   O N N 306 
PO4 O2   O N N 307 
PO4 O3   O N N 308 
PO4 O4   O N N 309 
PRO N    N N N 310 
PRO CA   C N S 311 
PRO C    C N N 312 
PRO O    O N N 313 
PRO CB   C N N 314 
PRO CG   C N N 315 
PRO CD   C N N 316 
PRO OXT  O N N 317 
PRO H    H N N 318 
PRO HA   H N N 319 
PRO HB2  H N N 320 
PRO HB3  H N N 321 
PRO HG2  H N N 322 
PRO HG3  H N N 323 
PRO HD2  H N N 324 
PRO HD3  H N N 325 
PRO HXT  H N N 326 
SER N    N N N 327 
SER CA   C N S 328 
SER C    C N N 329 
SER O    O N N 330 
SER CB   C N N 331 
SER OG   O N N 332 
SER OXT  O N N 333 
SER H    H N N 334 
SER H2   H N N 335 
SER HA   H N N 336 
SER HB2  H N N 337 
SER HB3  H N N 338 
SER HG   H N N 339 
SER HXT  H N N 340 
THR N    N N N 341 
THR CA   C N S 342 
THR C    C N N 343 
THR O    O N N 344 
THR CB   C N R 345 
THR OG1  O N N 346 
THR CG2  C N N 347 
THR OXT  O N N 348 
THR H    H N N 349 
THR H2   H N N 350 
THR HA   H N N 351 
THR HB   H N N 352 
THR HG1  H N N 353 
THR HG21 H N N 354 
THR HG22 H N N 355 
THR HG23 H N N 356 
THR HXT  H N N 357 
TRP N    N N N 358 
TRP CA   C N S 359 
TRP C    C N N 360 
TRP O    O N N 361 
TRP CB   C N N 362 
TRP CG   C Y N 363 
TRP CD1  C Y N 364 
TRP CD2  C Y N 365 
TRP NE1  N Y N 366 
TRP CE2  C Y N 367 
TRP CE3  C Y N 368 
TRP CZ2  C Y N 369 
TRP CZ3  C Y N 370 
TRP CH2  C Y N 371 
TRP OXT  O N N 372 
TRP H    H N N 373 
TRP H2   H N N 374 
TRP HA   H N N 375 
TRP HB2  H N N 376 
TRP HB3  H N N 377 
TRP HD1  H N N 378 
TRP HE1  H N N 379 
TRP HE3  H N N 380 
TRP HZ2  H N N 381 
TRP HZ3  H N N 382 
TRP HH2  H N N 383 
TRP HXT  H N N 384 
TYR N    N N N 385 
TYR CA   C N S 386 
TYR C    C N N 387 
TYR O    O N N 388 
TYR CB   C N N 389 
TYR CG   C Y N 390 
TYR CD1  C Y N 391 
TYR CD2  C Y N 392 
TYR CE1  C Y N 393 
TYR CE2  C Y N 394 
TYR CZ   C Y N 395 
TYR OH   O N N 396 
TYR OXT  O N N 397 
TYR H    H N N 398 
TYR H2   H N N 399 
TYR HA   H N N 400 
TYR HB2  H N N 401 
TYR HB3  H N N 402 
TYR HD1  H N N 403 
TYR HD2  H N N 404 
TYR HE1  H N N 405 
TYR HE2  H N N 406 
TYR HH   H N N 407 
TYR HXT  H N N 408 
VAL N    N N N 409 
VAL CA   C N S 410 
VAL C    C N N 411 
VAL O    O N N 412 
VAL CB   C N N 413 
VAL CG1  C N N 414 
VAL CG2  C N N 415 
VAL OXT  O N N 416 
VAL H    H N N 417 
VAL H2   H N N 418 
VAL HA   H N N 419 
VAL HB   H N N 420 
VAL HG11 H N N 421 
VAL HG12 H N N 422 
VAL HG13 H N N 423 
VAL HG21 H N N 424 
VAL HG22 H N N 425 
VAL HG23 H N N 426 
VAL HXT  H N N 427 
# 
loop_
_chem_comp_bond.comp_id 
_chem_comp_bond.atom_id_1 
_chem_comp_bond.atom_id_2 
_chem_comp_bond.value_order 
_chem_comp_bond.pdbx_aromatic_flag 
_chem_comp_bond.pdbx_stereo_config 
_chem_comp_bond.pdbx_ordinal 
ALA N   CA   sing N N 1   
ALA N   H    sing N N 2   
ALA N   H2   sing N N 3   
ALA CA  C    sing N N 4   
ALA CA  CB   sing N N 5   
ALA CA  HA   sing N N 6   
ALA C   O    doub N N 7   
ALA C   OXT  sing N N 8   
ALA CB  HB1  sing N N 9   
ALA CB  HB2  sing N N 10  
ALA CB  HB3  sing N N 11  
ALA OXT HXT  sing N N 12  
ARG N   CA   sing N N 13  
ARG N   H    sing N N 14  
ARG N   H2   sing N N 15  
ARG CA  C    sing N N 16  
ARG CA  CB   sing N N 17  
ARG CA  HA   sing N N 18  
ARG C   O    doub N N 19  
ARG C   OXT  sing N N 20  
ARG CB  CG   sing N N 21  
ARG CB  HB2  sing N N 22  
ARG CB  HB3  sing N N 23  
ARG CG  CD   sing N N 24  
ARG CG  HG2  sing N N 25  
ARG CG  HG3  sing N N 26  
ARG CD  NE   sing N N 27  
ARG CD  HD2  sing N N 28  
ARG CD  HD3  sing N N 29  
ARG NE  CZ   sing N N 30  
ARG NE  HE   sing N N 31  
ARG CZ  NH1  sing N N 32  
ARG CZ  NH2  doub N N 33  
ARG NH1 HH11 sing N N 34  
ARG NH1 HH12 sing N N 35  
ARG NH2 HH21 sing N N 36  
ARG NH2 HH22 sing N N 37  
ARG OXT HXT  sing N N 38  
ASN N   CA   sing N N 39  
ASN N   H    sing N N 40  
ASN N   H2   sing N N 41  
ASN CA  C    sing N N 42  
ASN CA  CB   sing N N 43  
ASN CA  HA   sing N N 44  
ASN C   O    doub N N 45  
ASN C   OXT  sing N N 46  
ASN CB  CG   sing N N 47  
ASN CB  HB2  sing N N 48  
ASN CB  HB3  sing N N 49  
ASN CG  OD1  doub N N 50  
ASN CG  ND2  sing N N 51  
ASN ND2 HD21 sing N N 52  
ASN ND2 HD22 sing N N 53  
ASN OXT HXT  sing N N 54  
ASP N   CA   sing N N 55  
ASP N   H    sing N N 56  
ASP N   H2   sing N N 57  
ASP CA  C    sing N N 58  
ASP CA  CB   sing N N 59  
ASP CA  HA   sing N N 60  
ASP C   O    doub N N 61  
ASP C   OXT  sing N N 62  
ASP CB  CG   sing N N 63  
ASP CB  HB2  sing N N 64  
ASP CB  HB3  sing N N 65  
ASP CG  OD1  doub N N 66  
ASP CG  OD2  sing N N 67  
ASP OD2 HD2  sing N N 68  
ASP OXT HXT  sing N N 69  
BME C1  C2   sing N N 70  
BME C1  O1   sing N N 71  
BME C1  H11  sing N N 72  
BME C1  H12  sing N N 73  
BME C2  S2   sing N N 74  
BME C2  H21  sing N N 75  
BME C2  H22  sing N N 76  
BME O1  HO1  sing N N 77  
BME S2  HS2  sing N N 78  
CYS N   CA   sing N N 79  
CYS N   H    sing N N 80  
CYS N   H2   sing N N 81  
CYS CA  C    sing N N 82  
CYS CA  CB   sing N N 83  
CYS CA  HA   sing N N 84  
CYS C   O    doub N N 85  
CYS C   OXT  sing N N 86  
CYS CB  SG   sing N N 87  
CYS CB  HB2  sing N N 88  
CYS CB  HB3  sing N N 89  
CYS SG  HG   sing N N 90  
CYS OXT HXT  sing N N 91  
GLN N   CA   sing N N 92  
GLN N   H    sing N N 93  
GLN N   H2   sing N N 94  
GLN CA  C    sing N N 95  
GLN CA  CB   sing N N 96  
GLN CA  HA   sing N N 97  
GLN C   O    doub N N 98  
GLN C   OXT  sing N N 99  
GLN CB  CG   sing N N 100 
GLN CB  HB2  sing N N 101 
GLN CB  HB3  sing N N 102 
GLN CG  CD   sing N N 103 
GLN CG  HG2  sing N N 104 
GLN CG  HG3  sing N N 105 
GLN CD  OE1  doub N N 106 
GLN CD  NE2  sing N N 107 
GLN NE2 HE21 sing N N 108 
GLN NE2 HE22 sing N N 109 
GLN OXT HXT  sing N N 110 
GLU N   CA   sing N N 111 
GLU N   H    sing N N 112 
GLU N   H2   sing N N 113 
GLU CA  C    sing N N 114 
GLU CA  CB   sing N N 115 
GLU CA  HA   sing N N 116 
GLU C   O    doub N N 117 
GLU C   OXT  sing N N 118 
GLU CB  CG   sing N N 119 
GLU CB  HB2  sing N N 120 
GLU CB  HB3  sing N N 121 
GLU CG  CD   sing N N 122 
GLU CG  HG2  sing N N 123 
GLU CG  HG3  sing N N 124 
GLU CD  OE1  doub N N 125 
GLU CD  OE2  sing N N 126 
GLU OE2 HE2  sing N N 127 
GLU OXT HXT  sing N N 128 
GLY N   CA   sing N N 129 
GLY N   H    sing N N 130 
GLY N   H2   sing N N 131 
GLY CA  C    sing N N 132 
GLY CA  HA2  sing N N 133 
GLY CA  HA3  sing N N 134 
GLY C   O    doub N N 135 
GLY C   OXT  sing N N 136 
GLY OXT HXT  sing N N 137 
HIS N   CA   sing N N 138 
HIS N   H    sing N N 139 
HIS N   H2   sing N N 140 
HIS CA  C    sing N N 141 
HIS CA  CB   sing N N 142 
HIS CA  HA   sing N N 143 
HIS C   O    doub N N 144 
HIS C   OXT  sing N N 145 
HIS CB  CG   sing N N 146 
HIS CB  HB2  sing N N 147 
HIS CB  HB3  sing N N 148 
HIS CG  ND1  sing Y N 149 
HIS CG  CD2  doub Y N 150 
HIS ND1 CE1  doub Y N 151 
HIS ND1 HD1  sing N N 152 
HIS CD2 NE2  sing Y N 153 
HIS CD2 HD2  sing N N 154 
HIS CE1 NE2  sing Y N 155 
HIS CE1 HE1  sing N N 156 
HIS NE2 HE2  sing N N 157 
HIS OXT HXT  sing N N 158 
HOH O   H1   sing N N 159 
HOH O   H2   sing N N 160 
ILE N   CA   sing N N 161 
ILE N   H    sing N N 162 
ILE N   H2   sing N N 163 
ILE CA  C    sing N N 164 
ILE CA  CB   sing N N 165 
ILE CA  HA   sing N N 166 
ILE C   O    doub N N 167 
ILE C   OXT  sing N N 168 
ILE CB  CG1  sing N N 169 
ILE CB  CG2  sing N N 170 
ILE CB  HB   sing N N 171 
ILE CG1 CD1  sing N N 172 
ILE CG1 HG12 sing N N 173 
ILE CG1 HG13 sing N N 174 
ILE CG2 HG21 sing N N 175 
ILE CG2 HG22 sing N N 176 
ILE CG2 HG23 sing N N 177 
ILE CD1 HD11 sing N N 178 
ILE CD1 HD12 sing N N 179 
ILE CD1 HD13 sing N N 180 
ILE OXT HXT  sing N N 181 
JZ4 C4  C14  sing N N 182 
JZ4 C7  C8   doub Y N 183 
JZ4 C7  C11  sing Y N 184 
JZ4 C8  C9   sing Y N 185 
JZ4 C9  C10  doub Y N 186 
JZ4 C10 C12  sing Y N 187 
JZ4 C10 OAB  sing N N 188 
JZ4 C11 C12  doub Y N 189 
JZ4 C12 C13  sing N N 190 
JZ4 C13 C14  sing N N 191 
JZ4 C4  H4   sing N N 192 
JZ4 C4  H4A  sing N N 193 
JZ4 C4  H4B  sing N N 194 
JZ4 C7  H7   sing N N 195 
JZ4 C8  H8   sing N N 196 
JZ4 C9  H9   sing N N 197 
JZ4 C11 H11  sing N N 198 
JZ4 C13 H13  sing N N 199 
JZ4 C13 H13A sing N N 200 
JZ4 C14 H14  sing N N 201 
JZ4 C14 H14A sing N N 202 
JZ4 OAB HOAB sing N N 203 
LEU N   CA   sing N N 204 
LEU N   H    sing N N 205 
LEU N   H2   sing N N 206 
LEU CA  C    sing N N 207 
LEU CA  CB   sing N N 208 
LEU CA  HA   sing N N 209 
LEU C   O    doub N N 210 
LEU C   OXT  sing N N 211 
LEU CB  CG   sing N N 212 
LEU CB  HB2  sing N N 213 
LEU CB  HB3  sing N N 214 
LEU CG  CD1  sing N N 215 
LEU CG  CD2  sing N N 216 
LEU CG  HG   sing N N 217 
LEU CD1 HD11 sing N N 218 
LEU CD1 HD12 sing N N 219 
LEU CD1 HD13 sing N N 220 
LEU CD2 HD21 sing N N 221 
LEU CD2 HD22 sing N N 222 
LEU CD2 HD23 sing N N 223 
LEU OXT HXT  sing N N 224 
LYS N   CA   sing N N 225 
LYS N   H    sing N N 226 
LYS N   H2   sing N N 227 
LYS CA  C    sing N N 228 
LYS CA  CB   sing N N 229 
LYS CA  HA   sing N N 230 
LYS C   O    doub N N 231 
LYS C   OXT  sing N N 232 
LYS CB  CG   sing N N 233 
LYS CB  HB2  sing N N 234 
LYS CB  HB3  sing N N 235 
LYS CG  CD   sing N N 236 
LYS CG  HG2  sing N N 237 
LYS CG  HG3  sing N N 238 
LYS CD  CE   sing N N 239 
LYS CD  HD2  sing N N 240 
LYS CD  HD3  sing N N 241 
LYS CE  NZ   sing N N 242 
LYS CE  HE2  sing N N 243 
LYS CE  HE3  sing N N 244 
LYS NZ  HZ1  sing N N 245 
LYS NZ  HZ2  sing N N 246 
LYS NZ  HZ3  sing N N 247 
LYS OXT HXT  sing N N 248 
MET N   CA   sing N N 249 
MET N   H    sing N N 250 
MET N   H2   sing N N 251 
MET CA  C    sing N N 252 
MET CA  CB   sing N N 253 
MET CA  HA   sing N N 254 
MET C   O    doub N N 255 
MET C   OXT  sing N N 256 
MET CB  CG   sing N N 257 
MET CB  HB2  sing N N 258 
MET CB  HB3  sing N N 259 
MET CG  SD   sing N N 260 
MET CG  HG2  sing N N 261 
MET CG  HG3  sing N N 262 
MET SD  CE   sing N N 263 
MET CE  HE1  sing N N 264 
MET CE  HE2  sing N N 265 
MET CE  HE3  sing N N 266 
MET OXT HXT  sing N N 267 
PHE N   CA   sing N N 268 
PHE N   H    sing N N 269 
PHE N   H2   sing N N 270 
PHE CA  C    sing N N 271 
PHE CA  CB   sing N N 272 
PHE CA  HA   sing N N 273 
PHE C   O    doub N N 274 
PHE C   OXT  sing N N 275 
PHE CB  CG   sing N N 276 
PHE CB  HB2  sing N N 277 
PHE CB  HB3  sing N N 278 
PHE CG  CD1  doub Y N 279 
PHE CG  CD2  sing Y N 280 
PHE CD1 CE1  sing Y N 281 
PHE CD1 HD1  sing N N 282 
PHE CD2 CE2  doub Y N 283 
PHE CD2 HD2  sing N N 284 
PHE CE1 CZ   doub Y N 285 
PHE CE1 HE1  sing N N 286 
PHE CE2 CZ   sing Y N 287 
PHE CE2 HE2  sing N N 288 
PHE CZ  HZ   sing N N 289 
PHE OXT HXT  sing N N 290 
PO4 P   O1   doub N N 291 
PO4 P   O2   sing N N 292 
PO4 P   O3   sing N N 293 
PO4 P   O4   sing N N 294 
PRO N   CA   sing N N 295 
PRO N   CD   sing N N 296 
PRO N   H    sing N N 297 
PRO CA  C    sing N N 298 
PRO CA  CB   sing N N 299 
PRO CA  HA   sing N N 300 
PRO C   O    doub N N 301 
PRO C   OXT  sing N N 302 
PRO CB  CG   sing N N 303 
PRO CB  HB2  sing N N 304 
PRO CB  HB3  sing N N 305 
PRO CG  CD   sing N N 306 
PRO CG  HG2  sing N N 307 
PRO CG  HG3  sing N N 308 
PRO CD  HD2  sing N N 309 
PRO CD  HD3  sing N N 310 
PRO OXT HXT  sing N N 311 
SER N   CA   sing N N 312 
SER N   H    sing N N 313 
SER N   H2   sing N N 314 
SER CA  C    sing N N 315 
SER CA  CB   sing N N 316 
SER CA  HA   sing N N 317 
SER C   O    doub N N 318 
SER C   OXT  sing N N 319 
SER CB  OG   sing N N 320 
SER CB  HB2  sing N N 321 
SER CB  HB3  sing N N 322 
SER OG  HG   sing N N 323 
SER OXT HXT  sing N N 324 
THR N   CA   sing N N 325 
THR N   H    sing N N 326 
THR N   H2   sing N N 327 
THR CA  C    sing N N 328 
THR CA  CB   sing N N 329 
THR CA  HA   sing N N 330 
THR C   O    doub N N 331 
THR C   OXT  sing N N 332 
THR CB  OG1  sing N N 333 
THR CB  CG2  sing N N 334 
THR CB  HB   sing N N 335 
THR OG1 HG1  sing N N 336 
THR CG2 HG21 sing N N 337 
THR CG2 HG22 sing N N 338 
THR CG2 HG23 sing N N 339 
THR OXT HXT  sing N N 340 
TRP N   CA   sing N N 341 
TRP N   H    sing N N 342 
TRP N   H2   sing N N 343 
TRP CA  C    sing N N 344 
TRP CA  CB   sing N N 345 
TRP CA  HA   sing N N 346 
TRP C   O    doub N N 347 
TRP C   OXT  sing N N 348 
TRP CB  CG   sing N N 349 
TRP CB  HB2  sing N N 350 
TRP CB  HB3  sing N N 351 
TRP CG  CD1  doub Y N 352 
TRP CG  CD2  sing Y N 353 
TRP CD1 NE1  sing Y N 354 
TRP CD1 HD1  sing N N 355 
TRP CD2 CE2  doub Y N 356 
TRP CD2 CE3  sing Y N 357 
TRP NE1 CE2  sing Y N 358 
TRP NE1 HE1  sing N N 359 
TRP CE2 CZ2  sing Y N 360 
TRP CE3 CZ3  doub Y N 361 
TRP CE3 HE3  sing N N 362 
TRP CZ2 CH2  doub Y N 363 
TRP CZ2 HZ2  sing N N 364 
TRP CZ3 CH2  sing Y N 365 
TRP CZ3 HZ3  sing N N 366 
TRP CH2 HH2  sing N N 367 
TRP OXT HXT  sing N N 368 
TYR N   CA   sing N N 369 
TYR N   H    sing N N 370 
TYR N   H2   sing N N 371 
TYR CA  C    sing N N 372 
TYR CA  CB   sing N N 373 
TYR CA  HA   sing N N 374 
TYR C   O    doub N N 375 
TYR C   OXT  sing N N 376 
TYR CB  CG   sing N N 377 
TYR CB  HB2  sing N N 378 
TYR CB  HB3  sing N N 379 
TYR CG  CD1  doub Y N 380 
TYR CG  CD2  sing Y N 381 
TYR CD1 CE1  sing Y N 382 
TYR CD1 HD1  sing N N 383 
TYR CD2 CE2  doub Y N 384 
TYR CD2 HD2  sing N N 385 
TYR CE1 CZ   doub Y N 386 
TYR CE1 HE1  sing N N 387 
TYR CE2 CZ   sing Y N 388 
TYR CE2 HE2  sing N N 389 
TYR CZ  OH   sing N N 390 
TYR OH  HH   sing N N 391 
TYR OXT HXT  sing N N 392 
VAL N   CA   sing N N 393 
VAL N   H    sing N N 394 
VAL N   H2   sing N N 395 
VAL CA  C    sing N N 396 
VAL CA  CB   sing N N 397 
VAL CA  HA   sing N N 398 
VAL C   O    doub N N 399 
VAL C   OXT  sing N N 400 
VAL CB  CG1  sing N N 401 
VAL CB  CG2  sing N N 402 
VAL CB  HB   sing N N 403 
VAL CG1 HG11 sing N N 404 
VAL CG1 HG12 sing N N 405 
VAL CG1 HG13 sing N N 406 
VAL CG2 HG21 sing N N 407 
VAL CG2 HG22 sing N N 408 
VAL CG2 HG23 sing N N 409 
VAL OXT HXT  sing N N 410 
# 
loop_
_pdbx_entity_nonpoly.entity_id 
_pdbx_entity_nonpoly.name 
_pdbx_entity_nonpoly.comp_id 
2 'PHOSPHATE ION'      PO4 
3 2-propylphenol       JZ4 
4 BETA-MERCAPTOETHANOL BME 
5 water                HOH 
# 
_pdbx_initial_refinement_model.id               1 
_pdbx_initial_refinement_model.entity_id_list   ? 
_pdbx_initial_refinement_model.type             'experimental model' 
_pdbx_initial_refinement_model.source_name      PDB 
_pdbx_initial_refinement_model.accession_code   1LGU 
_pdbx_initial_refinement_model.details          'PDB ENTRY 1LGU' 
# 
